data_2BIU
# 
_entry.id   2BIU 
# 
_audit_conform.dict_name       mmcif_pdbx.dic 
_audit_conform.dict_version    5.382 
_audit_conform.dict_location   http://mmcif.pdb.org/dictionaries/ascii/mmcif_pdbx.dic 
# 
loop_
_database_2.database_id 
_database_2.database_code 
_database_2.pdbx_database_accession 
_database_2.pdbx_DOI 
PDB   2BIU         pdb_00002biu 10.2210/pdb2biu/pdb 
PDBE  EBI-22665    ?            ?                   
WWPDB D_1290022665 ?            ?                   
# 
_pdbx_database_related.db_name        PDB 
_pdbx_database_related.db_id          2BIT 
_pdbx_database_related.content_type   unspecified 
_pdbx_database_related.details        'CRYSTAL STRUCTURE OF HUMAN CYCLOPHILIN D AT 1.7 A RESOLUTION' 
# 
_pdbx_database_status.status_code                     REL 
_pdbx_database_status.entry_id                        2BIU 
_pdbx_database_status.deposit_site                    PDBE 
_pdbx_database_status.process_site                    PDBE 
_pdbx_database_status.SG_entry                        . 
_pdbx_database_status.recvd_initial_deposition_date   2005-01-26 
_pdbx_database_status.pdb_format_compatible           Y 
_pdbx_database_status.status_code_sf                  REL 
_pdbx_database_status.status_code_mr                  ? 
_pdbx_database_status.status_code_cs                  ? 
_pdbx_database_status.methods_development_category    ? 
_pdbx_database_status.status_code_nmr_data            ? 
# 
loop_
_audit_author.name 
_audit_author.pdbx_ordinal 
_audit_author.identifier_ORCID 
'Hennig, M.'    1 ? 
'Thoma, R.'     2 ? 
'Stihle, M.'    3 ? 
'Schlatter, D.' 4 ? 
# 
_citation.id                        primary 
_citation.title                     'Crystal Engineering Yields Crystals of Cyclophilin D Diffracting to 1.7 A Resolution' 
_citation.journal_abbrev            'Acta Crystallogr.,Sect.D' 
_citation.journal_volume            61 
_citation.page_first                513 
_citation.page_last                 519 
_citation.year                      2005 
_citation.journal_id_ASTM           ABCRE6 
_citation.country                   DK 
_citation.journal_id_ISSN           0907-4449 
_citation.journal_id_CSD            0766 
_citation.book_publisher            ? 
_citation.pdbx_database_id_PubMed   15858260 
_citation.pdbx_database_id_DOI      10.1107/S0907444905003070 
# 
loop_
_citation_author.citation_id 
_citation_author.name 
_citation_author.ordinal 
_citation_author.identifier_ORCID 
primary 'Schlatter, D.' 1 ? 
primary 'Thoma, R.'     2 ? 
primary 'Kueng, E.'     3 ? 
primary 'Stihle, M.'    4 ? 
primary 'Mueller, F.'   5 ? 
primary 'Boroni, E.'    6 ? 
primary 'Hennig, M.'    7 ? 
# 
_cell.entry_id           2BIU 
_cell.length_a           57.024 
_cell.length_b           57.024 
_cell.length_c           87.636 
_cell.angle_alpha        90.00 
_cell.angle_beta         90.00 
_cell.angle_gamma        90.00 
_cell.Z_PDB              8 
_cell.pdbx_unique_axis   ? 
# 
_symmetry.entry_id                         2BIU 
_symmetry.space_group_name_H-M             'P 41 21 2' 
_symmetry.pdbx_full_space_group_name_H-M   ? 
_symmetry.cell_setting                     ? 
_symmetry.Int_Tables_number                92 
# 
loop_
_entity.id 
_entity.type 
_entity.src_method 
_entity.pdbx_description 
_entity.formula_weight 
_entity.pdbx_number_of_molecules 
_entity.pdbx_ec 
_entity.pdbx_mutation 
_entity.pdbx_fragment 
_entity.details 
1 polymer     man 'PEPTIDYL-PROLYL CIS-TRANS ISOMERASE' 17739.205 1   5.2.1.8 YES 'RESIDUES 43-207' ? 
2 non-polymer syn 'DIMETHYL SULFOXIDE'                  78.133    4   ?       ?   ?                 ? 
3 water       nat water                                 18.015    340 ?       ?   ?                 ? 
# 
_entity_name_com.entity_id   1 
_entity_name_com.name        'CYCLOPHILIN F, PPIASE, ROTAMASE, CYCLOPHILIN D' 
# 
_entity_poly.entity_id                      1 
_entity_poly.type                           'polypeptide(L)' 
_entity_poly.nstd_linkage                   no 
_entity_poly.nstd_monomer                   no 
_entity_poly.pdbx_seq_one_letter_code       
;SGNPLVYLDVDANGKPLGRVVLELKADVVPKTAENFRALCTGEKGFGYKGSTFHRVIPSFMCQAGDFTNHNGTGGKSIYG
SRFPDENFTLKHVGPGVLSMANAGPNTNGSQFFICTIKTDWLDGKHVVFGHVIEGMDVVKKIESFGSKSGRTSKKIVITD
CGQLS
;
_entity_poly.pdbx_seq_one_letter_code_can   
;SGNPLVYLDVDANGKPLGRVVLELKADVVPKTAENFRALCTGEKGFGYKGSTFHRVIPSFMCQAGDFTNHNGTGGKSIYG
SRFPDENFTLKHVGPGVLSMANAGPNTNGSQFFICTIKTDWLDGKHVVFGHVIEGMDVVKKIESFGSKSGRTSKKIVITD
CGQLS
;
_entity_poly.pdbx_strand_id                 X 
_entity_poly.pdbx_target_identifier         ? 
# 
loop_
_entity_poly_seq.entity_id 
_entity_poly_seq.num 
_entity_poly_seq.mon_id 
_entity_poly_seq.hetero 
1 1   SER n 
1 2   GLY n 
1 3   ASN n 
1 4   PRO n 
1 5   LEU n 
1 6   VAL n 
1 7   TYR n 
1 8   LEU n 
1 9   ASP n 
1 10  VAL n 
1 11  ASP n 
1 12  ALA n 
1 13  ASN n 
1 14  GLY n 
1 15  LYS n 
1 16  PRO n 
1 17  LEU n 
1 18  GLY n 
1 19  ARG n 
1 20  VAL n 
1 21  VAL n 
1 22  LEU n 
1 23  GLU n 
1 24  LEU n 
1 25  LYS n 
1 26  ALA n 
1 27  ASP n 
1 28  VAL n 
1 29  VAL n 
1 30  PRO n 
1 31  LYS n 
1 32  THR n 
1 33  ALA n 
1 34  GLU n 
1 35  ASN n 
1 36  PHE n 
1 37  ARG n 
1 38  ALA n 
1 39  LEU n 
1 40  CYS n 
1 41  THR n 
1 42  GLY n 
1 43  GLU n 
1 44  LYS n 
1 45  GLY n 
1 46  PHE n 
1 47  GLY n 
1 48  TYR n 
1 49  LYS n 
1 50  GLY n 
1 51  SER n 
1 52  THR n 
1 53  PHE n 
1 54  HIS n 
1 55  ARG n 
1 56  VAL n 
1 57  ILE n 
1 58  PRO n 
1 59  SER n 
1 60  PHE n 
1 61  MET n 
1 62  CYS n 
1 63  GLN n 
1 64  ALA n 
1 65  GLY n 
1 66  ASP n 
1 67  PHE n 
1 68  THR n 
1 69  ASN n 
1 70  HIS n 
1 71  ASN n 
1 72  GLY n 
1 73  THR n 
1 74  GLY n 
1 75  GLY n 
1 76  LYS n 
1 77  SER n 
1 78  ILE n 
1 79  TYR n 
1 80  GLY n 
1 81  SER n 
1 82  ARG n 
1 83  PHE n 
1 84  PRO n 
1 85  ASP n 
1 86  GLU n 
1 87  ASN n 
1 88  PHE n 
1 89  THR n 
1 90  LEU n 
1 91  LYS n 
1 92  HIS n 
1 93  VAL n 
1 94  GLY n 
1 95  PRO n 
1 96  GLY n 
1 97  VAL n 
1 98  LEU n 
1 99  SER n 
1 100 MET n 
1 101 ALA n 
1 102 ASN n 
1 103 ALA n 
1 104 GLY n 
1 105 PRO n 
1 106 ASN n 
1 107 THR n 
1 108 ASN n 
1 109 GLY n 
1 110 SER n 
1 111 GLN n 
1 112 PHE n 
1 113 PHE n 
1 114 ILE n 
1 115 CYS n 
1 116 THR n 
1 117 ILE n 
1 118 LYS n 
1 119 THR n 
1 120 ASP n 
1 121 TRP n 
1 122 LEU n 
1 123 ASP n 
1 124 GLY n 
1 125 LYS n 
1 126 HIS n 
1 127 VAL n 
1 128 VAL n 
1 129 PHE n 
1 130 GLY n 
1 131 HIS n 
1 132 VAL n 
1 133 ILE n 
1 134 GLU n 
1 135 GLY n 
1 136 MET n 
1 137 ASP n 
1 138 VAL n 
1 139 VAL n 
1 140 LYS n 
1 141 LYS n 
1 142 ILE n 
1 143 GLU n 
1 144 SER n 
1 145 PHE n 
1 146 GLY n 
1 147 SER n 
1 148 LYS n 
1 149 SER n 
1 150 GLY n 
1 151 ARG n 
1 152 THR n 
1 153 SER n 
1 154 LYS n 
1 155 LYS n 
1 156 ILE n 
1 157 VAL n 
1 158 ILE n 
1 159 THR n 
1 160 ASP n 
1 161 CYS n 
1 162 GLY n 
1 163 GLN n 
1 164 LEU n 
1 165 SER n 
# 
_entity_src_gen.entity_id                          1 
_entity_src_gen.pdbx_src_id                        1 
_entity_src_gen.pdbx_alt_source_flag               sample 
_entity_src_gen.pdbx_seq_type                      ? 
_entity_src_gen.pdbx_beg_seq_num                   ? 
_entity_src_gen.pdbx_end_seq_num                   ? 
_entity_src_gen.gene_src_common_name               HUMAN 
_entity_src_gen.gene_src_genus                     ? 
_entity_src_gen.pdbx_gene_src_gene                 ? 
_entity_src_gen.gene_src_species                   ? 
_entity_src_gen.gene_src_strain                    ? 
_entity_src_gen.gene_src_tissue                    ? 
_entity_src_gen.gene_src_tissue_fraction           ? 
_entity_src_gen.gene_src_details                   ? 
_entity_src_gen.pdbx_gene_src_fragment             ? 
_entity_src_gen.pdbx_gene_src_scientific_name      'HOMO SAPIENS' 
_entity_src_gen.pdbx_gene_src_ncbi_taxonomy_id     9606 
_entity_src_gen.pdbx_gene_src_variant              ? 
_entity_src_gen.pdbx_gene_src_cell_line            ? 
_entity_src_gen.pdbx_gene_src_atcc                 ? 
_entity_src_gen.pdbx_gene_src_organ                ? 
_entity_src_gen.pdbx_gene_src_organelle            ? 
_entity_src_gen.pdbx_gene_src_cell                 ? 
_entity_src_gen.pdbx_gene_src_cellular_location    ? 
_entity_src_gen.host_org_common_name               ? 
_entity_src_gen.pdbx_host_org_scientific_name      'ESCHERICHIA COLI' 
_entity_src_gen.pdbx_host_org_ncbi_taxonomy_id     562 
_entity_src_gen.host_org_genus                     ? 
_entity_src_gen.pdbx_host_org_gene                 ? 
_entity_src_gen.pdbx_host_org_organ                ? 
_entity_src_gen.host_org_species                   ? 
_entity_src_gen.pdbx_host_org_tissue               ? 
_entity_src_gen.pdbx_host_org_tissue_fraction      ? 
_entity_src_gen.pdbx_host_org_strain               ? 
_entity_src_gen.pdbx_host_org_variant              ? 
_entity_src_gen.pdbx_host_org_cell_line            ? 
_entity_src_gen.pdbx_host_org_atcc                 ? 
_entity_src_gen.pdbx_host_org_culture_collection   ? 
_entity_src_gen.pdbx_host_org_cell                 ? 
_entity_src_gen.pdbx_host_org_organelle            ? 
_entity_src_gen.pdbx_host_org_cellular_location    ? 
_entity_src_gen.pdbx_host_org_vector_type          ? 
_entity_src_gen.pdbx_host_org_vector               'BL21(DE3)' 
_entity_src_gen.host_org_details                   ? 
_entity_src_gen.expression_system_id               ? 
_entity_src_gen.plasmid_name                       ? 
_entity_src_gen.plasmid_details                    ? 
_entity_src_gen.pdbx_description                   ? 
# 
_struct_ref.id                         1 
_struct_ref.db_name                    UNP 
_struct_ref.db_code                    PPIF_HUMAN 
_struct_ref.entity_id                  1 
_struct_ref.pdbx_seq_one_letter_code   ? 
_struct_ref.pdbx_align_begin           ? 
_struct_ref.pdbx_db_accession          P30405 
_struct_ref.pdbx_db_isoform            ? 
# 
_struct_ref_seq.align_id                      1 
_struct_ref_seq.ref_id                        1 
_struct_ref_seq.pdbx_PDB_id_code              2BIU 
_struct_ref_seq.pdbx_strand_id                X 
_struct_ref_seq.seq_align_beg                 1 
_struct_ref_seq.pdbx_seq_align_beg_ins_code   ? 
_struct_ref_seq.seq_align_end                 165 
_struct_ref_seq.pdbx_seq_align_end_ins_code   ? 
_struct_ref_seq.pdbx_db_accession             P30405 
_struct_ref_seq.db_align_beg                  43 
_struct_ref_seq.pdbx_db_align_beg_ins_code    ? 
_struct_ref_seq.db_align_end                  207 
_struct_ref_seq.pdbx_db_align_end_ins_code    ? 
_struct_ref_seq.pdbx_auth_seq_align_beg       1 
_struct_ref_seq.pdbx_auth_seq_align_end       165 
# 
_struct_ref_seq_dif.align_id                     1 
_struct_ref_seq_dif.pdbx_pdb_id_code             2BIU 
_struct_ref_seq_dif.mon_id                       ILE 
_struct_ref_seq_dif.pdbx_pdb_strand_id           X 
_struct_ref_seq_dif.seq_num                      133 
_struct_ref_seq_dif.pdbx_pdb_ins_code            ? 
_struct_ref_seq_dif.pdbx_seq_db_name             UNP 
_struct_ref_seq_dif.pdbx_seq_db_accession_code   P30405 
_struct_ref_seq_dif.db_mon_id                    LYS 
_struct_ref_seq_dif.pdbx_seq_db_seq_num          175 
_struct_ref_seq_dif.details                      'engineered mutation' 
_struct_ref_seq_dif.pdbx_auth_seq_num            133 
_struct_ref_seq_dif.pdbx_ordinal                 1 
# 
loop_
_chem_comp.id 
_chem_comp.type 
_chem_comp.mon_nstd_flag 
_chem_comp.name 
_chem_comp.pdbx_synonyms 
_chem_comp.formula 
_chem_comp.formula_weight 
ALA 'L-peptide linking' y ALANINE              ? 'C3 H7 N O2'     89.093  
ARG 'L-peptide linking' y ARGININE             ? 'C6 H15 N4 O2 1' 175.209 
ASN 'L-peptide linking' y ASPARAGINE           ? 'C4 H8 N2 O3'    132.118 
ASP 'L-peptide linking' y 'ASPARTIC ACID'      ? 'C4 H7 N O4'     133.103 
CYS 'L-peptide linking' y CYSTEINE             ? 'C3 H7 N O2 S'   121.158 
DMS non-polymer         . 'DIMETHYL SULFOXIDE' ? 'C2 H6 O S'      78.133  
GLN 'L-peptide linking' y GLUTAMINE            ? 'C5 H10 N2 O3'   146.144 
GLU 'L-peptide linking' y 'GLUTAMIC ACID'      ? 'C5 H9 N O4'     147.129 
GLY 'peptide linking'   y GLYCINE              ? 'C2 H5 N O2'     75.067  
HIS 'L-peptide linking' y HISTIDINE            ? 'C6 H10 N3 O2 1' 156.162 
HOH non-polymer         . WATER                ? 'H2 O'           18.015  
ILE 'L-peptide linking' y ISOLEUCINE           ? 'C6 H13 N O2'    131.173 
LEU 'L-peptide linking' y LEUCINE              ? 'C6 H13 N O2'    131.173 
LYS 'L-peptide linking' y LYSINE               ? 'C6 H15 N2 O2 1' 147.195 
MET 'L-peptide linking' y METHIONINE           ? 'C5 H11 N O2 S'  149.211 
PHE 'L-peptide linking' y PHENYLALANINE        ? 'C9 H11 N O2'    165.189 
PRO 'L-peptide linking' y PROLINE              ? 'C5 H9 N O2'     115.130 
SER 'L-peptide linking' y SERINE               ? 'C3 H7 N O3'     105.093 
THR 'L-peptide linking' y THREONINE            ? 'C4 H9 N O3'     119.119 
TRP 'L-peptide linking' y TRYPTOPHAN           ? 'C11 H12 N2 O2'  204.225 
TYR 'L-peptide linking' y TYROSINE             ? 'C9 H11 N O3'    181.189 
VAL 'L-peptide linking' y VALINE               ? 'C5 H11 N O2'    117.146 
# 
_exptl.entry_id          2BIU 
_exptl.method            'X-RAY DIFFRACTION' 
_exptl.crystals_number   1 
# 
_exptl_crystal.id                    1 
_exptl_crystal.density_meas          ? 
_exptl_crystal.density_Matthews      2.01 
_exptl_crystal.density_percent_sol   38.75 
_exptl_crystal.description           ? 
# 
_exptl_crystal_grow.crystal_id      1 
_exptl_crystal_grow.method          ? 
_exptl_crystal_grow.temp            ? 
_exptl_crystal_grow.temp_details    ? 
_exptl_crystal_grow.pH              7.00 
_exptl_crystal_grow.pdbx_pH_range   ? 
_exptl_crystal_grow.pdbx_details    'pH 7.00' 
# 
_diffrn.id                     1 
_diffrn.ambient_temp           120.0 
_diffrn.ambient_temp_details   ? 
_diffrn.crystal_id             1 
# 
_diffrn_detector.diffrn_id              1 
_diffrn_detector.detector               'IMAGE PLATE' 
_diffrn_detector.type                   MARRESEARCH 
_diffrn_detector.pdbx_collection_date   2001-01-29 
_diffrn_detector.details                'OSMIC MIRRORS' 
# 
_diffrn_radiation.diffrn_id                        1 
_diffrn_radiation.wavelength_id                    1 
_diffrn_radiation.pdbx_monochromatic_or_laue_m_l   M 
_diffrn_radiation.monochromator                    'NI FILTER' 
_diffrn_radiation.pdbx_diffrn_protocol             'SINGLE WAVELENGTH' 
_diffrn_radiation.pdbx_scattering_type             x-ray 
# 
_diffrn_radiation_wavelength.id           1 
_diffrn_radiation_wavelength.wavelength   1.54 
_diffrn_radiation_wavelength.wt           1.0 
# 
_diffrn_source.diffrn_id                   1 
_diffrn_source.source                      'ROTATING ANODE' 
_diffrn_source.type                        NONIUS 
_diffrn_source.pdbx_synchrotron_site       ? 
_diffrn_source.pdbx_synchrotron_beamline   ? 
_diffrn_source.pdbx_wavelength             1.54 
_diffrn_source.pdbx_wavelength_list        ? 
# 
_reflns.pdbx_diffrn_id               1 
_reflns.pdbx_ordinal                 1 
_reflns.entry_id                     2BIU 
_reflns.observed_criterion_sigma_I   0.000 
_reflns.observed_criterion_sigma_F   ? 
_reflns.d_resolution_low             15.000 
_reflns.d_resolution_high            1.710 
_reflns.number_obs                   15197 
_reflns.number_all                   ? 
_reflns.percent_possible_obs         98.5 
_reflns.pdbx_Rmerge_I_obs            0.06000 
_reflns.pdbx_Rsym_value              ? 
_reflns.pdbx_netI_over_sigmaI        27.1000 
_reflns.B_iso_Wilson_estimate        ? 
_reflns.pdbx_redundancy              3.200 
_reflns.pdbx_CC_half                 ? 
_reflns.pdbx_Rpim_I_all              ? 
_reflns.pdbx_Rrim_I_all              ? 
# 
_reflns_shell.pdbx_diffrn_id         1 
_reflns_shell.pdbx_ordinal           1 
_reflns_shell.d_res_high             1.71 
_reflns_shell.d_res_low              1.82 
_reflns_shell.percent_possible_all   94.7 
_reflns_shell.Rmerge_I_obs           0.09000 
_reflns_shell.pdbx_Rsym_value        ? 
_reflns_shell.meanI_over_sigI_obs    ? 
_reflns_shell.pdbx_redundancy        ? 
_reflns_shell.number_measured_obs    ? 
_reflns_shell.number_unique_all      ? 
_reflns_shell.number_unique_obs      ? 
_reflns_shell.pdbx_CC_half           ? 
_reflns_shell.pdbx_Rpim_I_all        ? 
_reflns_shell.pdbx_Rrim_I_all        ? 
# 
_refine.pdbx_refine_id                           'X-RAY DIFFRACTION' 
_refine.entry_id                                 2BIU 
_refine.pdbx_diffrn_id                           1 
_refine.pdbx_TLS_residual_ADP_flag               ? 
_refine.ls_number_reflns_obs                     15197 
_refine.ls_number_reflns_all                     ? 
_refine.pdbx_ls_sigma_I                          ? 
_refine.pdbx_ls_sigma_F                          ? 
_refine.pdbx_data_cutoff_high_absF               ? 
_refine.pdbx_data_cutoff_low_absF                ? 
_refine.pdbx_data_cutoff_high_rms_absF           ? 
_refine.ls_d_res_low                             15.00 
_refine.ls_d_res_high                            1.71 
_refine.ls_percent_reflns_obs                    98.5 
_refine.ls_R_factor_obs                          0.150 
_refine.ls_R_factor_all                          ? 
_refine.ls_R_factor_R_work                       0.148 
_refine.ls_R_factor_R_free                       0.185 
_refine.ls_R_factor_R_free_error                 ? 
_refine.ls_R_factor_R_free_error_details         ? 
_refine.ls_percent_reflns_R_free                 5.000 
_refine.ls_number_reflns_R_free                  804 
_refine.ls_number_parameters                     ? 
_refine.ls_number_restraints                     ? 
_refine.occupancy_min                            ? 
_refine.occupancy_max                            ? 
_refine.correlation_coeff_Fo_to_Fc               0.962 
_refine.correlation_coeff_Fo_to_Fc_free          0.945 
_refine.B_iso_mean                               13.86 
_refine.aniso_B[1][1]                            0.05000 
_refine.aniso_B[2][2]                            0.05000 
_refine.aniso_B[3][3]                            -0.10000 
_refine.aniso_B[1][2]                            0.00000 
_refine.aniso_B[1][3]                            0.00000 
_refine.aniso_B[2][3]                            0.00000 
_refine.solvent_model_details                    'BABINET MODEL WITH MASK' 
_refine.solvent_model_param_ksol                 ? 
_refine.solvent_model_param_bsol                 ? 
_refine.pdbx_solvent_vdw_probe_radii             1.40 
_refine.pdbx_solvent_ion_probe_radii             0.80 
_refine.pdbx_solvent_shrinkage_radii             0.80 
_refine.pdbx_ls_cross_valid_method               THROUGHOUT 
_refine.details                                  'HYDROGENS HAVE BEEN ADDED IN THE RIDING POSITIONS.' 
_refine.pdbx_starting_model                      'PDB ENTRY 2BIT' 
_refine.pdbx_method_to_determine_struct          'MOLECULAR REPLACEMENT' 
_refine.pdbx_isotropic_thermal_model             ? 
_refine.pdbx_stereochemistry_target_values       'MAXIMUM LIKELIHOOD' 
_refine.pdbx_stereochem_target_val_spec_case     ? 
_refine.pdbx_R_Free_selection_details            RANDOM 
_refine.pdbx_overall_ESU_R                       0.110 
_refine.pdbx_overall_ESU_R_Free                  0.105 
_refine.overall_SU_ML                            0.062 
_refine.pdbx_overall_phase_error                 ? 
_refine.overall_SU_B                             1.883 
_refine.overall_SU_R_Cruickshank_DPI             ? 
_refine.pdbx_overall_SU_R_free_Cruickshank_DPI   ? 
_refine.pdbx_overall_SU_R_Blow_DPI               ? 
_refine.pdbx_overall_SU_R_free_Blow_DPI          ? 
# 
_refine_hist.pdbx_refine_id                   'X-RAY DIFFRACTION' 
_refine_hist.cycle_id                         LAST 
_refine_hist.pdbx_number_atoms_protein        1240 
_refine_hist.pdbx_number_atoms_nucleic_acid   0 
_refine_hist.pdbx_number_atoms_ligand         16 
_refine_hist.number_atoms_solvent             340 
_refine_hist.number_atoms_total               1596 
_refine_hist.d_res_high                       1.71 
_refine_hist.d_res_low                        15.00 
# 
loop_
_refine_ls_restr.type 
_refine_ls_restr.dev_ideal 
_refine_ls_restr.dev_ideal_target 
_refine_ls_restr.weight 
_refine_ls_restr.number 
_refine_ls_restr.pdbx_refine_id 
_refine_ls_restr.pdbx_restraint_function 
r_bond_refined_d             0.009 0.021 ? 1279 'X-RAY DIFFRACTION' ? 
r_bond_other_d               ?     ?     ? ?    'X-RAY DIFFRACTION' ? 
r_angle_refined_deg          1.165 1.953 ? 1719 'X-RAY DIFFRACTION' ? 
r_angle_other_deg            ?     ?     ? ?    'X-RAY DIFFRACTION' ? 
r_dihedral_angle_1_deg       6.089 5.000 ? 163  'X-RAY DIFFRACTION' ? 
r_dihedral_angle_2_deg       ?     ?     ? ?    'X-RAY DIFFRACTION' ? 
r_dihedral_angle_3_deg       ?     ?     ? ?    'X-RAY DIFFRACTION' ? 
r_dihedral_angle_4_deg       ?     ?     ? ?    'X-RAY DIFFRACTION' ? 
r_chiral_restr               0.087 0.200 ? 186  'X-RAY DIFFRACTION' ? 
r_gen_planes_refined         0.004 0.020 ? 958  'X-RAY DIFFRACTION' ? 
r_gen_planes_other           ?     ?     ? ?    'X-RAY DIFFRACTION' ? 
r_nbd_refined                0.186 0.200 ? 620  'X-RAY DIFFRACTION' ? 
r_nbd_other                  ?     ?     ? ?    'X-RAY DIFFRACTION' ? 
r_nbtor_refined              ?     ?     ? ?    'X-RAY DIFFRACTION' ? 
r_nbtor_other                ?     ?     ? ?    'X-RAY DIFFRACTION' ? 
r_xyhbond_nbd_refined        0.138 0.200 ? 209  'X-RAY DIFFRACTION' ? 
r_xyhbond_nbd_other          ?     ?     ? ?    'X-RAY DIFFRACTION' ? 
r_metal_ion_refined          ?     ?     ? ?    'X-RAY DIFFRACTION' ? 
r_metal_ion_other            ?     ?     ? ?    'X-RAY DIFFRACTION' ? 
r_symmetry_vdw_refined       0.249 0.200 ? 40   'X-RAY DIFFRACTION' ? 
r_symmetry_vdw_other         ?     ?     ? ?    'X-RAY DIFFRACTION' ? 
r_symmetry_hbond_refined     0.172 0.200 ? 61   'X-RAY DIFFRACTION' ? 
r_symmetry_hbond_other       ?     ?     ? ?    'X-RAY DIFFRACTION' ? 
r_symmetry_metal_ion_refined ?     ?     ? ?    'X-RAY DIFFRACTION' ? 
r_symmetry_metal_ion_other   ?     ?     ? ?    'X-RAY DIFFRACTION' ? 
r_mcbond_it                  0.449 1.500 ? 809  'X-RAY DIFFRACTION' ? 
r_mcbond_other               ?     ?     ? ?    'X-RAY DIFFRACTION' ? 
r_mcangle_it                 0.795 2.000 ? 1300 'X-RAY DIFFRACTION' ? 
r_mcangle_other              ?     ?     ? ?    'X-RAY DIFFRACTION' ? 
r_scbond_it                  1.552 3.000 ? 470  'X-RAY DIFFRACTION' ? 
r_scbond_other               ?     ?     ? ?    'X-RAY DIFFRACTION' ? 
r_scangle_it                 2.567 4.500 ? 419  'X-RAY DIFFRACTION' ? 
r_scangle_other              ?     ?     ? ?    'X-RAY DIFFRACTION' ? 
r_long_range_B_refined       ?     ?     ? ?    'X-RAY DIFFRACTION' ? 
r_long_range_B_other         ?     ?     ? ?    'X-RAY DIFFRACTION' ? 
r_rigid_bond_restr           ?     ?     ? ?    'X-RAY DIFFRACTION' ? 
r_sphericity_free            ?     ?     ? ?    'X-RAY DIFFRACTION' ? 
r_sphericity_bonded          ?     ?     ? ?    'X-RAY DIFFRACTION' ? 
# 
_refine_ls_shell.pdbx_refine_id                   'X-RAY DIFFRACTION' 
_refine_ls_shell.pdbx_total_number_of_bins_used   10 
_refine_ls_shell.d_res_high                       1.71 
_refine_ls_shell.d_res_low                        1.80 
_refine_ls_shell.number_reflns_R_work             2060 
_refine_ls_shell.R_factor_R_work                  0.2480 
_refine_ls_shell.percent_reflns_obs               ? 
_refine_ls_shell.R_factor_R_free                  0.2720 
_refine_ls_shell.R_factor_R_free_error            ? 
_refine_ls_shell.percent_reflns_R_free            ? 
_refine_ls_shell.number_reflns_R_free             127 
_refine_ls_shell.number_reflns_all                ? 
_refine_ls_shell.R_factor_all                     ? 
_refine_ls_shell.R_factor_obs                     ? 
_refine_ls_shell.number_reflns_obs                ? 
# 
_struct.entry_id                  2BIU 
_struct.title                     'Crystal structure of human cyclophilin D at 1.7 A resolution, DMSO complex' 
_struct.pdbx_model_details        ? 
_struct.pdbx_CASP_flag            ? 
_struct.pdbx_model_type_details   ? 
# 
_struct_keywords.entry_id        2BIU 
_struct_keywords.pdbx_keywords   ISOMERASE 
_struct_keywords.text            'CRYSTAL ENGINEERING, CIS-TRAN-ISOMERIZATION, HUMAN, MITOCHONDRIAL PROTEIN, ISOMERASE' 
# 
loop_
_struct_asym.id 
_struct_asym.pdbx_blank_PDB_chainid_flag 
_struct_asym.pdbx_modified 
_struct_asym.entity_id 
_struct_asym.details 
A N N 1 ? 
B N N 2 ? 
C N N 2 ? 
D N N 2 ? 
E N N 2 ? 
F N N 3 ? 
# 
loop_
_struct_conf.conf_type_id 
_struct_conf.id 
_struct_conf.pdbx_PDB_helix_id 
_struct_conf.beg_label_comp_id 
_struct_conf.beg_label_asym_id 
_struct_conf.beg_label_seq_id 
_struct_conf.pdbx_beg_PDB_ins_code 
_struct_conf.end_label_comp_id 
_struct_conf.end_label_asym_id 
_struct_conf.end_label_seq_id 
_struct_conf.pdbx_end_PDB_ins_code 
_struct_conf.beg_auth_comp_id 
_struct_conf.beg_auth_asym_id 
_struct_conf.beg_auth_seq_id 
_struct_conf.end_auth_comp_id 
_struct_conf.end_auth_asym_id 
_struct_conf.end_auth_seq_id 
_struct_conf.pdbx_PDB_helix_class 
_struct_conf.details 
_struct_conf.pdbx_PDB_helix_length 
HELX_P HELX_P1 1 VAL A 29  ? GLY A 42  ? VAL X 29  GLY X 42  1 ? 14 
HELX_P HELX_P2 2 THR A 119 ? ASP A 123 ? THR X 119 ASP X 123 5 ? 5  
HELX_P HELX_P3 3 GLY A 135 ? PHE A 145 ? GLY X 135 PHE X 145 1 ? 11 
# 
_struct_conf_type.id          HELX_P 
_struct_conf_type.criteria    ? 
_struct_conf_type.reference   ? 
# 
_struct_sheet.id               XA 
_struct_sheet.type             ? 
_struct_sheet.number_strands   8 
_struct_sheet.details          ? 
# 
loop_
_struct_sheet_order.sheet_id 
_struct_sheet_order.range_id_1 
_struct_sheet_order.range_id_2 
_struct_sheet_order.offset 
_struct_sheet_order.sense 
XA 1 2 ? anti-parallel 
XA 2 3 ? anti-parallel 
XA 3 4 ? anti-parallel 
XA 4 5 ? anti-parallel 
XA 5 6 ? anti-parallel 
XA 6 7 ? anti-parallel 
XA 7 8 ? anti-parallel 
# 
loop_
_struct_sheet_range.sheet_id 
_struct_sheet_range.id 
_struct_sheet_range.beg_label_comp_id 
_struct_sheet_range.beg_label_asym_id 
_struct_sheet_range.beg_label_seq_id 
_struct_sheet_range.pdbx_beg_PDB_ins_code 
_struct_sheet_range.end_label_comp_id 
_struct_sheet_range.end_label_asym_id 
_struct_sheet_range.end_label_seq_id 
_struct_sheet_range.pdbx_end_PDB_ins_code 
_struct_sheet_range.beg_auth_comp_id 
_struct_sheet_range.beg_auth_asym_id 
_struct_sheet_range.beg_auth_seq_id 
_struct_sheet_range.end_auth_comp_id 
_struct_sheet_range.end_auth_asym_id 
_struct_sheet_range.end_auth_seq_id 
XA 1 PHE A 53  ? ILE A 57  ? PHE X 53  ILE X 57  
XA 2 MET A 61  ? ALA A 64  ? MET X 61  ALA X 64  
XA 3 PHE A 112 ? CYS A 115 ? PHE X 112 CYS X 115 
XA 4 VAL A 97  ? MET A 100 ? VAL X 97  MET X 100 
XA 5 VAL A 128 ? GLU A 134 ? VAL X 128 GLU X 134 
XA 6 LYS A 15  ? LEU A 24  ? LYS X 15  LEU X 24  
XA 7 LEU A 5   ? ALA A 12  ? LEU X 5   ALA X 12  
XA 8 ILE A 156 ? GLN A 163 ? ILE X 156 GLN X 163 
# 
loop_
_pdbx_struct_sheet_hbond.sheet_id 
_pdbx_struct_sheet_hbond.range_id_1 
_pdbx_struct_sheet_hbond.range_id_2 
_pdbx_struct_sheet_hbond.range_1_label_atom_id 
_pdbx_struct_sheet_hbond.range_1_label_comp_id 
_pdbx_struct_sheet_hbond.range_1_label_asym_id 
_pdbx_struct_sheet_hbond.range_1_label_seq_id 
_pdbx_struct_sheet_hbond.range_1_PDB_ins_code 
_pdbx_struct_sheet_hbond.range_1_auth_atom_id 
_pdbx_struct_sheet_hbond.range_1_auth_comp_id 
_pdbx_struct_sheet_hbond.range_1_auth_asym_id 
_pdbx_struct_sheet_hbond.range_1_auth_seq_id 
_pdbx_struct_sheet_hbond.range_2_label_atom_id 
_pdbx_struct_sheet_hbond.range_2_label_comp_id 
_pdbx_struct_sheet_hbond.range_2_label_asym_id 
_pdbx_struct_sheet_hbond.range_2_label_seq_id 
_pdbx_struct_sheet_hbond.range_2_PDB_ins_code 
_pdbx_struct_sheet_hbond.range_2_auth_atom_id 
_pdbx_struct_sheet_hbond.range_2_auth_comp_id 
_pdbx_struct_sheet_hbond.range_2_auth_asym_id 
_pdbx_struct_sheet_hbond.range_2_auth_seq_id 
XA 1 2 N ILE A 57  ? N ILE X 57  O MET A 61  ? O MET X 61  
XA 2 3 N ALA A 64  ? N ALA X 64  O PHE A 112 ? O PHE X 112 
XA 3 4 N CYS A 115 ? N CYS X 115 O VAL A 97  ? O VAL X 97  
XA 4 5 O LEU A 98  ? O LEU X 98  N PHE A 129 ? N PHE X 129 
XA 5 6 N ILE A 133 ? N ILE X 133 O VAL A 21  ? O VAL X 21  
XA 6 7 N LEU A 22  ? N LEU X 22  O VAL A 6   ? O VAL X 6   
XA 7 8 N ASP A 11  ? N ASP X 11  O VAL A 157 ? O VAL X 157 
# 
loop_
_struct_site.id 
_struct_site.pdbx_evidence_code 
_struct_site.pdbx_auth_asym_id 
_struct_site.pdbx_auth_comp_id 
_struct_site.pdbx_auth_seq_id 
_struct_site.pdbx_auth_ins_code 
_struct_site.pdbx_num_residues 
_struct_site.details 
AC1 Software ? ? ? ? 5 'BINDING SITE FOR RESIDUE DMS X1166' 
AC2 Software ? ? ? ? 7 'BINDING SITE FOR RESIDUE DMS X1167' 
AC3 Software ? ? ? ? 5 'BINDING SITE FOR RESIDUE DMS X1168' 
AC4 Software ? ? ? ? 5 'BINDING SITE FOR RESIDUE DMS X1169' 
# 
loop_
_struct_site_gen.id 
_struct_site_gen.site_id 
_struct_site_gen.pdbx_num_res 
_struct_site_gen.label_comp_id 
_struct_site_gen.label_asym_id 
_struct_site_gen.label_seq_id 
_struct_site_gen.pdbx_auth_ins_code 
_struct_site_gen.auth_comp_id 
_struct_site_gen.auth_asym_id 
_struct_site_gen.auth_seq_id 
_struct_site_gen.label_atom_id 
_struct_site_gen.label_alt_id 
_struct_site_gen.symmetry 
_struct_site_gen.details 
1  AC1 5 HIS A 54  ? HIS X 54   . ? 1_555 ? 
2  AC1 5 ARG A 55  ? ARG X 55   . ? 1_555 ? 
3  AC1 5 ASN A 71  ? ASN X 71   . ? 1_555 ? 
4  AC1 5 HOH F .   ? HOH X 2229 . ? 1_555 ? 
5  AC1 5 HOH F .   ? HOH X 2338 . ? 1_555 ? 
6  AC2 7 ARG A 55  ? ARG X 55   . ? 1_555 ? 
7  AC2 7 PHE A 60  ? PHE X 60   . ? 1_555 ? 
8  AC2 7 GLN A 63  ? GLN X 63   . ? 1_555 ? 
9  AC2 7 PHE A 113 ? PHE X 113  . ? 1_555 ? 
10 AC2 7 HIS A 126 ? HIS X 126  . ? 1_555 ? 
11 AC2 7 DMS D .   ? DMS X 1168 . ? 1_555 ? 
12 AC2 7 HOH F .   ? HOH X 2339 . ? 1_555 ? 
13 AC3 5 ARG A 55  ? ARG X 55   . ? 1_555 ? 
14 AC3 5 ALA A 101 ? ALA X 101  . ? 1_555 ? 
15 AC3 5 ASN A 102 ? ASN X 102  . ? 1_555 ? 
16 AC3 5 HIS A 126 ? HIS X 126  . ? 1_555 ? 
17 AC3 5 DMS C .   ? DMS X 1167 . ? 1_555 ? 
18 AC4 5 THR A 73  ? THR X 73   . ? 1_555 ? 
19 AC4 5 GLY A 75  ? GLY X 75   . ? 1_555 ? 
20 AC4 5 SER A 81  ? SER X 81   . ? 1_555 ? 
21 AC4 5 ARG A 82  ? ARG X 82   . ? 1_555 ? 
22 AC4 5 HOH F .   ? HOH X 2212 . ? 1_555 ? 
# 
_atom_sites.entry_id                    2BIU 
_atom_sites.fract_transf_matrix[1][1]   -0.00249049 
_atom_sites.fract_transf_matrix[1][2]   -0.01373720 
_atom_sites.fract_transf_matrix[1][3]   0.01061122 
_atom_sites.fract_transf_matrix[2][1]   0.01345288 
_atom_sites.fract_transf_matrix[2][2]   0.00524686 
_atom_sites.fract_transf_matrix[2][3]   0.00994997 
_atom_sites.fract_transf_matrix[3][1]   -0.00713802 
_atom_sites.fract_transf_matrix[3][2]   0.00621670 
_atom_sites.fract_transf_matrix[3][3]   0.00637277 
_atom_sites.fract_transf_vector[1]      0.214295 
_atom_sites.fract_transf_vector[2]      0.240299 
_atom_sites.fract_transf_vector[3]      0.269453 
# 
loop_
_atom_type.symbol 
C 
N 
O 
S 
# 
loop_
_atom_site.group_PDB 
_atom_site.id 
_atom_site.type_symbol 
_atom_site.label_atom_id 
_atom_site.label_alt_id 
_atom_site.label_comp_id 
_atom_site.label_asym_id 
_atom_site.label_entity_id 
_atom_site.label_seq_id 
_atom_site.pdbx_PDB_ins_code 
_atom_site.Cartn_x 
_atom_site.Cartn_y 
_atom_site.Cartn_z 
_atom_site.occupancy 
_atom_site.B_iso_or_equiv 
_atom_site.pdbx_formal_charge 
_atom_site.auth_seq_id 
_atom_site.auth_comp_id 
_atom_site.auth_asym_id 
_atom_site.auth_atom_id 
_atom_site.pdbx_PDB_model_num 
ATOM   1    N N   . GLY A 1 2   ? -13.776 4.576   15.802  1.00 13.33 ? 2    GLY X N   1 
ATOM   2    C CA  . GLY A 1 2   ? -12.707 3.588   15.505  1.00 12.12 ? 2    GLY X CA  1 
ATOM   3    C C   . GLY A 1 2   ? -12.045 3.836   14.162  1.00 11.97 ? 2    GLY X C   1 
ATOM   4    O O   . GLY A 1 2   ? -12.614 4.504   13.291  1.00 12.58 ? 2    GLY X O   1 
ATOM   5    N N   . ASN A 1 3   ? -10.838 3.291   14.007  1.00 10.25 ? 3    ASN X N   1 
ATOM   6    C CA  . ASN A 1 3   ? -10.065 3.396   12.767  1.00 9.73  ? 3    ASN X CA  1 
ATOM   7    C C   . ASN A 1 3   ? -10.609 2.412   11.738  1.00 8.98  ? 3    ASN X C   1 
ATOM   8    O O   . ASN A 1 3   ? -11.014 1.321   12.117  1.00 9.64  ? 3    ASN X O   1 
ATOM   9    C CB  . ASN A 1 3   ? -8.603  3.022   13.028  1.00 9.28  ? 3    ASN X CB  1 
ATOM   10   C CG  . ASN A 1 3   ? -7.809  4.132   13.686  1.00 10.14 ? 3    ASN X CG  1 
ATOM   11   O OD1 . ASN A 1 3   ? -6.786  3.873   14.326  1.00 10.88 ? 3    ASN X OD1 1 
ATOM   12   N ND2 . ASN A 1 3   ? -8.247  5.367   13.509  1.00 4.70  ? 3    ASN X ND2 1 
ATOM   13   N N   . PRO A 1 4   ? -10.616 2.761   10.447  1.00 8.36  ? 4    PRO X N   1 
ATOM   14   C CA  . PRO A 1 4   ? -11.047 1.790   9.420   1.00 7.65  ? 4    PRO X CA  1 
ATOM   15   C C   . PRO A 1 4   ? -10.150 0.553   9.342   1.00 7.20  ? 4    PRO X C   1 
ATOM   16   O O   . PRO A 1 4   ? -8.922  0.623   9.552   1.00 7.11  ? 4    PRO X O   1 
ATOM   17   C CB  . PRO A 1 4   ? -10.943 2.573   8.098   1.00 7.85  ? 4    PRO X CB  1 
ATOM   18   C CG  . PRO A 1 4   ? -10.835 4.007   8.490   1.00 8.12  ? 4    PRO X CG  1 
ATOM   19   C CD  . PRO A 1 4   ? -10.215 4.055   9.867   1.00 7.64  ? 4    PRO X CD  1 
ATOM   20   N N   . LEU A 1 5   ? -10.789 -0.581  9.067   1.00 6.91  ? 5    LEU X N   1 
ATOM   21   C CA  . LEU A 1 5   ? -10.122 -1.804  8.635   1.00 6.93  ? 5    LEU X CA  1 
ATOM   22   C C   . LEU A 1 5   ? -10.503 -2.010  7.178   1.00 7.03  ? 5    LEU X C   1 
ATOM   23   O O   . LEU A 1 5   ? -11.690 -1.983  6.817   1.00 7.59  ? 5    LEU X O   1 
ATOM   24   C CB  . LEU A 1 5   ? -10.581 -3.028  9.446   1.00 6.90  ? 5    LEU X CB  1 
ATOM   25   C CG  . LEU A 1 5   ? -10.172 -3.174  10.910  1.00 8.20  ? 5    LEU X CG  1 
ATOM   26   C CD1 . LEU A 1 5   ? -10.577 -4.557  11.397  1.00 9.39  ? 5    LEU X CD1 1 
ATOM   27   C CD2 . LEU A 1 5   ? -8.652  -2.961  11.071  1.00 9.01  ? 5    LEU X CD2 1 
ATOM   28   N N   . VAL A 1 6   ? -9.485  -2.181  6.342   1.00 6.59  ? 6    VAL X N   1 
ATOM   29   C CA  . VAL A 1 6   ? -9.685  -2.452  4.927   1.00 6.49  ? 6    VAL X CA  1 
ATOM   30   C C   . VAL A 1 6   ? -8.987  -3.765  4.557   1.00 7.18  ? 6    VAL X C   1 
ATOM   31   O O   . VAL A 1 6   ? -8.166  -4.279  5.327   1.00 7.11  ? 6    VAL X O   1 
ATOM   32   C CB  . VAL A 1 6   ? -9.171  -1.279  4.038   1.00 5.90  ? 6    VAL X CB  1 
ATOM   33   C CG1 . VAL A 1 6   ? -10.008 -0.004  4.296   1.00 6.56  ? 6    VAL X CG1 1 
ATOM   34   C CG2 . VAL A 1 6   ? -7.666  -1.015  4.275   1.00 6.15  ? 6    VAL X CG2 1 
ATOM   35   N N   . TYR A 1 7   ? -9.332  -4.316  3.400   1.00 6.91  ? 7    TYR X N   1 
ATOM   36   C CA  . TYR A 1 7   ? -8.727  -5.572  2.951   1.00 7.28  ? 7    TYR X CA  1 
ATOM   37   C C   . TYR A 1 7   ? -8.269  -5.506  1.503   1.00 7.47  ? 7    TYR X C   1 
ATOM   38   O O   . TYR A 1 7   ? -8.841  -4.774  0.687   1.00 7.41  ? 7    TYR X O   1 
ATOM   39   C CB  . TYR A 1 7   ? -9.698  -6.752  3.151   1.00 7.51  ? 7    TYR X CB  1 
ATOM   40   C CG  . TYR A 1 7   ? -10.898 -6.716  2.234   1.00 7.99  ? 7    TYR X CG  1 
ATOM   41   C CD1 . TYR A 1 7   ? -10.896 -7.410  1.013   1.00 9.21  ? 7    TYR X CD1 1 
ATOM   42   C CD2 . TYR A 1 7   ? -12.035 -5.989  2.584   1.00 8.92  ? 7    TYR X CD2 1 
ATOM   43   C CE1 . TYR A 1 7   ? -12.014 -7.371  0.164   1.00 11.10 ? 7    TYR X CE1 1 
ATOM   44   C CE2 . TYR A 1 7   ? -13.135 -5.934  1.748   1.00 10.84 ? 7    TYR X CE2 1 
ATOM   45   C CZ  . TYR A 1 7   ? -13.123 -6.629  0.552   1.00 11.06 ? 7    TYR X CZ  1 
ATOM   46   O OH  . TYR A 1 7   ? -14.235 -6.553  -0.252  1.00 12.84 ? 7    TYR X OH  1 
ATOM   47   N N   . LEU A 1 8   ? -7.228  -6.279  1.207   1.00 7.76  ? 8    LEU X N   1 
ATOM   48   C CA  . LEU A 1 8   ? -6.781  -6.543  -0.150  1.00 8.18  ? 8    LEU X CA  1 
ATOM   49   C C   . LEU A 1 8   ? -6.728  -8.045  -0.311  1.00 8.15  ? 8    LEU X C   1 
ATOM   50   O O   . LEU A 1 8   ? -6.037  -8.728  0.456   1.00 8.79  ? 8    LEU X O   1 
ATOM   51   C CB  . LEU A 1 8   ? -5.366  -5.990  -0.362  1.00 7.43  ? 8    LEU X CB  1 
ATOM   52   C CG  . LEU A 1 8   ? -5.076  -4.549  0.084   1.00 8.07  ? 8    LEU X CG  1 
ATOM   53   C CD1 . LEU A 1 8   ? -3.580  -4.242  -0.010  1.00 8.65  ? 8    LEU X CD1 1 
ATOM   54   C CD2 . LEU A 1 8   ? -5.891  -3.556  -0.749  1.00 7.64  ? 8    LEU X CD2 1 
ATOM   55   N N   . ASP A 1 9   ? -7.458  -8.554  -1.305  1.00 8.51  ? 9    ASP X N   1 
ATOM   56   C CA  . ASP A 1 9   ? -7.353  -9.959  -1.700  1.00 8.69  ? 9    ASP X CA  1 
ATOM   57   C C   . ASP A 1 9   ? -6.414  -10.030 -2.894  1.00 8.89  ? 9    ASP X C   1 
ATOM   58   O O   . ASP A 1 9   ? -6.618  -9.334  -3.900  1.00 8.84  ? 9    ASP X O   1 
ATOM   59   C CB  . ASP A 1 9   ? -8.717  -10.540 -2.079  1.00 8.80  ? 9    ASP X CB  1 
ATOM   60   C CG  . ASP A 1 9   ? -9.643  -10.669 -0.899  1.00 9.79  ? 9    ASP X CG  1 
ATOM   61   O OD1 . ASP A 1 9   ? -9.147  -10.829 0.230   1.00 11.84 ? 9    ASP X OD1 1 
ATOM   62   O OD2 . ASP A 1 9   ? -10.884 -10.634 -1.011  1.00 11.27 ? 9    ASP X OD2 1 
ATOM   63   N N   . VAL A 1 10  ? -5.375  -10.853 -2.764  1.00 9.07  ? 10   VAL X N   1 
ATOM   64   C CA  . VAL A 1 10  ? -4.272  -10.840 -3.714  1.00 9.01  ? 10   VAL X CA  1 
ATOM   65   C C   . VAL A 1 10  ? -4.098  -12.189 -4.412  1.00 9.65  ? 10   VAL X C   1 
ATOM   66   O O   . VAL A 1 10  ? -4.089  -13.230 -3.760  1.00 9.66  ? 10   VAL X O   1 
ATOM   67   C CB  . VAL A 1 10  ? -2.936  -10.427 -3.014  1.00 8.89  ? 10   VAL X CB  1 
ATOM   68   C CG1 . VAL A 1 10  ? -1.818  -10.273 -4.022  1.00 9.72  ? 10   VAL X CG1 1 
ATOM   69   C CG2 . VAL A 1 10  ? -3.106  -9.126  -2.219  1.00 7.98  ? 10   VAL X CG2 1 
ATOM   70   N N   . ASP A 1 11  ? -3.984  -12.145 -5.743  1.00 9.88  ? 11   ASP X N   1 
ATOM   71   C CA  . ASP A 1 11  ? -3.647  -13.300 -6.576  1.00 10.83 ? 11   ASP X CA  1 
ATOM   72   C C   . ASP A 1 11  ? -2.174  -13.241 -6.936  1.00 10.76 ? 11   ASP X C   1 
ATOM   73   O O   . ASP A 1 11  ? -1.602  -12.157 -7.004  1.00 10.79 ? 11   ASP X O   1 
ATOM   74   C CB  . ASP A 1 11  ? -4.378  -13.199 -7.916  1.00 11.15 ? 11   ASP X CB  1 
ATOM   75   C CG  . ASP A 1 11  ? -5.702  -13.925 -7.935  1.00 12.58 ? 11   ASP X CG  1 
ATOM   76   O OD1 . ASP A 1 11  ? -6.289  -14.026 -9.043  1.00 15.84 ? 11   ASP X OD1 1 
ATOM   77   O OD2 . ASP A 1 11  ? -6.236  -14.415 -6.923  1.00 13.64 ? 11   ASP X OD2 1 
ATOM   78   N N   . ALA A 1 12  ? -1.573  -14.396 -7.208  1.00 10.78 ? 12   ALA X N   1 
ATOM   79   C CA  . ALA A 1 12  ? -0.285  -14.454 -7.899  1.00 11.26 ? 12   ALA X CA  1 
ATOM   80   C C   . ALA A 1 12  ? -0.468  -15.401 -9.074  1.00 11.94 ? 12   ALA X C   1 
ATOM   81   O O   . ALA A 1 12  ? -0.844  -16.566 -8.873  1.00 12.07 ? 12   ALA X O   1 
ATOM   82   C CB  . ALA A 1 12  ? 0.835   -14.955 -6.951  1.00 11.45 ? 12   ALA X CB  1 
ATOM   83   N N   . ASN A 1 13  ? -0.231  -14.903 -10.292 1.00 12.31 ? 13   ASN X N   1 
ATOM   84   C CA  . ASN A 1 13  ? -0.453  -15.691 -11.512 1.00 13.10 ? 13   ASN X CA  1 
ATOM   85   C C   . ASN A 1 13  ? -1.862  -16.290 -11.538 1.00 13.38 ? 13   ASN X C   1 
ATOM   86   O O   . ASN A 1 13  ? -2.056  -17.457 -11.913 1.00 13.79 ? 13   ASN X O   1 
ATOM   87   C CB  . ASN A 1 13  ? 0.599   -16.806 -11.640 1.00 12.56 ? 13   ASN X CB  1 
ATOM   88   C CG  . ASN A 1 13  ? 1.979   -16.289 -12.042 1.00 13.02 ? 13   ASN X CG  1 
ATOM   89   O OD1 . ASN A 1 13  ? 2.978   -16.994 -11.882 1.00 13.96 ? 13   ASN X OD1 1 
ATOM   90   N ND2 . ASN A 1 13  ? 2.037   -15.081 -12.594 1.00 9.76  ? 13   ASN X ND2 1 
ATOM   91   N N   . GLY A 1 14  ? -2.837  -15.494 -11.107 1.00 13.80 ? 14   GLY X N   1 
ATOM   92   C CA  . GLY A 1 14  ? -4.233  -15.875 -11.179 1.00 13.60 ? 14   GLY X CA  1 
ATOM   93   C C   . GLY A 1 14  ? -4.744  -16.848 -10.130 1.00 13.64 ? 14   GLY X C   1 
ATOM   94   O O   . GLY A 1 14  ? -5.905  -17.269 -10.203 1.00 14.10 ? 14   GLY X O   1 
ATOM   95   N N   . LYS A 1 15  ? -3.898  -17.211 -9.170  1.00 12.88 ? 15   LYS X N   1 
ATOM   96   C CA  . LYS A 1 15  ? -4.328  -18.065 -8.063  1.00 13.14 ? 15   LYS X CA  1 
ATOM   97   C C   . LYS A 1 15  ? -4.264  -17.307 -6.740  1.00 12.09 ? 15   LYS X C   1 
ATOM   98   O O   . LYS A 1 15  ? -3.311  -16.564 -6.498  1.00 12.45 ? 15   LYS X O   1 
ATOM   99   C CB  . LYS A 1 15  ? -3.496  -19.343 -8.011  1.00 13.84 ? 15   LYS X CB  1 
ATOM   100  C CG  . LYS A 1 15  ? -3.735  -20.310 -9.205  1.00 16.01 ? 15   LYS X CG  1 
ATOM   101  C CD  . LYS A 1 15  ? -5.211  -20.542 -9.506  1.00 19.24 ? 15   LYS X CD  1 
ATOM   102  C CE  . LYS A 1 15  ? -5.380  -21.458 -10.701 1.00 22.08 ? 15   LYS X CE  1 
ATOM   103  N NZ  . LYS A 1 15  ? -6.816  -21.704 -11.028 1.00 22.65 ? 15   LYS X NZ  1 
ATOM   104  N N   . PRO A 1 16  ? -5.272  -17.481 -5.887  1.00 11.69 ? 16   PRO X N   1 
ATOM   105  C CA  . PRO A 1 16  ? -5.382  -16.669 -4.663  1.00 10.86 ? 16   PRO X CA  1 
ATOM   106  C C   . PRO A 1 16  ? -4.307  -16.983 -3.626  1.00 10.71 ? 16   PRO X C   1 
ATOM   107  O O   . PRO A 1 16  ? -3.999  -18.152 -3.357  1.00 10.38 ? 16   PRO X O   1 
ATOM   108  C CB  . PRO A 1 16  ? -6.797  -16.973 -4.142  1.00 10.74 ? 16   PRO X CB  1 
ATOM   109  C CG  . PRO A 1 16  ? -7.185  -18.307 -4.776  1.00 11.20 ? 16   PRO X CG  1 
ATOM   110  C CD  . PRO A 1 16  ? -6.388  -18.434 -6.039  1.00 11.91 ? 16   PRO X CD  1 
ATOM   111  N N   . LEU A 1 17  ? -3.702  -15.919 -3.098  1.00 9.71  ? 17   LEU X N   1 
ATOM   112  C CA  . LEU A 1 17  ? -2.745  -16.007 -2.006  1.00 9.79  ? 17   LEU X CA  1 
ATOM   113  C C   . LEU A 1 17  ? -3.425  -15.838 -0.651  1.00 9.86  ? 17   LEU X C   1 
ATOM   114  O O   . LEU A 1 17  ? -2.919  -16.315 0.366   1.00 10.27 ? 17   LEU X O   1 
ATOM   115  C CB  . LEU A 1 17  ? -1.677  -14.924 -2.140  1.00 9.39  ? 17   LEU X CB  1 
ATOM   116  C CG  . LEU A 1 17  ? -0.765  -14.941 -3.360  1.00 10.11 ? 17   LEU X CG  1 
ATOM   117  C CD1 . LEU A 1 17  ? 0.180   -13.751 -3.259  1.00 10.72 ? 17   LEU X CD1 1 
ATOM   118  C CD2 . LEU A 1 17  ? 0.042   -16.251 -3.448  1.00 10.79 ? 17   LEU X CD2 1 
ATOM   119  N N   . GLY A 1 18  ? -4.560  -15.145 -0.641  1.00 9.58  ? 18   GLY X N   1 
ATOM   120  C CA  . GLY A 1 18  ? -5.270  -14.844 0.589   1.00 9.30  ? 18   GLY X CA  1 
ATOM   121  C C   . GLY A 1 18  ? -5.535  -13.356 0.765   1.00 9.05  ? 18   GLY X C   1 
ATOM   122  O O   . GLY A 1 18  ? -5.517  -12.591 -0.211  1.00 8.54  ? 18   GLY X O   1 
ATOM   123  N N   . ARG A 1 19  ? -5.778  -12.955 2.016   1.00 8.52  ? 19   ARG X N   1 
ATOM   124  C CA  . ARG A 1 19  ? -6.224  -11.597 2.325   1.00 8.27  ? 19   ARG X CA  1 
ATOM   125  C C   . ARG A 1 19  ? -5.257  -10.876 3.256   1.00 7.99  ? 19   ARG X C   1 
ATOM   126  O O   . ARG A 1 19  ? -4.829  -11.429 4.268   1.00 8.64  ? 19   ARG X O   1 
ATOM   127  C CB  . ARG A 1 19  ? -7.611  -11.646 2.972   1.00 8.26  ? 19   ARG X CB  1 
ATOM   128  C CG  . ARG A 1 19  ? -8.158  -10.284 3.433   1.00 8.54  ? 19   ARG X CG  1 
ATOM   129  C CD  . ARG A 1 19  ? -9.646  -10.326 3.794   1.00 9.30  ? 19   ARG X CD  1 
ATOM   130  N NE  . ARG A 1 19  ? -10.466 -10.455 2.583   1.00 9.66  ? 19   ARG X NE  1 
ATOM   131  C CZ  . ARG A 1 19  ? -11.787 -10.558 2.575   1.00 10.73 ? 19   ARG X CZ  1 
ATOM   132  N NH1 . ARG A 1 19  ? -12.468 -10.533 3.719   1.00 11.67 ? 19   ARG X NH1 1 
ATOM   133  N NH2 . ARG A 1 19  ? -12.432 -10.665 1.420   1.00 11.89 ? 19   ARG X NH2 1 
ATOM   134  N N   . VAL A 1 20  ? -4.907  -9.650  2.884   1.00 7.96  ? 20   VAL X N   1 
ATOM   135  C CA  . VAL A 1 20  ? -4.210  -8.732  3.777   1.00 7.78  ? 20   VAL X CA  1 
ATOM   136  C C   . VAL A 1 20  ? -5.244  -7.756  4.368   1.00 7.96  ? 20   VAL X C   1 
ATOM   137  O O   . VAL A 1 20  ? -5.962  -7.086  3.625   1.00 8.23  ? 20   VAL X O   1 
ATOM   138  C CB  . VAL A 1 20  ? -3.100  -7.949  3.040   1.00 8.33  ? 20   VAL X CB  1 
ATOM   139  C CG1 . VAL A 1 20  ? -2.327  -7.057  4.014   1.00 7.85  ? 20   VAL X CG1 1 
ATOM   140  C CG2 . VAL A 1 20  ? -2.138  -8.907  2.343   1.00 8.75  ? 20   VAL X CG2 1 
ATOM   141  N N   . VAL A 1 21  ? -5.327  -7.709  5.700   1.00 7.49  ? 21   VAL X N   1 
ATOM   142  C CA  . VAL A 1 21  ? -6.189  -6.747  6.394   1.00 6.83  ? 21   VAL X CA  1 
ATOM   143  C C   . VAL A 1 21  ? -5.303  -5.658  6.988   1.00 6.48  ? 21   VAL X C   1 
ATOM   144  O O   . VAL A 1 21  ? -4.305  -5.947  7.645   1.00 5.99  ? 21   VAL X O   1 
ATOM   145  C CB  . VAL A 1 21  ? -7.012  -7.426  7.531   1.00 6.78  ? 21   VAL X CB  1 
ATOM   146  C CG1 . VAL A 1 21  ? -7.889  -6.424  8.257   1.00 6.54  ? 21   VAL X CG1 1 
ATOM   147  C CG2 . VAL A 1 21  ? -7.850  -8.590  6.980   1.00 7.95  ? 21   VAL X CG2 1 
ATOM   148  N N   . LEU A 1 22  ? -5.691  -4.408  6.758   1.00 6.29  ? 22   LEU X N   1 
ATOM   149  C CA  . LEU A 1 22  ? -4.920  -3.251  7.192   1.00 6.23  ? 22   LEU X CA  1 
ATOM   150  C C   . LEU A 1 22  ? -5.740  -2.351  8.092   1.00 6.15  ? 22   LEU X C   1 
ATOM   151  O O   . LEU A 1 22  ? -6.907  -2.055  7.790   1.00 6.22  ? 22   LEU X O   1 
ATOM   152  C CB  . LEU A 1 22  ? -4.483  -2.438  5.959   1.00 6.06  ? 22   LEU X CB  1 
ATOM   153  C CG  . LEU A 1 22  ? -3.629  -3.203  4.937   1.00 6.10  ? 22   LEU X CG  1 
ATOM   154  C CD1 . LEU A 1 22  ? -3.671  -2.514  3.582   1.00 7.40  ? 22   LEU X CD1 1 
ATOM   155  C CD2 . LEU A 1 22  ? -2.194  -3.302  5.427   1.00 8.10  ? 22   LEU X CD2 1 
ATOM   156  N N   . GLU A 1 23  ? -5.138  -1.925  9.203   1.00 5.91  ? 23   GLU X N   1 
ATOM   157  C CA  . GLU A 1 23  ? -5.710  -0.850  10.011  1.00 6.19  ? 23   GLU X CA  1 
ATOM   158  C C   . GLU A 1 23  ? -5.176  0.463   9.460   1.00 5.89  ? 23   GLU X C   1 
ATOM   159  O O   . GLU A 1 23  ? -3.959  0.635   9.313   1.00 6.05  ? 23   GLU X O   1 
ATOM   160  C CB  . GLU A 1 23  ? -5.331  -0.963  11.505  1.00 5.54  ? 23   GLU X CB  1 
ATOM   161  C CG  . GLU A 1 23  ? -5.842  0.233   12.334  1.00 6.30  ? 23   GLU X CG  1 
ATOM   162  C CD  . GLU A 1 23  ? -5.587  0.122   13.825  1.00 8.30  ? 23   GLU X CD  1 
ATOM   163  O OE1 . GLU A 1 23  ? -5.116  -0.932  14.290  1.00 8.66  ? 23   GLU X OE1 1 
ATOM   164  O OE2 . GLU A 1 23  ? -5.881  1.110   14.546  1.00 8.79  ? 23   GLU X OE2 1 
ATOM   165  N N   . LEU A 1 24  ? -6.087  1.390   9.172   1.00 5.71  ? 24   LEU X N   1 
ATOM   166  C CA  . LEU A 1 24  ? -5.704  2.744   8.762   1.00 5.96  ? 24   LEU X CA  1 
ATOM   167  C C   . LEU A 1 24  ? -5.790  3.676   9.964   1.00 6.68  ? 24   LEU X C   1 
ATOM   168  O O   . LEU A 1 24  ? -6.847  3.802   10.586  1.00 7.79  ? 24   LEU X O   1 
ATOM   169  C CB  . LEU A 1 24  ? -6.609  3.239   7.627   1.00 6.06  ? 24   LEU X CB  1 
ATOM   170  C CG  . LEU A 1 24  ? -6.811  2.250   6.471   1.00 5.78  ? 24   LEU X CG  1 
ATOM   171  C CD1 . LEU A 1 24  ? -7.671  2.894   5.376   1.00 5.68  ? 24   LEU X CD1 1 
ATOM   172  C CD2 . LEU A 1 24  ? -5.477  1.762   5.880   1.00 6.89  ? 24   LEU X CD2 1 
ATOM   173  N N   . LYS A 1 25  ? -4.674  4.329   10.277  1.00 6.74  ? 25   LYS X N   1 
ATOM   174  C CA  . LYS A 1 25  ? -4.558  5.148   11.479  1.00 6.79  ? 25   LYS X CA  1 
ATOM   175  C C   . LYS A 1 25  ? -5.141  6.526   11.219  1.00 6.77  ? 25   LYS X C   1 
ATOM   176  O O   . LYS A 1 25  ? -4.429  7.532   11.189  1.00 6.65  ? 25   LYS X O   1 
ATOM   177  C CB  . LYS A 1 25  ? -3.098  5.208   11.932  1.00 7.04  ? 25   LYS X CB  1 
ATOM   178  C CG  . LYS A 1 25  ? -2.603  3.879   12.514  1.00 8.80  ? 25   LYS X CG  1 
ATOM   179  C CD  . LYS A 1 25  ? -3.289  3.592   13.860  1.00 11.56 ? 25   LYS X CD  1 
ATOM   180  C CE  . LYS A 1 25  ? -2.868  2.260   14.468  1.00 14.79 ? 25   LYS X CE  1 
ATOM   181  N NZ  . LYS A 1 25  ? -3.605  1.974   15.774  1.00 17.83 ? 25   LYS X NZ  1 
ATOM   182  N N   . ALA A 1 26  ? -6.462  6.543   11.030  1.00 6.50  ? 26   ALA X N   1 
ATOM   183  C CA  . ALA A 1 26  ? -7.223  7.777   10.836  1.00 6.51  ? 26   ALA X CA  1 
ATOM   184  C C   . ALA A 1 26  ? -7.128  8.729   12.024  1.00 6.88  ? 26   ALA X C   1 
ATOM   185  O O   . ALA A 1 26  ? -7.303  9.939   11.867  1.00 7.12  ? 26   ALA X O   1 
ATOM   186  C CB  . ALA A 1 26  ? -8.678  7.442   10.532  1.00 6.43  ? 26   ALA X CB  1 
ATOM   187  N N   . ASP A 1 27  ? -6.860  8.181   13.209  1.00 6.97  ? 27   ASP X N   1 
ATOM   188  C CA  . ASP A 1 27  ? -6.677  8.990   14.417  1.00 7.59  ? 27   ASP X CA  1 
ATOM   189  C C   . ASP A 1 27  ? -5.449  9.882   14.347  1.00 7.97  ? 27   ASP X C   1 
ATOM   190  O O   . ASP A 1 27  ? -5.446  10.966  14.936  1.00 9.25  ? 27   ASP X O   1 
ATOM   191  C CB  . ASP A 1 27  ? -6.631  8.118   15.678  1.00 8.03  ? 27   ASP X CB  1 
ATOM   192  C CG  . ASP A 1 27  ? -5.539  7.055   15.633  1.00 9.68  ? 27   ASP X CG  1 
ATOM   193  O OD1 . ASP A 1 27  ? -5.243  6.504   14.554  1.00 8.82  ? 27   ASP X OD1 1 
ATOM   194  O OD2 . ASP A 1 27  ? -4.914  6.706   16.651  1.00 14.05 ? 27   ASP X OD2 1 
ATOM   195  N N   . VAL A 1 28  ? -4.429  9.441   13.605  1.00 7.37  ? 28   VAL X N   1 
ATOM   196  C CA  . VAL A 1 28  ? -3.162  10.151  13.486  1.00 6.59  ? 28   VAL X CA  1 
ATOM   197  C C   . VAL A 1 28  ? -3.058  10.883  12.149  1.00 6.92  ? 28   VAL X C   1 
ATOM   198  O O   . VAL A 1 28  ? -2.573  12.031  12.094  1.00 6.79  ? 28   VAL X O   1 
ATOM   199  C CB  . VAL A 1 28  ? -1.966  9.172   13.585  1.00 6.95  ? 28   VAL X CB  1 
ATOM   200  C CG1 . VAL A 1 28  ? -0.636  9.924   13.483  1.00 7.12  ? 28   VAL X CG1 1 
ATOM   201  C CG2 . VAL A 1 28  ? -2.026  8.361   14.898  1.00 7.80  ? 28   VAL X CG2 1 
ATOM   202  N N   . VAL A 1 29  ? -3.481  10.205  11.084  1.00 6.25  ? 29   VAL X N   1 
ATOM   203  C CA  . VAL A 1 29  ? -3.386  10.734  9.716   1.00 6.16  ? 29   VAL X CA  1 
ATOM   204  C C   . VAL A 1 29  ? -4.725  10.584  8.979   1.00 6.01  ? 29   VAL X C   1 
ATOM   205  O O   . VAL A 1 29  ? -4.846  9.772   8.055   1.00 5.84  ? 29   VAL X O   1 
ATOM   206  C CB  . VAL A 1 29  ? -2.210  10.082  8.899   1.00 6.28  ? 29   VAL X CB  1 
ATOM   207  C CG1 . VAL A 1 29  ? -0.886  10.758  9.226   1.00 6.56  ? 29   VAL X CG1 1 
ATOM   208  C CG2 . VAL A 1 29  ? -2.101  8.595   9.164   1.00 6.84  ? 29   VAL X CG2 1 
ATOM   209  N N   . PRO A 1 30  ? -5.737  11.361  9.369   1.00 5.96  ? 30   PRO X N   1 
ATOM   210  C CA  . PRO A 1 30  ? -7.075  11.177  8.788   1.00 5.78  ? 30   PRO X CA  1 
ATOM   211  C C   . PRO A 1 30  ? -7.135  11.402  7.275   1.00 5.84  ? 30   PRO X C   1 
ATOM   212  O O   . PRO A 1 30  ? -7.865  10.674  6.608   1.00 5.16  ? 30   PRO X O   1 
ATOM   213  C CB  . PRO A 1 30  ? -7.939  12.189  9.542   1.00 6.39  ? 30   PRO X CB  1 
ATOM   214  C CG  . PRO A 1 30  ? -6.963  13.210  10.058  1.00 6.01  ? 30   PRO X CG  1 
ATOM   215  C CD  . PRO A 1 30  ? -5.715  12.432  10.385  1.00 6.03  ? 30   PRO X CD  1 
ATOM   216  N N   . LYS A 1 31  ? -6.373  12.360  6.745   1.00 6.20  ? 31   LYS X N   1 
ATOM   217  C CA  . LYS A 1 31  ? -6.470  12.665  5.315   1.00 6.32  ? 31   LYS X CA  1 
ATOM   218  C C   . LYS A 1 31  ? -5.850  11.550  4.481   1.00 6.47  ? 31   LYS X C   1 
ATOM   219  O O   . LYS A 1 31  ? -6.374  11.175  3.426   1.00 6.47  ? 31   LYS X O   1 
ATOM   220  C CB  . LYS A 1 31  ? -5.832  14.018  4.997   1.00 6.19  ? 31   LYS X CB  1 
ATOM   221  C CG  . LYS A 1 31  ? -6.514  15.206  5.695   1.00 7.34  ? 31   LYS X CG  1 
ATOM   222  C CD  . LYS A 1 31  ? -5.655  16.474  5.567   1.00 8.96  ? 31   LYS X CD  1 
ATOM   223  C CE  . LYS A 1 31  ? -6.361  17.677  6.183   1.00 12.15 ? 31   LYS X CE  1 
ATOM   224  N NZ  . LYS A 1 31  ? -6.656  17.504  7.645   1.00 12.89 ? 31   LYS X NZ  1 
ATOM   225  N N   . THR A 1 32  ? -4.753  11.001  4.994   1.00 6.16  ? 32   THR X N   1 
ATOM   226  C CA  . THR A 1 32  ? -4.039  9.928   4.323   1.00 6.22  ? 32   THR X CA  1 
ATOM   227  C C   . THR A 1 32  ? -4.835  8.624   4.433   1.00 6.11  ? 32   THR X C   1 
ATOM   228  O O   . THR A 1 32  ? -4.959  7.875   3.460   1.00 6.34  ? 32   THR X O   1 
ATOM   229  C CB  . THR A 1 32  ? -2.628  9.782   4.927   1.00 6.62  ? 32   THR X CB  1 
ATOM   230  O OG1 . THR A 1 32  ? -1.936  11.042  4.853   1.00 6.61  ? 32   THR X OG1 1 
ATOM   231  C CG2 . THR A 1 32  ? -1.763  8.812   4.093   1.00 7.32  ? 32   THR X CG2 1 
ATOM   232  N N   . ALA A 1 33  ? -5.369  8.350   5.624   1.00 6.27  ? 33   ALA X N   1 
ATOM   233  C CA  . ALA A 1 33  ? -6.224  7.172   5.830   1.00 5.92  ? 33   ALA X CA  1 
ATOM   234  C C   . ALA A 1 33  ? -7.461  7.226   4.944   1.00 6.31  ? 33   ALA X C   1 
ATOM   235  O O   . ALA A 1 33  ? -7.821  6.221   4.331   1.00 6.08  ? 33   ALA X O   1 
ATOM   236  C CB  . ALA A 1 33  ? -6.632  7.048   7.296   1.00 6.41  ? 33   ALA X CB  1 
ATOM   237  N N   . GLU A 1 34  ? -8.096  8.397   4.852   1.00 5.97  ? 34   GLU X N   1 
ATOM   238  C CA  . GLU A 1 34  ? -9.324  8.528   4.047   1.00 6.13  ? 34   GLU X CA  1 
ATOM   239  C C   . GLU A 1 34  ? -9.065  8.255   2.564   1.00 6.64  ? 34   GLU X C   1 
ATOM   240  O O   . GLU A 1 34  ? -9.863  7.602   1.904   1.00 6.80  ? 34   GLU X O   1 
ATOM   241  C CB  . GLU A 1 34  ? -9.969  9.903   4.237   1.00 6.66  ? 34   GLU X CB  1 
ATOM   242  C CG  . GLU A 1 34  ? -11.197 10.184  3.361   1.00 6.02  ? 34   GLU X CG  1 
ATOM   243  C CD  . GLU A 1 34  ? -12.370 9.206   3.533   1.00 8.12  ? 34   GLU X CD  1 
ATOM   244  O OE1 . GLU A 1 34  ? -12.430 8.438   4.524   1.00 8.23  ? 34   GLU X OE1 1 
ATOM   245  O OE2 . GLU A 1 34  ? -13.263 9.209   2.650   1.00 9.36  ? 34   GLU X OE2 1 
ATOM   246  N N   . ASN A 1 35  ? -7.943  8.760   2.060   1.00 6.63  ? 35   ASN X N   1 
ATOM   247  C CA  . ASN A 1 35  ? -7.546  8.497   0.683   1.00 6.87  ? 35   ASN X CA  1 
ATOM   248  C C   . ASN A 1 35  ? -7.461  6.986   0.411   1.00 6.93  ? 35   ASN X C   1 
ATOM   249  O O   . ASN A 1 35  ? -8.065  6.470   -0.540  1.00 6.39  ? 35   ASN X O   1 
ATOM   250  C CB  . ASN A 1 35  ? -6.215  9.186   0.371   1.00 6.90  ? 35   ASN X CB  1 
ATOM   251  C CG  . ASN A 1 35  ? -5.758  8.948   -1.050  1.00 8.46  ? 35   ASN X CG  1 
ATOM   252  O OD1 . ASN A 1 35  ? -6.458  9.292   -2.006  1.00 9.04  ? 35   ASN X OD1 1 
ATOM   253  N ND2 . ASN A 1 35  ? -4.566  8.359   -1.203  1.00 7.64  ? 35   ASN X ND2 1 
ATOM   254  N N   . PHE A 1 36  ? -6.718  6.276   1.254   1.00 7.15  ? 36   PHE X N   1 
ATOM   255  C CA  . PHE A 1 36  ? -6.557  4.835   1.072   1.00 6.82  ? 36   PHE X CA  1 
ATOM   256  C C   . PHE A 1 36  ? -7.897  4.103   1.217   1.00 6.94  ? 36   PHE X C   1 
ATOM   257  O O   . PHE A 1 36  ? -8.207  3.223   0.413   1.00 7.38  ? 36   PHE X O   1 
ATOM   258  C CB  . PHE A 1 36  ? -5.532  4.295   2.059   1.00 6.79  ? 36   PHE X CB  1 
ATOM   259  C CG  . PHE A 1 36  ? -5.025  2.925   1.720   1.00 6.73  ? 36   PHE X CG  1 
ATOM   260  C CD1 . PHE A 1 36  ? -3.928  2.768   0.876   1.00 7.36  ? 36   PHE X CD1 1 
ATOM   261  C CD2 . PHE A 1 36  ? -5.612  1.794   2.286   1.00 8.04  ? 36   PHE X CD2 1 
ATOM   262  C CE1 . PHE A 1 36  ? -3.440  1.504   0.580   1.00 8.06  ? 36   PHE X CE1 1 
ATOM   263  C CE2 . PHE A 1 36  ? -5.139  0.522   1.983   1.00 7.80  ? 36   PHE X CE2 1 
ATOM   264  C CZ  . PHE A 1 36  ? -4.047  0.379   1.131   1.00 9.00  ? 36   PHE X CZ  1 
ATOM   265  N N   . ARG A 1 37  ? -8.688  4.483   2.222   1.00 6.75  ? 37   ARG X N   1 
ATOM   266  C CA  . ARG A 1 37  ? -9.973  3.828   2.470   1.00 6.79  ? 37   ARG X CA  1 
ATOM   267  C C   . ARG A 1 37  ? -10.865 3.920   1.229   1.00 6.71  ? 37   ARG X C   1 
ATOM   268  O O   . ARG A 1 37  ? -11.410 2.921   0.766   1.00 6.75  ? 37   ARG X O   1 
ATOM   269  C CB  . ARG A 1 37  ? -10.659 4.468   3.676   1.00 7.03  ? 37   ARG X CB  1 
ATOM   270  C CG  . ARG A 1 37  ? -11.975 3.796   4.078   1.00 7.22  ? 37   ARG X CG  1 
ATOM   271  C CD  . ARG A 1 37  ? -12.894 4.721   4.858   1.00 7.25  ? 37   ARG X CD  1 
ATOM   272  N NE  . ARG A 1 37  ? -13.340 5.825   4.008   1.00 6.59  ? 37   ARG X NE  1 
ATOM   273  C CZ  . ARG A 1 37  ? -14.285 5.724   3.076   1.00 8.75  ? 37   ARG X CZ  1 
ATOM   274  N NH1 . ARG A 1 37  ? -14.937 4.578   2.890   1.00 8.84  ? 37   ARG X NH1 1 
ATOM   275  N NH2 . ARG A 1 37  ? -14.604 6.788   2.344   1.00 9.57  ? 37   ARG X NH2 1 
ATOM   276  N N   . ALA A 1 38  ? -10.976 5.120   0.670   1.00 7.28  ? 38   ALA X N   1 
ATOM   277  C CA  . ALA A 1 38  ? -11.861 5.337   -0.477  1.00 6.97  ? 38   ALA X CA  1 
ATOM   278  C C   . ALA A 1 38  ? -11.336 4.650   -1.742  1.00 7.03  ? 38   ALA X C   1 
ATOM   279  O O   . ALA A 1 38  ? -12.126 4.226   -2.603  1.00 7.34  ? 38   ALA X O   1 
ATOM   280  C CB  . ALA A 1 38  ? -12.085 6.840   -0.713  1.00 6.80  ? 38   ALA X CB  1 
ATOM   281  N N   . LEU A 1 39  ? -10.013 4.524   -1.858  1.00 6.93  ? 39   LEU X N   1 
ATOM   282  C CA  . LEU A 1 39  ? -9.434  3.830   -3.001  1.00 6.63  ? 39   LEU X CA  1 
ATOM   283  C C   . LEU A 1 39  ? -9.671  2.319   -2.893  1.00 7.02  ? 39   LEU X C   1 
ATOM   284  O O   . LEU A 1 39  ? -9.782  1.631   -3.905  1.00 7.48  ? 39   LEU X O   1 
ATOM   285  C CB  . LEU A 1 39  ? -7.943  4.169   -3.161  1.00 6.26  ? 39   LEU X CB  1 
ATOM   286  C CG  . LEU A 1 39  ? -7.665  5.615   -3.580  1.00 6.73  ? 39   LEU X CG  1 
ATOM   287  C CD1 . LEU A 1 39  ? -6.181  5.891   -3.467  1.00 7.13  ? 39   LEU X CD1 1 
ATOM   288  C CD2 . LEU A 1 39  ? -8.173  5.916   -4.995  1.00 8.00  ? 39   LEU X CD2 1 
ATOM   289  N N   . CYS A 1 40  ? -9.786  1.823   -1.658  1.00 7.19  ? 40   CYS X N   1 
ATOM   290  C CA  . CYS A 1 40  ? -10.141 0.432   -1.420  1.00 7.31  ? 40   CYS X CA  1 
ATOM   291  C C   . CYS A 1 40  ? -11.594 0.123   -1.798  1.00 7.14  ? 40   CYS X C   1 
ATOM   292  O O   . CYS A 1 40  ? -11.857 -0.910  -2.417  1.00 7.53  ? 40   CYS X O   1 
ATOM   293  C CB  . CYS A 1 40  ? -9.866  0.034   0.027   1.00 6.94  ? 40   CYS X CB  1 
ATOM   294  S SG  . CYS A 1 40  ? -8.114  -0.262  0.384   1.00 7.95  ? 40   CYS X SG  1 
ATOM   295  N N   . THR A 1 41  ? -12.530 1.009   -1.450  1.00 7.86  ? 41   THR X N   1 
ATOM   296  C CA  . THR A 1 41  ? -13.933 0.757   -1.783  1.00 8.09  ? 41   THR X CA  1 
ATOM   297  C C   . THR A 1 41  ? -14.227 1.058   -3.238  1.00 8.26  ? 41   THR X C   1 
ATOM   298  O O   . THR A 1 41  ? -15.175 0.511   -3.802  1.00 8.72  ? 41   THR X O   1 
ATOM   299  C CB  . THR A 1 41  ? -14.897 1.591   -0.940  1.00 8.15  ? 41   THR X CB  1 
ATOM   300  O OG1 . THR A 1 41  ? -14.695 2.971   -1.244  1.00 7.19  ? 41   THR X OG1 1 
ATOM   301  C CG2 . THR A 1 41  ? -14.600 1.456   0.552   1.00 7.53  ? 41   THR X CG2 1 
ATOM   302  N N   . GLY A 1 42  ? -13.449 1.966   -3.819  1.00 8.60  ? 42   GLY X N   1 
ATOM   303  C CA  . GLY A 1 42  ? -13.675 2.409   -5.184  1.00 9.16  ? 42   GLY X CA  1 
ATOM   304  C C   . GLY A 1 42  ? -14.834 3.390   -5.304  1.00 9.93  ? 42   GLY X C   1 
ATOM   305  O O   . GLY A 1 42  ? -15.306 3.667   -6.403  1.00 9.73  ? 42   GLY X O   1 
ATOM   306  N N   . GLU A 1 43  ? -15.280 3.926   -4.173  1.00 10.28 ? 43   GLU X N   1 
ATOM   307  C CA  . GLU A 1 43  ? -16.503 4.739   -4.138  1.00 10.85 ? 43   GLU X CA  1 
ATOM   308  C C   . GLU A 1 43  ? -16.437 6.020   -4.977  1.00 11.52 ? 43   GLU X C   1 
ATOM   309  O O   . GLU A 1 43  ? -17.482 6.563   -5.349  1.00 12.34 ? 43   GLU X O   1 
ATOM   310  C CB  . GLU A 1 43  ? -16.919 5.033   -2.691  1.00 10.85 ? 43   GLU X CB  1 
ATOM   311  C CG  . GLU A 1 43  ? -15.978 5.954   -1.930  1.00 11.70 ? 43   GLU X CG  1 
ATOM   312  C CD  . GLU A 1 43  ? -16.241 5.912   -0.438  1.00 10.77 ? 43   GLU X CD  1 
ATOM   313  O OE1 . GLU A 1 43  ? -16.090 4.826   0.169   1.00 12.87 ? 43   GLU X OE1 1 
ATOM   314  O OE2 . GLU A 1 43  ? -16.625 6.953   0.125   1.00 13.65 ? 43   GLU X OE2 1 
ATOM   315  N N   . LYS A 1 44  ? -15.230 6.493   -5.295  1.00 11.78 ? 44   LYS X N   1 
ATOM   316  C CA  . LYS A 1 44  ? -15.087 7.686   -6.146  1.00 12.34 ? 44   LYS X CA  1 
ATOM   317  C C   . LYS A 1 44  ? -15.099 7.376   -7.646  1.00 12.56 ? 44   LYS X C   1 
ATOM   318  O O   . LYS A 1 44  ? -15.081 8.300   -8.464  1.00 13.55 ? 44   LYS X O   1 
ATOM   319  C CB  . LYS A 1 44  ? -13.844 8.515   -5.782  1.00 12.27 ? 44   LYS X CB  1 
ATOM   320  C CG  . LYS A 1 44  ? -13.659 8.797   -4.288  1.00 12.82 ? 44   LYS X CG  1 
ATOM   321  C CD  . LYS A 1 44  ? -14.746 9.669   -3.689  1.00 15.56 ? 44   LYS X CD  1 
ATOM   322  C CE  . LYS A 1 44  ? -14.457 9.922   -2.209  1.00 16.09 ? 44   LYS X CE  1 
ATOM   323  N NZ  . LYS A 1 44  ? -15.445 10.857  -1.593  1.00 16.28 ? 44   LYS X NZ  1 
ATOM   324  N N   . GLY A 1 45  ? -15.127 6.095   -8.003  1.00 11.85 ? 45   GLY X N   1 
ATOM   325  C CA  . GLY A 1 45  ? -15.174 5.678   -9.395  1.00 12.20 ? 45   GLY X CA  1 
ATOM   326  C C   . GLY A 1 45  ? -13.839 5.192   -9.920  1.00 12.00 ? 45   GLY X C   1 
ATOM   327  O O   . GLY A 1 45  ? -13.701 4.904   -11.110 1.00 12.81 ? 45   GLY X O   1 
ATOM   328  N N   . PHE A 1 46  ? -12.861 5.087   -9.021  1.00 11.19 ? 46   PHE X N   1 
ATOM   329  C CA  . PHE A 1 46  ? -11.531 4.564   -9.338  1.00 10.83 ? 46   PHE X CA  1 
ATOM   330  C C   . PHE A 1 46  ? -10.879 4.060   -8.056  1.00 10.44 ? 46   PHE X C   1 
ATOM   331  O O   . PHE A 1 46  ? -11.341 4.384   -6.952  1.00 9.93  ? 46   PHE X O   1 
ATOM   332  C CB  . PHE A 1 46  ? -10.647 5.627   -10.012 1.00 10.38 ? 46   PHE X CB  1 
ATOM   333  C CG  . PHE A 1 46  ? -10.549 6.926   -9.258  1.00 11.44 ? 46   PHE X CG  1 
ATOM   334  C CD1 . PHE A 1 46  ? -9.574  7.110   -8.276  1.00 9.32  ? 46   PHE X CD1 1 
ATOM   335  C CD2 . PHE A 1 46  ? -11.415 7.982   -9.550  1.00 12.37 ? 46   PHE X CD2 1 
ATOM   336  C CE1 . PHE A 1 46  ? -9.466  8.315   -7.580  1.00 12.05 ? 46   PHE X CE1 1 
ATOM   337  C CE2 . PHE A 1 46  ? -11.321 9.185   -8.862  1.00 12.46 ? 46   PHE X CE2 1 
ATOM   338  C CZ  . PHE A 1 46  ? -10.347 9.360   -7.879  1.00 11.97 ? 46   PHE X CZ  1 
ATOM   339  N N   . GLY A 1 47  ? -9.821  3.270   -8.189  1.00 9.95  ? 47   GLY X N   1 
ATOM   340  C CA  . GLY A 1 47  ? -9.149  2.740   -7.012  1.00 9.33  ? 47   GLY X CA  1 
ATOM   341  C C   . GLY A 1 47  ? -8.390  1.465   -7.288  1.00 9.09  ? 47   GLY X C   1 
ATOM   342  O O   . GLY A 1 47  ? -8.076  1.156   -8.438  1.00 8.82  ? 47   GLY X O   1 
ATOM   343  N N   . TYR A 1 48  ? -8.121  0.703   -6.237  1.00 8.60  ? 48   TYR X N   1 
ATOM   344  C CA  . TYR A 1 48  ? -7.127  -0.350  -6.327  1.00 8.08  ? 48   TYR X CA  1 
ATOM   345  C C   . TYR A 1 48  ? -7.595  -1.642  -6.974  1.00 8.31  ? 48   TYR X C   1 
ATOM   346  O O   . TYR A 1 48  ? -6.754  -2.467  -7.347  1.00 8.16  ? 48   TYR X O   1 
ATOM   347  C CB  . TYR A 1 48  ? -6.572  -0.667  -4.933  1.00 7.32  ? 48   TYR X CB  1 
ATOM   348  C CG  . TYR A 1 48  ? -5.856  0.480   -4.253  1.00 7.28  ? 48   TYR X CG  1 
ATOM   349  C CD1 . TYR A 1 48  ? -4.897  1.237   -4.934  1.00 6.71  ? 48   TYR X CD1 1 
ATOM   350  C CD2 . TYR A 1 48  ? -6.104  0.777   -2.906  1.00 7.07  ? 48   TYR X CD2 1 
ATOM   351  C CE1 . TYR A 1 48  ? -4.228  2.282   -4.300  1.00 8.14  ? 48   TYR X CE1 1 
ATOM   352  C CE2 . TYR A 1 48  ? -5.444  1.818   -2.266  1.00 6.85  ? 48   TYR X CE2 1 
ATOM   353  C CZ  . TYR A 1 48  ? -4.498  2.555   -2.959  1.00 6.76  ? 48   TYR X CZ  1 
ATOM   354  O OH  . TYR A 1 48  ? -3.834  3.587   -2.330  1.00 7.84  ? 48   TYR X OH  1 
ATOM   355  N N   . LYS A 1 49  ? -8.911  -1.853  -7.068  1.00 8.39  ? 49   LYS X N   1 
ATOM   356  C CA  . LYS A 1 49  ? -9.400  -3.138  -7.566  1.00 8.94  ? 49   LYS X CA  1 
ATOM   357  C C   . LYS A 1 49  ? -8.860  -3.415  -8.971  1.00 9.20  ? 49   LYS X C   1 
ATOM   358  O O   . LYS A 1 49  ? -8.977  -2.566  -9.860  1.00 9.26  ? 49   LYS X O   1 
ATOM   359  C CB  . LYS A 1 49  ? -10.929 -3.216  -7.539  1.00 9.02  ? 49   LYS X CB  1 
ATOM   360  C CG  . LYS A 1 49  ? -11.453 -4.554  -8.070  1.00 10.63 ? 49   LYS X CG  1 
ATOM   361  C CD  . LYS A 1 49  ? -12.967 -4.544  -8.211  1.00 15.25 ? 49   LYS X CD  1 
ATOM   362  C CE  . LYS A 1 49  ? -13.494 -5.940  -8.505  1.00 18.37 ? 49   LYS X CE  1 
ATOM   363  N NZ  . LYS A 1 49  ? -14.002 -6.575  -7.254  1.00 23.87 ? 49   LYS X NZ  1 
ATOM   364  N N   . GLY A 1 50  ? -8.263  -4.591  -9.153  1.00 9.99  ? 50   GLY X N   1 
ATOM   365  C CA  . GLY A 1 50  ? -7.704  -4.988  -10.438 1.00 10.00 ? 50   GLY X CA  1 
ATOM   366  C C   . GLY A 1 50  ? -6.261  -4.563  -10.693 1.00 10.75 ? 50   GLY X C   1 
ATOM   367  O O   . GLY A 1 50  ? -5.657  -4.982  -11.699 1.00 11.78 ? 50   GLY X O   1 
ATOM   368  N N   . SER A 1 51  ? -5.705  -3.732  -9.809  1.00 10.16 ? 51   SER X N   1 
ATOM   369  C CA  . SER A 1 51  ? -4.335  -3.222  -9.982  1.00 9.25  ? 51   SER X CA  1 
ATOM   370  C C   . SER A 1 51  ? -3.297  -4.173  -9.345  1.00 9.38  ? 51   SER X C   1 
ATOM   371  O O   . SER A 1 51  ? -3.658  -5.236  -8.829  1.00 8.90  ? 51   SER X O   1 
ATOM   372  C CB  . SER A 1 51  ? -4.216  -1.776  -9.474  1.00 9.78  ? 51   SER X CB  1 
ATOM   373  O OG  . SER A 1 51  ? -4.427  -1.702  -8.075  1.00 10.28 ? 51   SER X OG  1 
ATOM   374  N N   . THR A 1 52  ? -2.013  -3.817  -9.411  1.00 8.89  ? 52   THR X N   1 
ATOM   375  C CA  . THR A 1 52  ? -0.949  -4.782  -9.096  1.00 8.85  ? 52   THR X CA  1 
ATOM   376  C C   . THR A 1 52  ? 0.029   -4.312  -8.035  1.00 8.94  ? 52   THR X C   1 
ATOM   377  O O   . THR A 1 52  ? 0.124   -3.115  -7.755  1.00 8.88  ? 52   THR X O   1 
ATOM   378  C CB  . THR A 1 52  ? -0.120  -5.140  -10.376 1.00 8.89  ? 52   THR X CB  1 
ATOM   379  O OG1 . THR A 1 52  ? 0.695   -4.019  -10.767 1.00 9.04  ? 52   THR X OG1 1 
ATOM   380  C CG2 . THR A 1 52  ? -1.014  -5.382  -11.581 1.00 9.52  ? 52   THR X CG2 1 
ATOM   381  N N   . PHE A 1 53  ? 0.761   -5.267  -7.451  1.00 8.70  ? 53   PHE X N   1 
ATOM   382  C CA  . PHE A 1 53  ? 2.026   -4.946  -6.787  1.00 8.91  ? 53   PHE X CA  1 
ATOM   383  C C   . PHE A 1 53  ? 3.105   -4.992  -7.868  1.00 9.52  ? 53   PHE X C   1 
ATOM   384  O O   . PHE A 1 53  ? 3.471   -6.085  -8.333  1.00 9.69  ? 53   PHE X O   1 
ATOM   385  C CB  . PHE A 1 53  ? 2.344   -5.963  -5.693  1.00 9.22  ? 53   PHE X CB  1 
ATOM   386  C CG  . PHE A 1 53  ? 1.589   -5.743  -4.421  1.00 8.79  ? 53   PHE X CG  1 
ATOM   387  C CD1 . PHE A 1 53  ? 0.248   -6.100  -4.321  1.00 7.93  ? 53   PHE X CD1 1 
ATOM   388  C CD2 . PHE A 1 53  ? 2.229   -5.168  -3.320  1.00 8.62  ? 53   PHE X CD2 1 
ATOM   389  C CE1 . PHE A 1 53  ? -0.453  -5.896  -3.134  1.00 8.36  ? 53   PHE X CE1 1 
ATOM   390  C CE2 . PHE A 1 53  ? 1.550   -4.968  -2.128  1.00 9.32  ? 53   PHE X CE2 1 
ATOM   391  C CZ  . PHE A 1 53  ? 0.200   -5.338  -2.031  1.00 8.95  ? 53   PHE X CZ  1 
ATOM   392  N N   . HIS A 1 54  ? 3.601   -3.821  -8.276  1.00 8.65  ? 54   HIS X N   1 
ATOM   393  C CA  . HIS A 1 54  ? 4.486   -3.718  -9.447  1.00 8.84  ? 54   HIS X CA  1 
ATOM   394  C C   . HIS A 1 54  ? 5.977   -3.715  -9.080  1.00 8.63  ? 54   HIS X C   1 
ATOM   395  O O   . HIS A 1 54  ? 6.833   -3.877  -9.944  1.00 8.53  ? 54   HIS X O   1 
ATOM   396  C CB  . HIS A 1 54  ? 4.154   -2.450  -10.259 1.00 8.66  ? 54   HIS X CB  1 
ATOM   397  C CG  . HIS A 1 54  ? 4.512   -1.178  -9.547  1.00 9.19  ? 54   HIS X CG  1 
ATOM   398  N ND1 . HIS A 1 54  ? 3.663   -0.563  -8.651  1.00 9.27  ? 54   HIS X ND1 1 
ATOM   399  C CD2 . HIS A 1 54  ? 5.643   -0.433  -9.568  1.00 9.56  ? 54   HIS X CD2 1 
ATOM   400  C CE1 . HIS A 1 54  ? 4.251   0.516   -8.164  1.00 9.00  ? 54   HIS X CE1 1 
ATOM   401  N NE2 . HIS A 1 54  ? 5.458   0.614   -8.700  1.00 9.59  ? 54   HIS X NE2 1 
ATOM   402  N N   . ARG A 1 55  ? 6.280   -3.491  -7.804  1.00 8.64  ? 55   ARG X N   1 
ATOM   403  C CA  . ARG A 1 55  ? 7.669   -3.392  -7.363  1.00 9.26  ? 55   ARG X CA  1 
ATOM   404  C C   . ARG A 1 55  ? 7.782   -4.036  -5.992  1.00 9.57  ? 55   ARG X C   1 
ATOM   405  O O   . ARG A 1 55  ? 7.208   -3.550  -5.010  1.00 9.92  ? 55   ARG X O   1 
ATOM   406  C CB  . ARG A 1 55  ? 8.101   -1.922  -7.338  1.00 9.11  ? 55   ARG X CB  1 
ATOM   407  C CG  . ARG A 1 55  ? 9.496   -1.656  -6.806  1.00 10.97 ? 55   ARG X CG  1 
ATOM   408  C CD  . ARG A 1 55  ? 9.899   -0.183  -6.922  1.00 11.77 ? 55   ARG X CD  1 
ATOM   409  N NE  . ARG A 1 55  ? 11.252  0.047   -6.411  1.00 13.23 ? 55   ARG X NE  1 
ATOM   410  C CZ  . ARG A 1 55  ? 11.534  0.663   -5.260  1.00 14.44 ? 55   ARG X CZ  1 
ATOM   411  N NH1 . ARG A 1 55  ? 10.561  1.132   -4.488  1.00 14.80 ? 55   ARG X NH1 1 
ATOM   412  N NH2 . ARG A 1 55  ? 12.802  0.822   -4.887  1.00 15.23 ? 55   ARG X NH2 1 
ATOM   413  N N   . VAL A 1 56  ? 8.509   -5.149  -5.940  1.00 9.77  ? 56   VAL X N   1 
ATOM   414  C CA  . VAL A 1 56  ? 8.623   -5.931  -4.715  1.00 10.06 ? 56   VAL X CA  1 
ATOM   415  C C   . VAL A 1 56  ? 10.081  -6.319  -4.534  1.00 10.12 ? 56   VAL X C   1 
ATOM   416  O O   . VAL A 1 56  ? 10.665  -6.939  -5.418  1.00 10.63 ? 56   VAL X O   1 
ATOM   417  C CB  . VAL A 1 56  ? 7.742   -7.200  -4.786  1.00 10.20 ? 56   VAL X CB  1 
ATOM   418  C CG1 . VAL A 1 56  ? 7.869   -8.036  -3.505  1.00 10.43 ? 56   VAL X CG1 1 
ATOM   419  C CG2 . VAL A 1 56  ? 6.281   -6.813  -5.035  1.00 10.26 ? 56   VAL X CG2 1 
ATOM   420  N N   . ILE A 1 57  ? 10.651  -5.943  -3.391  1.00 10.34 ? 57   ILE X N   1 
ATOM   421  C CA  . ILE A 1 57  ? 12.061  -6.194  -3.096  1.00 11.06 ? 57   ILE X CA  1 
ATOM   422  C C   . ILE A 1 57  ? 12.191  -7.012  -1.813  1.00 11.32 ? 57   ILE X C   1 
ATOM   423  O O   . ILE A 1 57  ? 11.832  -6.541  -0.732  1.00 10.47 ? 57   ILE X O   1 
ATOM   424  C CB  . ILE A 1 57  ? 12.854  -4.865  -2.984  1.00 11.40 ? 57   ILE X CB  1 
ATOM   425  C CG1 . ILE A 1 57  ? 12.776  -4.089  -4.304  1.00 11.46 ? 57   ILE X CG1 1 
ATOM   426  C CG2 . ILE A 1 57  ? 14.304  -5.155  -2.598  1.00 10.71 ? 57   ILE X CG2 1 
ATOM   427  C CD1 . ILE A 1 57  ? 13.305  -2.670  -4.223  1.00 11.52 ? 57   ILE X CD1 1 
ATOM   428  N N   . PRO A 1 58  ? 12.688  -8.247  -1.926  1.00 11.51 ? 58   PRO X N   1 
ATOM   429  C CA  . PRO A 1 58  ? 12.838  -9.103  -0.747  1.00 12.07 ? 58   PRO X CA  1 
ATOM   430  C C   . PRO A 1 58  ? 13.705  -8.443  0.324   1.00 12.02 ? 58   PRO X C   1 
ATOM   431  O O   . PRO A 1 58  ? 14.707  -7.771  0.006   1.00 12.78 ? 58   PRO X O   1 
ATOM   432  C CB  . PRO A 1 58  ? 13.514  -10.354 -1.312  1.00 12.24 ? 58   PRO X CB  1 
ATOM   433  C CG  . PRO A 1 58  ? 13.063  -10.370 -2.756  1.00 12.28 ? 58   PRO X CG  1 
ATOM   434  C CD  . PRO A 1 58  ? 13.139  -8.920  -3.156  1.00 11.71 ? 58   PRO X CD  1 
ATOM   435  N N   . SER A 1 59  ? 13.292  -8.623  1.577   1.00 11.93 ? 59   SER X N   1 
ATOM   436  C CA  . SER A 1 59  ? 13.916  -8.022  2.757   1.00 11.95 ? 59   SER X CA  1 
ATOM   437  C C   . SER A 1 59  ? 13.840  -6.501  2.745   1.00 11.57 ? 59   SER X C   1 
ATOM   438  O O   . SER A 1 59  ? 14.692  -5.822  3.321   1.00 11.81 ? 59   SER X O   1 
ATOM   439  C CB  . SER A 1 59  ? 15.367  -8.496  2.941   1.00 12.95 ? 59   SER X CB  1 
ATOM   440  O OG  . SER A 1 59  ? 15.418  -9.900  3.124   1.00 14.50 ? 59   SER X OG  1 
ATOM   441  N N   . PHE A 1 60  ? 12.820  -5.970  2.072   1.00 10.27 ? 60   PHE X N   1 
ATOM   442  C CA  . PHE A 1 60  ? 12.587  -4.529  2.066   1.00 9.72  ? 60   PHE X CA  1 
ATOM   443  C C   . PHE A 1 60  ? 11.087  -4.234  2.164   1.00 8.99  ? 60   PHE X C   1 
ATOM   444  O O   . PHE A 1 60  ? 10.584  -3.932  3.245   1.00 8.37  ? 60   PHE X O   1 
ATOM   445  C CB  . PHE A 1 60  ? 13.243  -3.878  0.834   1.00 9.86  ? 60   PHE X CB  1 
ATOM   446  C CG  . PHE A 1 60  ? 13.068  -2.376  0.753   1.00 10.90 ? 60   PHE X CG  1 
ATOM   447  C CD1 . PHE A 1 60  ? 12.701  -1.623  1.869   1.00 10.33 ? 60   PHE X CD1 1 
ATOM   448  C CD2 . PHE A 1 60  ? 13.276  -1.716  -0.453  1.00 10.21 ? 60   PHE X CD2 1 
ATOM   449  C CE1 . PHE A 1 60  ? 12.530  -0.243  1.775   1.00 10.01 ? 60   PHE X CE1 1 
ATOM   450  C CE2 . PHE A 1 60  ? 13.114  -0.342  -0.552  1.00 11.14 ? 60   PHE X CE2 1 
ATOM   451  C CZ  . PHE A 1 60  ? 12.749  0.398   0.563   1.00 10.48 ? 60   PHE X CZ  1 
ATOM   452  N N   . MET A 1 61  ? 10.375  -4.350  1.049   1.00 8.73  ? 61   MET X N   1 
ATOM   453  C CA  . MET A 1 61  ? 8.970   -3.960  1.002   1.00 8.53  ? 61   MET X CA  1 
ATOM   454  C C   . MET A 1 61  ? 8.265   -4.433  -0.265  1.00 8.10  ? 61   MET X C   1 
ATOM   455  O O   . MET A 1 61  ? 8.906   -4.807  -1.249  1.00 8.76  ? 61   MET X O   1 
ATOM   456  C CB  . MET A 1 61  ? 8.807   -2.429  1.160   1.00 7.95  ? 61   MET X CB  1 
ATOM   457  C CG  . MET A 1 61  ? 9.535   -1.570  0.098   1.00 9.19  ? 61   MET X CG  1 
ATOM   458  S SD  . MET A 1 61  ? 8.530   -1.370  -1.395  1.00 9.60  ? 61   MET X SD  1 
ATOM   459  C CE  . MET A 1 61  ? 9.720   -1.826  -2.699  1.00 10.32 ? 61   MET X CE  1 
ATOM   460  N N   . CYS A 1 62  ? 6.934   -4.395  -0.221  1.00 7.98  ? 62   CYS X N   1 
ATOM   461  C CA  . CYS A 1 62  ? 6.101   -4.692  -1.380  1.00 7.77  ? 62   CYS X CA  1 
ATOM   462  C C   . CYS A 1 62  ? 5.311   -3.437  -1.722  1.00 7.88  ? 62   CYS X C   1 
ATOM   463  O O   . CYS A 1 62  ? 4.575   -2.931  -0.867  1.00 7.63  ? 62   CYS X O   1 
ATOM   464  C CB  . CYS A 1 62  ? 5.104   -5.800  -1.044  1.00 7.96  ? 62   CYS X CB  1 
ATOM   465  S SG  . CYS A 1 62  ? 5.848   -7.261  -0.302  1.00 9.81  ? 62   CYS X SG  1 
ATOM   466  N N   . GLN A 1 63  ? 5.446   -2.958  -2.960  1.00 7.30  ? 63   GLN X N   1 
ATOM   467  C CA  . GLN A 1 63  ? 4.844   -1.692  -3.383  1.00 7.49  ? 63   GLN X CA  1 
ATOM   468  C C   . GLN A 1 63  ? 3.726   -1.891  -4.402  1.00 7.57  ? 63   GLN X C   1 
ATOM   469  O O   . GLN A 1 63  ? 3.843   -2.716  -5.314  1.00 7.80  ? 63   GLN X O   1 
ATOM   470  C CB  . GLN A 1 63  ? 5.920   -0.772  -3.962  1.00 7.58  ? 63   GLN X CB  1 
ATOM   471  C CG  . GLN A 1 63  ? 5.435   0.613   -4.420  1.00 7.55  ? 63   GLN X CG  1 
ATOM   472  C CD  . GLN A 1 63  ? 6.584   1.451   -4.954  1.00 7.92  ? 63   GLN X CD  1 
ATOM   473  O OE1 . GLN A 1 63  ? 7.742   1.170   -4.666  1.00 9.97  ? 63   GLN X OE1 1 
ATOM   474  N NE2 . GLN A 1 63  ? 6.266   2.488   -5.711  1.00 8.42  ? 63   GLN X NE2 1 
ATOM   475  N N   . ALA A 1 64  ? 2.652   -1.116  -4.242  1.00 7.33  ? 64   ALA X N   1 
ATOM   476  C CA  . ALA A 1 64  ? 1.485   -1.209  -5.109  1.00 7.15  ? 64   ALA X CA  1 
ATOM   477  C C   . ALA A 1 64  ? 0.817   0.154   -5.248  1.00 7.43  ? 64   ALA X C   1 
ATOM   478  O O   . ALA A 1 64  ? 1.369   1.168   -4.810  1.00 7.61  ? 64   ALA X O   1 
ATOM   479  C CB  . ALA A 1 64  ? 0.507   -2.242  -4.553  1.00 7.19  ? 64   ALA X CB  1 
ATOM   480  N N   . GLY A 1 65  ? -0.351  0.187   -5.885  1.00 7.73  ? 65   GLY X N   1 
ATOM   481  C CA  . GLY A 1 65  ? -1.155  1.398   -5.876  1.00 7.69  ? 65   GLY X CA  1 
ATOM   482  C C   . GLY A 1 65  ? -1.155  2.231   -7.140  1.00 8.10  ? 65   GLY X C   1 
ATOM   483  O O   . GLY A 1 65  ? -1.889  3.214   -7.209  1.00 8.03  ? 65   GLY X O   1 
ATOM   484  N N   . ASP A 1 66  ? -0.338  1.861   -8.129  1.00 7.76  ? 66   ASP X N   1 
ATOM   485  C CA  . ASP A 1 66  ? -0.346  2.579   -9.401  1.00 8.58  ? 66   ASP X CA  1 
ATOM   486  C C   . ASP A 1 66  ? -1.439  1.972   -10.290 1.00 9.01  ? 66   ASP X C   1 
ATOM   487  O O   . ASP A 1 66  ? -1.161  1.109   -11.125 1.00 9.22  ? 66   ASP X O   1 
ATOM   488  C CB  . ASP A 1 66  ? 1.031   2.515   -10.079 1.00 8.67  ? 66   ASP X CB  1 
ATOM   489  C CG  . ASP A 1 66  ? 1.070   3.278   -11.386 1.00 8.93  ? 66   ASP X CG  1 
ATOM   490  O OD1 . ASP A 1 66  ? 0.004   3.778   -11.820 1.00 7.97  ? 66   ASP X OD1 1 
ATOM   491  O OD2 . ASP A 1 66  ? 2.111   3.427   -12.044 1.00 8.55  ? 66   ASP X OD2 1 
ATOM   492  N N   . PHE A 1 67  ? -2.677  2.419   -10.087 1.00 9.51  ? 67   PHE X N   1 
ATOM   493  C CA  . PHE A 1 67  ? -3.826  1.850   -10.785 1.00 10.20 ? 67   PHE X CA  1 
ATOM   494  C C   . PHE A 1 67  ? -4.072  2.502   -12.146 1.00 11.08 ? 67   PHE X C   1 
ATOM   495  O O   . PHE A 1 67  ? -4.971  2.082   -12.864 1.00 11.86 ? 67   PHE X O   1 
ATOM   496  C CB  . PHE A 1 67  ? -5.101  1.864   -9.917  1.00 10.09 ? 67   PHE X CB  1 
ATOM   497  C CG  . PHE A 1 67  ? -5.519  3.235   -9.455  1.00 9.54  ? 67   PHE X CG  1 
ATOM   498  C CD1 . PHE A 1 67  ? -6.203  4.102   -10.304 1.00 9.29  ? 67   PHE X CD1 1 
ATOM   499  C CD2 . PHE A 1 67  ? -5.249  3.651   -8.152  1.00 10.99 ? 67   PHE X CD2 1 
ATOM   500  C CE1 . PHE A 1 67  ? -6.580  5.372   -9.865  1.00 10.24 ? 67   PHE X CE1 1 
ATOM   501  C CE2 . PHE A 1 67  ? -5.626  4.910   -7.711  1.00 10.14 ? 67   PHE X CE2 1 
ATOM   502  C CZ  . PHE A 1 67  ? -6.281  5.771   -8.558  1.00 9.93  ? 67   PHE X CZ  1 
ATOM   503  N N   . THR A 1 68  ? -3.260  3.497   -12.514 1.00 11.34 ? 68   THR X N   1 
ATOM   504  C CA  . THR A 1 68  ? -3.373  4.100   -13.844 1.00 12.16 ? 68   THR X CA  1 
ATOM   505  C C   . THR A 1 68  ? -2.344  3.580   -14.851 1.00 12.73 ? 68   THR X C   1 
ATOM   506  O O   . THR A 1 68  ? -2.704  3.323   -16.009 1.00 13.38 ? 68   THR X O   1 
ATOM   507  C CB  . THR A 1 68  ? -3.352  5.653   -13.809 1.00 11.92 ? 68   THR X CB  1 
ATOM   508  O OG1 . THR A 1 68  ? -2.077  6.120   -13.350 1.00 10.50 ? 68   THR X OG1 1 
ATOM   509  C CG2 . THR A 1 68  ? -4.362  6.213   -12.819 1.00 12.64 ? 68   THR X CG2 1 
ATOM   510  N N   . ASN A 1 69  ? -1.087  3.423   -14.415 1.00 12.79 ? 69   ASN X N   1 
ATOM   511  C CA  . ASN A 1 69  ? 0.022   3.037   -15.305 1.00 13.53 ? 69   ASN X CA  1 
ATOM   512  C C   . ASN A 1 69  ? 0.675   1.695   -14.967 1.00 13.69 ? 69   ASN X C   1 
ATOM   513  O O   . ASN A 1 69  ? 1.469   1.160   -15.760 1.00 14.20 ? 69   ASN X O   1 
ATOM   514  C CB  . ASN A 1 69  ? 1.098   4.138   -15.348 1.00 13.45 ? 69   ASN X CB  1 
ATOM   515  C CG  . ASN A 1 69  ? 0.600   5.426   -15.987 1.00 14.64 ? 69   ASN X CG  1 
ATOM   516  O OD1 . ASN A 1 69  ? -0.444  5.448   -16.640 1.00 16.09 ? 69   ASN X OD1 1 
ATOM   517  N ND2 . ASN A 1 69  ? 1.352   6.503   -15.805 1.00 13.55 ? 69   ASN X ND2 1 
ATOM   518  N N   . HIS A 1 70  ? 0.359   1.169   -13.782 1.00 13.46 ? 70   HIS X N   1 
ATOM   519  C CA  . HIS A 1 70  ? 0.786   -0.167  -13.365 1.00 13.20 ? 70   HIS X CA  1 
ATOM   520  C C   . HIS A 1 70  ? 2.309   -0.364  -13.361 1.00 13.02 ? 70   HIS X C   1 
ATOM   521  O O   . HIS A 1 70  ? 2.810   -1.495  -13.489 1.00 13.03 ? 70   HIS X O   1 
ATOM   522  C CB  . HIS A 1 70  ? 0.065   -1.222  -14.221 1.00 13.64 ? 70   HIS X CB  1 
ATOM   523  C CG  . HIS A 1 70  ? -1.426  -1.065  -14.217 1.00 14.45 ? 70   HIS X CG  1 
ATOM   524  N ND1 . HIS A 1 70  ? -2.133  -0.590  -15.302 1.00 16.28 ? 70   HIS X ND1 1 
ATOM   525  C CD2 . HIS A 1 70  ? -2.339  -1.296  -13.245 1.00 15.06 ? 70   HIS X CD2 1 
ATOM   526  C CE1 . HIS A 1 70  ? -3.421  -0.546  -15.001 1.00 15.18 ? 70   HIS X CE1 1 
ATOM   527  N NE2 . HIS A 1 70  ? -3.572  -0.971  -13.758 1.00 17.47 ? 70   HIS X NE2 1 
ATOM   528  N N   . ASN A 1 71  ? 3.052   0.734   -13.186 1.00 11.82 ? 71   ASN X N   1 
ATOM   529  C CA  . ASN A 1 71  ? 4.508   0.659   -13.294 1.00 11.56 ? 71   ASN X CA  1 
ATOM   530  C C   . ASN A 1 71  ? 5.333   1.572   -12.377 1.00 11.39 ? 71   ASN X C   1 
ATOM   531  O O   . ASN A 1 71  ? 6.572   1.541   -12.414 1.00 11.64 ? 71   ASN X O   1 
ATOM   532  C CB  . ASN A 1 71  ? 4.950   0.792   -14.770 1.00 11.24 ? 71   ASN X CB  1 
ATOM   533  C CG  . ASN A 1 71  ? 4.680   2.174   -15.347 1.00 12.18 ? 71   ASN X CG  1 
ATOM   534  O OD1 . ASN A 1 71  ? 4.369   3.111   -14.615 1.00 11.56 ? 71   ASN X OD1 1 
ATOM   535  N ND2 . ASN A 1 71  ? 4.804   2.305   -16.670 1.00 12.47 ? 71   ASN X ND2 1 
ATOM   536  N N   . GLY A 1 72  ? 4.655   2.357   -11.538 1.00 10.65 ? 72   GLY X N   1 
ATOM   537  C CA  . GLY A 1 72  ? 5.342   3.265   -10.635 1.00 9.94  ? 72   GLY X CA  1 
ATOM   538  C C   . GLY A 1 72  ? 5.282   4.716   -11.055 1.00 9.31  ? 72   GLY X C   1 
ATOM   539  O O   . GLY A 1 72  ? 5.643   5.597   -10.273 1.00 9.41  ? 72   GLY X O   1 
ATOM   540  N N   . THR A 1 73  ? 4.837   4.976   -12.285 1.00 9.60  ? 73   THR X N   1 
ATOM   541  C CA  . THR A 1 73  ? 4.768   6.355   -12.784 1.00 9.76  ? 73   THR X CA  1 
ATOM   542  C C   . THR A 1 73  ? 3.412   7.027   -12.564 1.00 9.74  ? 73   THR X C   1 
ATOM   543  O O   . THR A 1 73  ? 3.293   8.252   -12.741 1.00 10.38 ? 73   THR X O   1 
ATOM   544  C CB  . THR A 1 73  ? 5.118   6.445   -14.288 1.00 9.03  ? 73   THR X CB  1 
ATOM   545  O OG1 . THR A 1 73  ? 4.140   5.719   -15.052 1.00 10.36 ? 73   THR X OG1 1 
ATOM   546  C CG2 . THR A 1 73  ? 6.457   5.759   -14.602 1.00 9.88  ? 73   THR X CG2 1 
ATOM   547  N N   . GLY A 1 74  ? 2.401   6.250   -12.175 1.00 9.67  ? 74   GLY X N   1 
ATOM   548  C CA  . GLY A 1 74  ? 1.035   6.747   -12.167 1.00 9.60  ? 74   GLY X CA  1 
ATOM   549  C C   . GLY A 1 74  ? 0.343   6.765   -10.814 1.00 9.87  ? 74   GLY X C   1 
ATOM   550  O O   . GLY A 1 74  ? 0.984   6.883   -9.763  1.00 9.33  ? 74   GLY X O   1 
ATOM   551  N N   . GLY A 1 75  ? -0.978  6.631   -10.856 1.00 10.12 ? 75   GLY X N   1 
ATOM   552  C CA  . GLY A 1 75  ? -1.797  6.776   -9.666  1.00 10.57 ? 75   GLY X CA  1 
ATOM   553  C C   . GLY A 1 75  ? -2.264  8.202   -9.436  1.00 10.51 ? 75   GLY X C   1 
ATOM   554  O O   . GLY A 1 75  ? -1.752  9.146   -10.058 1.00 11.36 ? 75   GLY X O   1 
ATOM   555  N N   . LYS A 1 76  ? -3.255  8.342   -8.554  1.00 9.61  ? 76   LYS X N   1 
ATOM   556  C CA  . LYS A 1 76  ? -3.811  9.638   -8.165  1.00 8.96  ? 76   LYS X CA  1 
ATOM   557  C C   . LYS A 1 76  ? -4.570  9.474   -6.854  1.00 8.69  ? 76   LYS X C   1 
ATOM   558  O O   . LYS A 1 76  ? -4.974  8.366   -6.503  1.00 7.92  ? 76   LYS X O   1 
ATOM   559  C CB  . LYS A 1 76  ? -4.737  10.211  -9.250  1.00 9.15  ? 76   LYS X CB  1 
ATOM   560  C CG  . LYS A 1 76  ? -5.972  9.387   -9.548  1.00 9.81  ? 76   LYS X CG  1 
ATOM   561  C CD  . LYS A 1 76  ? -6.782  9.954   -10.715 1.00 10.60 ? 76   LYS X CD  1 
ATOM   562  C CE  . LYS A 1 76  ? -7.918  8.991   -11.069 1.00 11.58 ? 76   LYS X CE  1 
ATOM   563  N NZ  . LYS A 1 76  ? -8.784  9.518   -12.184 1.00 12.21 ? 76   LYS X NZ  1 
ATOM   564  N N   . SER A 1 77  ? -4.763  10.581  -6.137  1.00 8.28  ? 77   SER X N   1 
ATOM   565  C CA  . SER A 1 77  ? -5.489  10.544  -4.870  1.00 8.19  ? 77   SER X CA  1 
ATOM   566  C C   . SER A 1 77  ? -6.944  10.939  -5.080  1.00 8.21  ? 77   SER X C   1 
ATOM   567  O O   . SER A 1 77  ? -7.324  11.390  -6.166  1.00 8.04  ? 77   SER X O   1 
ATOM   568  C CB  . SER A 1 77  ? -4.832  11.452  -3.823  1.00 7.93  ? 77   SER X CB  1 
ATOM   569  O OG  . SER A 1 77  ? -5.230  12.813  -3.960  1.00 9.39  ? 77   SER X OG  1 
ATOM   570  N N   . ILE A 1 78  ? -7.759  10.758  -4.043  1.00 7.61  ? 78   ILE X N   1 
ATOM   571  C CA  . ILE A 1 78  ? -9.161  11.191  -4.097  1.00 7.35  ? 78   ILE X CA  1 
ATOM   572  C C   . ILE A 1 78  ? -9.315  12.714  -4.106  1.00 7.61  ? 78   ILE X C   1 
ATOM   573  O O   . ILE A 1 78  ? -10.379 13.232  -4.465  1.00 7.47  ? 78   ILE X O   1 
ATOM   574  C CB  . ILE A 1 78  ? -10.003 10.547  -2.958  1.00 7.41  ? 78   ILE X CB  1 
ATOM   575  C CG1 . ILE A 1 78  ? -9.534  11.035  -1.572  1.00 6.66  ? 78   ILE X CG1 1 
ATOM   576  C CG2 . ILE A 1 78  ? -9.975  9.011   -3.093  1.00 7.59  ? 78   ILE X CG2 1 
ATOM   577  C CD1 . ILE A 1 78  ? -10.469 10.625  -0.420  1.00 6.83  ? 78   ILE X CD1 1 
ATOM   578  N N   . TYR A 1 79  ? -8.239  13.416  -3.745  1.00 7.58  ? 79   TYR X N   1 
ATOM   579  C CA  . TYR A 1 79  ? -8.251  14.878  -3.643  1.00 7.80  ? 79   TYR X CA  1 
ATOM   580  C C   . TYR A 1 79  ? -7.831  15.595  -4.926  1.00 8.29  ? 79   TYR X C   1 
ATOM   581  O O   . TYR A 1 79  ? -8.177  16.762  -5.129  1.00 8.19  ? 79   TYR X O   1 
ATOM   582  C CB  . TYR A 1 79  ? -7.344  15.333  -2.494  1.00 7.91  ? 79   TYR X CB  1 
ATOM   583  C CG  . TYR A 1 79  ? -7.608  14.620  -1.198  1.00 7.05  ? 79   TYR X CG  1 
ATOM   584  C CD1 . TYR A 1 79  ? -8.842  14.743  -0.555  1.00 8.56  ? 79   TYR X CD1 1 
ATOM   585  C CD2 . TYR A 1 79  ? -6.618  13.822  -0.608  1.00 7.36  ? 79   TYR X CD2 1 
ATOM   586  C CE1 . TYR A 1 79  ? -9.097  14.079  0.647   1.00 7.42  ? 79   TYR X CE1 1 
ATOM   587  C CE2 . TYR A 1 79  ? -6.869  13.146  0.599   1.00 7.22  ? 79   TYR X CE2 1 
ATOM   588  C CZ  . TYR A 1 79  ? -8.101  13.281  1.211   1.00 9.24  ? 79   TYR X CZ  1 
ATOM   589  O OH  . TYR A 1 79  ? -8.357  12.635  2.402   1.00 7.75  ? 79   TYR X OH  1 
ATOM   590  N N   . GLY A 1 80  ? -7.102  14.877  -5.776  1.00 8.46  ? 80   GLY X N   1 
ATOM   591  C CA  . GLY A 1 80  ? -6.437  15.420  -6.955  1.00 8.79  ? 80   GLY X CA  1 
ATOM   592  C C   . GLY A 1 80  ? -5.224  14.553  -7.219  1.00 9.19  ? 80   GLY X C   1 
ATOM   593  O O   . GLY A 1 80  ? -5.085  13.489  -6.604  1.00 8.98  ? 80   GLY X O   1 
ATOM   594  N N   . SER A 1 81  ? -4.329  14.985  -8.110  1.00 8.72  ? 81   SER X N   1 
ATOM   595  C CA  . SER A 1 81  ? -3.229  14.101  -8.503  1.00 9.17  ? 81   SER X CA  1 
ATOM   596  C C   . SER A 1 81  ? -2.257  13.819  -7.366  1.00 8.99  ? 81   SER X C   1 
ATOM   597  O O   . SER A 1 81  ? -1.734  12.717  -7.277  1.00 9.12  ? 81   SER X O   1 
ATOM   598  C CB  . SER A 1 81  ? -2.492  14.619  -9.742  1.00 9.62  ? 81   SER X CB  1 
ATOM   599  O OG  . SER A 1 81  ? -1.823  15.839  -9.484  1.00 10.77 ? 81   SER X OG  1 
ATOM   600  N N   . ARG A 1 82  ? -2.022  14.816  -6.507  1.00 8.99  ? 82   ARG X N   1 
ATOM   601  C CA  . ARG A 1 82  ? -1.096  14.690  -5.376  1.00 9.00  ? 82   ARG X CA  1 
ATOM   602  C C   . ARG A 1 82  ? -1.628  15.451  -4.155  1.00 8.78  ? 82   ARG X C   1 
ATOM   603  O O   . ARG A 1 82  ? -2.381  16.412  -4.300  1.00 8.23  ? 82   ARG X O   1 
ATOM   604  C CB  . ARG A 1 82  ? 0.274   15.271  -5.741  1.00 9.66  ? 82   ARG X CB  1 
ATOM   605  C CG  . ARG A 1 82  ? 1.075   14.451  -6.729  1.00 11.23 ? 82   ARG X CG  1 
ATOM   606  C CD  . ARG A 1 82  ? 2.184   15.239  -7.412  1.00 14.48 ? 82   ARG X CD  1 
ATOM   607  N NE  . ARG A 1 82  ? 3.079   14.320  -8.106  1.00 18.56 ? 82   ARG X NE  1 
ATOM   608  C CZ  . ARG A 1 82  ? 4.328   14.596  -8.450  1.00 18.80 ? 82   ARG X CZ  1 
ATOM   609  N NH1 . ARG A 1 82  ? 4.855   15.790  -8.192  1.00 19.60 ? 82   ARG X NH1 1 
ATOM   610  N NH2 . ARG A 1 82  ? 5.045   13.671  -9.073  1.00 20.40 ? 82   ARG X NH2 1 
ATOM   611  N N   . PHE A 1 83  ? -1.239  15.017  -2.954  1.00 8.50  ? 83   PHE X N   1 
ATOM   612  C CA  . PHE A 1 83  ? -1.581  15.751  -1.729  1.00 8.00  ? 83   PHE X CA  1 
ATOM   613  C C   . PHE A 1 83  ? -0.381  15.782  -0.764  1.00 8.01  ? 83   PHE X C   1 
ATOM   614  O O   . PHE A 1 83  ? 0.546   14.970  -0.902  1.00 8.09  ? 83   PHE X O   1 
ATOM   615  C CB  . PHE A 1 83  ? -2.878  15.209  -1.080  1.00 8.32  ? 83   PHE X CB  1 
ATOM   616  C CG  . PHE A 1 83  ? -2.769  13.809  -0.513  1.00 7.06  ? 83   PHE X CG  1 
ATOM   617  C CD1 . PHE A 1 83  ? -2.835  12.686  -1.352  1.00 7.14  ? 83   PHE X CD1 1 
ATOM   618  C CD2 . PHE A 1 83  ? -2.657  13.617  0.864   1.00 7.29  ? 83   PHE X CD2 1 
ATOM   619  C CE1 . PHE A 1 83  ? -2.754  11.386  -0.826  1.00 6.11  ? 83   PHE X CE1 1 
ATOM   620  C CE2 . PHE A 1 83  ? -2.587  12.327  1.411   1.00 8.76  ? 83   PHE X CE2 1 
ATOM   621  C CZ  . PHE A 1 83  ? -2.633  11.207  0.560   1.00 6.46  ? 83   PHE X CZ  1 
ATOM   622  N N   . PRO A 1 84  ? -0.350  16.759  0.150   1.00 7.98  ? 84   PRO X N   1 
ATOM   623  C CA  . PRO A 1 84  ? 0.807   16.944  1.043   1.00 7.65  ? 84   PRO X CA  1 
ATOM   624  C C   . PRO A 1 84  ? 1.091   15.796  1.995   1.00 7.30  ? 84   PRO X C   1 
ATOM   625  O O   . PRO A 1 84  ? 0.204   14.995  2.292   1.00 7.48  ? 84   PRO X O   1 
ATOM   626  C CB  . PRO A 1 84  ? 0.425   18.177  1.876   1.00 8.23  ? 84   PRO X CB  1 
ATOM   627  C CG  . PRO A 1 84  ? -0.593  18.889  1.072   1.00 8.13  ? 84   PRO X CG  1 
ATOM   628  C CD  . PRO A 1 84  ? -1.367  17.812  0.350   1.00 7.99  ? 84   PRO X CD  1 
ATOM   629  N N   . ASP A 1 85  ? 2.333   15.736  2.482   1.00 6.96  ? 85   ASP X N   1 
ATOM   630  C CA  . ASP A 1 85  ? 2.673   14.886  3.629   1.00 7.20  ? 85   ASP X CA  1 
ATOM   631  C C   . ASP A 1 85  ? 1.936   15.396  4.864   1.00 7.42  ? 85   ASP X C   1 
ATOM   632  O O   . ASP A 1 85  ? 2.166   16.519  5.302   1.00 8.15  ? 85   ASP X O   1 
ATOM   633  C CB  . ASP A 1 85  ? 4.177   14.939  3.894   1.00 6.86  ? 85   ASP X CB  1 
ATOM   634  C CG  . ASP A 1 85  ? 4.992   14.382  2.748   1.00 7.47  ? 85   ASP X CG  1 
ATOM   635  O OD1 . ASP A 1 85  ? 4.577   13.352  2.179   1.00 6.89  ? 85   ASP X OD1 1 
ATOM   636  O OD2 . ASP A 1 85  ? 6.061   14.901  2.366   1.00 7.63  ? 85   ASP X OD2 1 
ATOM   637  N N   . GLU A 1 86  ? 1.036   14.578  5.406   1.00 7.17  ? 86   GLU X N   1 
ATOM   638  C CA  . GLU A 1 86  ? 0.173   15.009  6.502   1.00 6.98  ? 86   GLU X CA  1 
ATOM   639  C C   . GLU A 1 86  ? 0.976   15.224  7.796   1.00 6.73  ? 86   GLU X C   1 
ATOM   640  O O   . GLU A 1 86  ? 0.879   16.274  8.430   1.00 7.34  ? 86   GLU X O   1 
ATOM   641  C CB  . GLU A 1 86  ? -0.949  13.983  6.697   1.00 7.12  ? 86   GLU X CB  1 
ATOM   642  C CG  . GLU A 1 86  ? -2.058  14.427  7.637   1.00 6.96  ? 86   GLU X CG  1 
ATOM   643  C CD  . GLU A 1 86  ? -3.286  13.553  7.506   1.00 5.71  ? 86   GLU X CD  1 
ATOM   644  O OE1 . GLU A 1 86  ? -3.177  12.480  6.872   1.00 7.91  ? 86   GLU X OE1 1 
ATOM   645  O OE2 . GLU A 1 86  ? -4.350  13.943  8.028   1.00 6.89  ? 86   GLU X OE2 1 
ATOM   646  N N   . ASN A 1 87  ? 1.769   14.220  8.163   1.00 6.44  ? 87   ASN X N   1 
ATOM   647  C CA  . ASN A 1 87  ? 2.749   14.317  9.242   1.00 6.78  ? 87   ASN X CA  1 
ATOM   648  C C   . ASN A 1 87  ? 3.620   13.074  9.195   1.00 6.73  ? 87   ASN X C   1 
ATOM   649  O O   . ASN A 1 87  ? 3.317   12.131  8.453   1.00 6.54  ? 87   ASN X O   1 
ATOM   650  C CB  . ASN A 1 87  ? 2.075   14.467  10.630  1.00 6.74  ? 87   ASN X CB  1 
ATOM   651  C CG  . ASN A 1 87  ? 1.204   13.283  10.997  1.00 7.18  ? 87   ASN X CG  1 
ATOM   652  O OD1 . ASN A 1 87  ? 1.677   12.137  11.070  1.00 7.31  ? 87   ASN X OD1 1 
ATOM   653  N ND2 . ASN A 1 87  ? -0.084  13.543  11.207  1.00 6.99  ? 87   ASN X ND2 1 
ATOM   654  N N   . PHE A 1 88  ? 4.687   13.074  9.986   1.00 6.71  ? 88   PHE X N   1 
ATOM   655  C CA  . PHE A 1 88  ? 5.578   11.923  10.076  1.00 7.20  ? 88   PHE X CA  1 
ATOM   656  C C   . PHE A 1 88  ? 5.571   11.331  11.489  1.00 7.72  ? 88   PHE X C   1 
ATOM   657  O O   . PHE A 1 88  ? 6.589   10.837  11.988  1.00 8.12  ? 88   PHE X O   1 
ATOM   658  C CB  . PHE A 1 88  ? 6.992   12.331  9.637   1.00 7.30  ? 88   PHE X CB  1 
ATOM   659  C CG  . PHE A 1 88  ? 7.060   12.859  8.221   1.00 8.04  ? 88   PHE X CG  1 
ATOM   660  C CD1 . PHE A 1 88  ? 6.853   12.004  7.130   1.00 8.38  ? 88   PHE X CD1 1 
ATOM   661  C CD2 . PHE A 1 88  ? 7.347   14.198  7.974   1.00 9.76  ? 88   PHE X CD2 1 
ATOM   662  C CE1 . PHE A 1 88  ? 6.922   12.478  5.808   1.00 7.41  ? 88   PHE X CE1 1 
ATOM   663  C CE2 . PHE A 1 88  ? 7.429   14.685  6.656   1.00 9.92  ? 88   PHE X CE2 1 
ATOM   664  C CZ  . PHE A 1 88  ? 7.211   13.825  5.568   1.00 9.09  ? 88   PHE X CZ  1 
ATOM   665  N N   . THR A 1 89  ? 4.406   11.366  12.127  1.00 7.27  ? 89   THR X N   1 
ATOM   666  C CA  . THR A 1 89  ? 4.292   10.951  13.528  1.00 7.44  ? 89   THR X CA  1 
ATOM   667  C C   . THR A 1 89  ? 4.555   9.455   13.727  1.00 7.61  ? 89   THR X C   1 
ATOM   668  O O   . THR A 1 89  ? 5.311   9.058   14.630  1.00 7.82  ? 89   THR X O   1 
ATOM   669  C CB  . THR A 1 89  ? 2.913   11.338  14.072  1.00 7.48  ? 89   THR X CB  1 
ATOM   670  O OG1 . THR A 1 89  ? 2.807   12.775  14.075  1.00 8.96  ? 89   THR X OG1 1 
ATOM   671  C CG2 . THR A 1 89  ? 2.779   10.943  15.552  1.00 7.63  ? 89   THR X CG2 1 
ATOM   672  N N   . LEU A 1 90  ? 3.922   8.637   12.888  1.00 7.30  ? 90   LEU X N   1 
ATOM   673  C CA  . LEU A 1 90  ? 4.138   7.184   12.908  1.00 7.48  ? 90   LEU X CA  1 
ATOM   674  C C   . LEU A 1 90  ? 5.456   6.856   12.208  1.00 7.42  ? 90   LEU X C   1 
ATOM   675  O O   . LEU A 1 90  ? 5.816   7.484   11.205  1.00 7.34  ? 90   LEU X O   1 
ATOM   676  C CB  . LEU A 1 90  ? 2.968   6.461   12.237  1.00 6.90  ? 90   LEU X CB  1 
ATOM   677  C CG  . LEU A 1 90  ? 1.675   6.443   13.061  1.00 7.82  ? 90   LEU X CG  1 
ATOM   678  C CD1 . LEU A 1 90  ? 0.469   6.266   12.153  1.00 7.82  ? 90   LEU X CD1 1 
ATOM   679  C CD2 . LEU A 1 90  ? 1.743   5.331   14.106  1.00 7.92  ? 90   LEU X CD2 1 
ATOM   680  N N   . LYS A 1 91  ? 6.187   5.892   12.759  1.00 7.44  ? 91   LYS X N   1 
ATOM   681  C CA  . LYS A 1 91  ? 7.501   5.545   12.232  1.00 7.86  ? 91   LYS X CA  1 
ATOM   682  C C   . LYS A 1 91  ? 7.499   4.173   11.558  1.00 7.61  ? 91   LYS X C   1 
ATOM   683  O O   . LYS A 1 91  ? 6.565   3.379   11.737  1.00 8.06  ? 91   LYS X O   1 
ATOM   684  C CB  . LYS A 1 91  ? 8.563   5.614   13.334  1.00 7.53  ? 91   LYS X CB  1 
ATOM   685  C CG  . LYS A 1 91  ? 8.557   6.935   14.121  1.00 8.32  ? 91   LYS X CG  1 
ATOM   686  C CD  . LYS A 1 91  ? 8.761   8.145   13.208  1.00 10.48 ? 91   LYS X CD  1 
ATOM   687  C CE  . LYS A 1 91  ? 8.788   9.439   14.027  1.00 11.55 ? 91   LYS X CE  1 
ATOM   688  N NZ  . LYS A 1 91  ? 8.898   10.649  13.152  1.00 12.41 ? 91   LYS X NZ  1 
ATOM   689  N N   . HIS A 1 92  ? 8.549   3.915   10.778  1.00 7.82  ? 92   HIS X N   1 
ATOM   690  C CA  . HIS A 1 92  ? 8.700   2.653   10.066  1.00 8.21  ? 92   HIS X CA  1 
ATOM   691  C C   . HIS A 1 92  ? 9.361   1.681   11.040  1.00 8.91  ? 92   HIS X C   1 
ATOM   692  O O   . HIS A 1 92  ? 10.556  1.426   10.966  1.00 10.17 ? 92   HIS X O   1 
ATOM   693  C CB  . HIS A 1 92  ? 9.556   2.854   8.812   1.00 7.92  ? 92   HIS X CB  1 
ATOM   694  C CG  . HIS A 1 92  ? 8.927   3.739   7.778   1.00 6.91  ? 92   HIS X CG  1 
ATOM   695  N ND1 . HIS A 1 92  ? 9.000   5.116   7.825   1.00 6.96  ? 92   HIS X ND1 1 
ATOM   696  C CD2 . HIS A 1 92  ? 8.222   3.438   6.663   1.00 7.60  ? 92   HIS X CD2 1 
ATOM   697  C CE1 . HIS A 1 92  ? 8.354   5.626   6.791   1.00 7.02  ? 92   HIS X CE1 1 
ATOM   698  N NE2 . HIS A 1 92  ? 7.871   4.630   6.072   1.00 8.02  ? 92   HIS X NE2 1 
ATOM   699  N N   . VAL A 1 93  ? 8.558   1.154   11.962  1.00 9.55  ? 93   VAL X N   1 
ATOM   700  C CA  . VAL A 1 93  ? 9.073   0.428   13.129  1.00 9.67  ? 93   VAL X CA  1 
ATOM   701  C C   . VAL A 1 93  ? 9.447   -1.041  12.870  1.00 9.36  ? 93   VAL X C   1 
ATOM   702  O O   . VAL A 1 93  ? 10.171  -1.650  13.665  1.00 9.68  ? 93   VAL X O   1 
ATOM   703  C CB  . VAL A 1 93  ? 8.080   0.521   14.318  1.00 9.98  ? 93   VAL X CB  1 
ATOM   704  C CG1 . VAL A 1 93  ? 7.900   1.972   14.756  1.00 10.46 ? 93   VAL X CG1 1 
ATOM   705  C CG2 . VAL A 1 93  ? 6.733   -0.114  13.969  1.00 10.46 ? 93   VAL X CG2 1 
ATOM   706  N N   . GLY A 1 94  ? 8.956   -1.614  11.773  1.00 9.17  ? 94   GLY X N   1 
ATOM   707  C CA  . GLY A 1 94  ? 9.193   -3.025  11.504  1.00 9.24  ? 94   GLY X CA  1 
ATOM   708  C C   . GLY A 1 94  ? 8.329   -3.591  10.401  1.00 9.18  ? 94   GLY X C   1 
ATOM   709  O O   . GLY A 1 94  ? 7.640   -2.845  9.708   1.00 9.56  ? 94   GLY X O   1 
ATOM   710  N N   . PRO A 1 95  ? 8.368   -4.908  10.224  1.00 9.25  ? 95   PRO X N   1 
ATOM   711  C CA  . PRO A 1 95  ? 7.519   -5.573  9.225   1.00 9.26  ? 95   PRO X CA  1 
ATOM   712  C C   . PRO A 1 95  ? 6.039   -5.271  9.456   1.00 8.89  ? 95   PRO X C   1 
ATOM   713  O O   . PRO A 1 95  ? 5.605   -5.222  10.612  1.00 9.95  ? 95   PRO X O   1 
ATOM   714  C CB  . PRO A 1 95  ? 7.767   -7.063  9.476   1.00 9.25  ? 95   PRO X CB  1 
ATOM   715  C CG  . PRO A 1 95  ? 9.075   -7.138  10.171  1.00 9.60  ? 95   PRO X CG  1 
ATOM   716  C CD  . PRO A 1 95  ? 9.235   -5.853  10.953  1.00 9.41  ? 95   PRO X CD  1 
ATOM   717  N N   . GLY A 1 96  ? 5.294   -5.056  8.375   1.00 8.45  ? 96   GLY X N   1 
ATOM   718  C CA  . GLY A 1 96  ? 3.861   -4.858  8.447   1.00 7.61  ? 96   GLY X CA  1 
ATOM   719  C C   . GLY A 1 96  ? 3.439   -3.405  8.397   1.00 7.73  ? 96   GLY X C   1 
ATOM   720  O O   . GLY A 1 96  ? 2.257   -3.135  8.257   1.00 6.87  ? 96   GLY X O   1 
ATOM   721  N N   . VAL A 1 97  ? 4.394   -2.480  8.518   1.00 7.11  ? 97   VAL X N   1 
ATOM   722  C CA  . VAL A 1 97  ? 4.091   -1.050  8.402   1.00 7.40  ? 97   VAL X CA  1 
ATOM   723  C C   . VAL A 1 97  ? 3.568   -0.721  6.989   1.00 7.12  ? 97   VAL X C   1 
ATOM   724  O O   . VAL A 1 97  ? 4.143   -1.153  5.983   1.00 7.11  ? 97   VAL X O   1 
ATOM   725  C CB  . VAL A 1 97  ? 5.328   -0.188  8.767   1.00 7.93  ? 97   VAL X CB  1 
ATOM   726  C CG1 . VAL A 1 97  ? 5.178   1.254   8.279   1.00 7.91  ? 97   VAL X CG1 1 
ATOM   727  C CG2 . VAL A 1 97  ? 5.571   -0.199  10.289  1.00 7.33  ? 97   VAL X CG2 1 
ATOM   728  N N   . LEU A 1 98  ? 2.471   0.031   6.939   1.00 7.10  ? 98   LEU X N   1 
ATOM   729  C CA  . LEU A 1 98  ? 1.848   0.508   5.700   1.00 6.85  ? 98   LEU X CA  1 
ATOM   730  C C   . LEU A 1 98  ? 2.207   1.982   5.549   1.00 7.18  ? 98   LEU X C   1 
ATOM   731  O O   . LEU A 1 98  ? 1.967   2.762   6.463   1.00 8.00  ? 98   LEU X O   1 
ATOM   732  C CB  . LEU A 1 98  ? 0.326   0.363   5.808   1.00 7.49  ? 98   LEU X CB  1 
ATOM   733  C CG  . LEU A 1 98  ? -0.557  0.831   4.649   1.00 7.24  ? 98   LEU X CG  1 
ATOM   734  C CD1 . LEU A 1 98  ? -0.264  0.025   3.384   1.00 9.17  ? 98   LEU X CD1 1 
ATOM   735  C CD2 . LEU A 1 98  ? -2.029  0.703   5.047   1.00 7.68  ? 98   LEU X CD2 1 
ATOM   736  N N   . SER A 1 99  ? 2.785   2.358   4.411   1.00 6.74  ? 99   SER X N   1 
ATOM   737  C CA  . SER A 1 99  ? 3.316   3.713   4.239   1.00 6.68  ? 99   SER X CA  1 
ATOM   738  C C   . SER A 1 99  ? 3.140   4.201   2.811   1.00 6.36  ? 99   SER X C   1 
ATOM   739  O O   . SER A 1 99  ? 3.012   3.398   1.890   1.00 6.11  ? 99   SER X O   1 
ATOM   740  C CB  . SER A 1 99  ? 4.788   3.743   4.672   1.00 6.64  ? 99   SER X CB  1 
ATOM   741  O OG  . SER A 1 99  ? 5.362   5.047   4.607   1.00 6.96  ? 99   SER X OG  1 
ATOM   742  N N   . MET A 1 100 ? 3.108   5.521   2.623   1.00 6.29  ? 100  MET X N   1 
ATOM   743  C CA  . MET A 1 100 ? 2.929   6.075   1.284   1.00 6.74  ? 100  MET X CA  1 
ATOM   744  C C   . MET A 1 100 ? 4.235   6.148   0.500   1.00 6.86  ? 100  MET X C   1 
ATOM   745  O O   . MET A 1 100 ? 5.226   6.698   0.976   1.00 6.80  ? 100  MET X O   1 
ATOM   746  C CB  . MET A 1 100 ? 2.328   7.479   1.354   1.00 6.77  ? 100  MET X CB  1 
ATOM   747  C CG  . MET A 1 100 ? 0.869   7.544   1.823   1.00 7.03  ? 100  MET X CG  1 
ATOM   748  S SD  . MET A 1 100 ? -0.261  6.627   0.768   1.00 8.35  ? 100  MET X SD  1 
ATOM   749  C CE  . MET A 1 100 ? -0.377  7.741   -0.700  1.00 9.02  ? 100  MET X CE  1 
ATOM   750  N N   . ALA A 1 101 ? 4.226   5.597   -0.712  1.00 6.70  ? 101  ALA X N   1 
ATOM   751  C CA  . ALA A 1 101 ? 5.309   5.832   -1.663  1.00 6.82  ? 101  ALA X CA  1 
ATOM   752  C C   . ALA A 1 101 ? 5.112   7.245   -2.194  1.00 7.44  ? 101  ALA X C   1 
ATOM   753  O O   . ALA A 1 101 ? 4.007   7.800   -2.097  1.00 7.13  ? 101  ALA X O   1 
ATOM   754  C CB  . ALA A 1 101 ? 5.240   4.805   -2.792  1.00 6.45  ? 101  ALA X CB  1 
ATOM   755  N N   . ASN A 1 102 ? 6.176   7.848   -2.712  1.00 7.70  ? 102  ASN X N   1 
ATOM   756  C CA  . ASN A 1 102 ? 6.073   9.204   -3.252  1.00 8.77  ? 102  ASN X CA  1 
ATOM   757  C C   . ASN A 1 102 ? 7.171   9.520   -4.272  1.00 9.92  ? 102  ASN X C   1 
ATOM   758  O O   . ASN A 1 102 ? 7.955   8.634   -4.652  1.00 10.93 ? 102  ASN X O   1 
ATOM   759  C CB  . ASN A 1 102 ? 6.015   10.250  -2.106  1.00 8.60  ? 102  ASN X CB  1 
ATOM   760  C CG  . ASN A 1 102 ? 7.240   10.221  -1.185  1.00 7.85  ? 102  ASN X CG  1 
ATOM   761  O OD1 . ASN A 1 102 ? 7.109   10.257  0.062   1.00 10.58 ? 102  ASN X OD1 1 
ATOM   762  N ND2 . ASN A 1 102 ? 8.418   10.216  -1.768  1.00 5.67  ? 102  ASN X ND2 1 
ATOM   763  N N   . ALA A 1 103 ? 7.208   10.768  -4.728  1.00 10.15 ? 103  ALA X N   1 
ATOM   764  C CA  . ALA A 1 103 ? 8.267   11.230  -5.636  1.00 10.49 ? 103  ALA X CA  1 
ATOM   765  C C   . ALA A 1 103 ? 8.955   12.447  -5.024  1.00 10.54 ? 103  ALA X C   1 
ATOM   766  O O   . ALA A 1 103 ? 9.294   13.410  -5.734  1.00 11.55 ? 103  ALA X O   1 
ATOM   767  C CB  . ALA A 1 103 ? 7.676   11.567  -7.019  1.00 10.76 ? 103  ALA X CB  1 
ATOM   768  N N   . GLY A 1 104 ? 9.166   12.388  -3.707  1.00 9.85  ? 104  GLY X N   1 
ATOM   769  C CA  . GLY A 1 104 ? 9.729   13.494  -2.946  1.00 9.33  ? 104  GLY X CA  1 
ATOM   770  C C   . GLY A 1 104 ? 8.683   14.117  -2.025  1.00 8.71  ? 104  GLY X C   1 
ATOM   771  O O   . GLY A 1 104 ? 7.537   13.661  -1.991  1.00 8.96  ? 104  GLY X O   1 
ATOM   772  N N   . PRO A 1 105 ? 9.060   15.154  -1.283  1.00 8.73  ? 105  PRO X N   1 
ATOM   773  C CA  . PRO A 1 105 ? 8.141   15.802  -0.336  1.00 8.32  ? 105  PRO X CA  1 
ATOM   774  C C   . PRO A 1 105 ? 6.822   16.243  -0.982  1.00 8.01  ? 105  PRO X C   1 
ATOM   775  O O   . PRO A 1 105 ? 6.825   16.795  -2.094  1.00 8.44  ? 105  PRO X O   1 
ATOM   776  C CB  . PRO A 1 105 ? 8.945   17.004  0.167   1.00 7.77  ? 105  PRO X CB  1 
ATOM   777  C CG  . PRO A 1 105 ? 10.371  16.547  0.025   1.00 8.74  ? 105  PRO X CG  1 
ATOM   778  C CD  . PRO A 1 105 ? 10.401  15.769  -1.270  1.00 8.87  ? 105  PRO X CD  1 
ATOM   779  N N   . ASN A 1 106 ? 5.718   15.961  -0.294  1.00 7.84  ? 106  ASN X N   1 
ATOM   780  C CA  . ASN A 1 106 ? 4.377   16.422  -0.693  1.00 7.93  ? 106  ASN X CA  1 
ATOM   781  C C   . ASN A 1 106 ? 3.929   15.971  -2.086  1.00 8.14  ? 106  ASN X C   1 
ATOM   782  O O   . ASN A 1 106 ? 3.399   16.768  -2.874  1.00 8.30  ? 106  ASN X O   1 
ATOM   783  C CB  . ASN A 1 106 ? 4.284   17.946  -0.563  1.00 7.99  ? 106  ASN X CB  1 
ATOM   784  C CG  . ASN A 1 106 ? 4.643   18.424  0.829   1.00 8.09  ? 106  ASN X CG  1 
ATOM   785  O OD1 . ASN A 1 106 ? 4.033   17.998  1.819   1.00 9.14  ? 106  ASN X OD1 1 
ATOM   786  N ND2 . ASN A 1 106 ? 5.641   19.296  0.922   1.00 7.54  ? 106  ASN X ND2 1 
ATOM   787  N N   . THR A 1 107 ? 4.124   14.690  -2.388  1.00 7.98  ? 107  THR X N   1 
ATOM   788  C CA  . THR A 1 107 ? 3.707   14.148  -3.684  1.00 8.19  ? 107  THR X CA  1 
ATOM   789  C C   . THR A 1 107 ? 2.945   12.835  -3.533  1.00 7.99  ? 107  THR X C   1 
ATOM   790  O O   . THR A 1 107 ? 2.994   11.972  -4.413  1.00 8.27  ? 107  THR X O   1 
ATOM   791  C CB  . THR A 1 107 ? 4.913   13.923  -4.610  1.00 8.41  ? 107  THR X CB  1 
ATOM   792  O OG1 . THR A 1 107 ? 5.850   13.063  -3.948  1.00 8.60  ? 107  THR X OG1 1 
ATOM   793  C CG2 . THR A 1 107 ? 5.689   15.223  -4.839  1.00 9.64  ? 107  THR X CG2 1 
ATOM   794  N N   . ASN A 1 108 ? 2.240   12.678  -2.418  1.00 7.43  ? 108  ASN X N   1 
ATOM   795  C CA  . ASN A 1 108 ? 1.437   11.479  -2.223  1.00 7.51  ? 108  ASN X CA  1 
ATOM   796  C C   . ASN A 1 108 ? 0.335   11.374  -3.258  1.00 7.44  ? 108  ASN X C   1 
ATOM   797  O O   . ASN A 1 108 ? -0.343  12.368  -3.538  1.00 8.14  ? 108  ASN X O   1 
ATOM   798  C CB  . ASN A 1 108 ? 0.827   11.494  -0.828  1.00 7.00  ? 108  ASN X CB  1 
ATOM   799  C CG  . ASN A 1 108 ? 1.875   11.567  0.247   1.00 7.24  ? 108  ASN X CG  1 
ATOM   800  O OD1 . ASN A 1 108 ? 2.569   10.581  0.503   1.00 7.43  ? 108  ASN X OD1 1 
ATOM   801  N ND2 . ASN A 1 108 ? 2.040   12.748  0.853   1.00 4.69  ? 108  ASN X ND2 1 
ATOM   802  N N   . GLY A 1 109 ? 0.146   10.176  -3.808  1.00 7.19  ? 109  GLY X N   1 
ATOM   803  C CA  . GLY A 1 109 ? -0.915  9.939   -4.773  1.00 7.35  ? 109  GLY X CA  1 
ATOM   804  C C   . GLY A 1 109 ? -1.755  8.784   -4.291  1.00 7.40  ? 109  GLY X C   1 
ATOM   805  O O   . GLY A 1 109 ? -2.594  8.946   -3.394  1.00 7.36  ? 109  GLY X O   1 
ATOM   806  N N   . SER A 1 110 ? -1.511  7.615   -4.879  1.00 7.16  ? 110  SER X N   1 
ATOM   807  C CA  . SER A 1 110 ? -2.159  6.384   -4.450  1.00 7.47  ? 110  SER X CA  1 
ATOM   808  C C   . SER A 1 110 ? -1.165  5.247   -4.184  1.00 6.85  ? 110  SER X C   1 
ATOM   809  O O   . SER A 1 110 ? -1.554  4.169   -3.712  1.00 7.08  ? 110  SER X O   1 
ATOM   810  C CB  . SER A 1 110 ? -3.166  5.938   -5.506  1.00 7.37  ? 110  SER X CB  1 
ATOM   811  O OG  . SER A 1 110 ? -2.540  5.799   -6.772  1.00 8.42  ? 110  SER X OG  1 
ATOM   812  N N   . GLN A 1 111 ? 0.111   5.467   -4.480  1.00 6.70  ? 111  GLN X N   1 
ATOM   813  C CA  . GLN A 1 111 ? 1.088   4.389   -4.320  1.00 6.97  ? 111  GLN X CA  1 
ATOM   814  C C   . GLN A 1 111 ? 1.474   4.206   -2.861  1.00 6.69  ? 111  GLN X C   1 
ATOM   815  O O   . GLN A 1 111 ? 1.662   5.178   -2.125  1.00 6.91  ? 111  GLN X O   1 
ATOM   816  C CB  . GLN A 1 111 ? 2.313   4.605   -5.202  1.00 7.22  ? 111  GLN X CB  1 
ATOM   817  C CG  . GLN A 1 111 ? 1.977   4.453   -6.683  1.00 7.09  ? 111  GLN X CG  1 
ATOM   818  C CD  . GLN A 1 111 ? 3.203   4.483   -7.555  1.00 8.85  ? 111  GLN X CD  1 
ATOM   819  O OE1 . GLN A 1 111 ? 4.162   3.739   -7.322  1.00 8.66  ? 111  GLN X OE1 1 
ATOM   820  N NE2 . GLN A 1 111 ? 3.194   5.363   -8.548  1.00 9.94  ? 111  GLN X NE2 1 
ATOM   821  N N   . PHE A 1 112 ? 1.578   2.943   -2.459  1.00 6.75  ? 112  PHE X N   1 
ATOM   822  C CA  . PHE A 1 112 ? 1.828   2.588   -1.068  1.00 6.60  ? 112  PHE X CA  1 
ATOM   823  C C   . PHE A 1 112 ? 2.752   1.390   -1.010  1.00 6.74  ? 112  PHE X C   1 
ATOM   824  O O   . PHE A 1 112 ? 2.969   0.705   -2.015  1.00 6.94  ? 112  PHE X O   1 
ATOM   825  C CB  . PHE A 1 112 ? 0.498   2.281   -0.345  1.00 6.73  ? 112  PHE X CB  1 
ATOM   826  C CG  . PHE A 1 112 ? -0.232  1.068   -0.879  1.00 7.06  ? 112  PHE X CG  1 
ATOM   827  C CD1 . PHE A 1 112 ? -0.089  -0.171  -0.261  1.00 8.14  ? 112  PHE X CD1 1 
ATOM   828  C CD2 . PHE A 1 112 ? -1.079  1.177   -1.985  1.00 7.19  ? 112  PHE X CD2 1 
ATOM   829  C CE1 . PHE A 1 112 ? -0.767  -1.294  -0.750  1.00 7.79  ? 112  PHE X CE1 1 
ATOM   830  C CE2 . PHE A 1 112 ? -1.769  0.079   -2.477  1.00 7.68  ? 112  PHE X CE2 1 
ATOM   831  C CZ  . PHE A 1 112 ? -1.616  -1.172  -1.852  1.00 8.07  ? 112  PHE X CZ  1 
ATOM   832  N N   . PHE A 1 113 ? 3.296   1.133   0.173   1.00 6.65  ? 113  PHE X N   1 
ATOM   833  C CA  . PHE A 1 113 ? 4.128   -0.049  0.359   1.00 7.07  ? 113  PHE X CA  1 
ATOM   834  C C   . PHE A 1 113 ? 3.879   -0.663  1.721   1.00 7.08  ? 113  PHE X C   1 
ATOM   835  O O   . PHE A 1 113 ? 3.504   0.041   2.668   1.00 6.81  ? 113  PHE X O   1 
ATOM   836  C CB  . PHE A 1 113 ? 5.616   0.243   0.104   1.00 6.88  ? 113  PHE X CB  1 
ATOM   837  C CG  . PHE A 1 113 ? 6.244   1.267   1.041   1.00 7.37  ? 113  PHE X CG  1 
ATOM   838  C CD1 . PHE A 1 113 ? 5.997   2.631   0.886   1.00 7.72  ? 113  PHE X CD1 1 
ATOM   839  C CD2 . PHE A 1 113 ? 7.154   0.860   2.018   1.00 8.64  ? 113  PHE X CD2 1 
ATOM   840  C CE1 . PHE A 1 113 ? 6.601   3.569   1.717   1.00 7.48  ? 113  PHE X CE1 1 
ATOM   841  C CE2 . PHE A 1 113 ? 7.764   1.785   2.859   1.00 8.70  ? 113  PHE X CE2 1 
ATOM   842  C CZ  . PHE A 1 113 ? 7.487   3.145   2.715   1.00 7.63  ? 113  PHE X CZ  1 
ATOM   843  N N   . ILE A 1 114 ? 4.051   -1.984  1.795   1.00 7.34  ? 114  ILE X N   1 
ATOM   844  C CA  . ILE A 1 114 ? 3.997   -2.700  3.067   1.00 7.58  ? 114  ILE X CA  1 
ATOM   845  C C   . ILE A 1 114 ? 5.411   -3.194  3.346   1.00 7.84  ? 114  ILE X C   1 
ATOM   846  O O   . ILE A 1 114 ? 6.008   -3.895  2.523   1.00 7.86  ? 114  ILE X O   1 
ATOM   847  C CB  . ILE A 1 114 ? 2.996   -3.892  3.019   1.00 7.67  ? 114  ILE X CB  1 
ATOM   848  C CG1 . ILE A 1 114 ? 1.576   -3.387  2.704   1.00 6.94  ? 114  ILE X CG1 1 
ATOM   849  C CG2 . ILE A 1 114 ? 3.047   -4.671  4.360   1.00 6.86  ? 114  ILE X CG2 1 
ATOM   850  C CD1 . ILE A 1 114 ? 0.574   -4.468  2.291   1.00 9.22  ? 114  ILE X CD1 1 
ATOM   851  N N   . CYS A 1 115 ? 5.951   -2.811  4.498   1.00 7.82  ? 115  CYS X N   1 
ATOM   852  C CA  . CYS A 1 115 ? 7.331   -3.171  4.837   1.00 8.52  ? 115  CYS X CA  1 
ATOM   853  C C   . CYS A 1 115 ? 7.441   -4.637  5.249   1.00 8.93  ? 115  CYS X C   1 
ATOM   854  O O   . CYS A 1 115 ? 6.518   -5.201  5.834   1.00 9.78  ? 115  CYS X O   1 
ATOM   855  C CB  . CYS A 1 115 ? 7.870   -2.290  5.954   1.00 8.42  ? 115  CYS X CB  1 
ATOM   856  S SG  . CYS A 1 115 ? 7.825   -0.522  5.554   1.00 9.09  ? 115  CYS X SG  1 
ATOM   857  N N   . THR A 1 116 ? 8.581   -5.242  4.953   1.00 9.14  ? 116  THR X N   1 
ATOM   858  C CA  . THR A 1 116 ? 8.855   -6.588  5.449   1.00 9.57  ? 116  THR X CA  1 
ATOM   859  C C   . THR A 1 116 ? 10.028  -6.602  6.425   1.00 10.22 ? 116  THR X C   1 
ATOM   860  O O   . THR A 1 116 ? 10.400  -7.657  6.947   1.00 10.32 ? 116  THR X O   1 
ATOM   861  C CB  . THR A 1 116 ? 9.064   -7.599  4.285   1.00 9.64  ? 116  THR X CB  1 
ATOM   862  O OG1 . THR A 1 116 ? 10.121  -7.152  3.426   1.00 10.04 ? 116  THR X OG1 1 
ATOM   863  C CG2 . THR A 1 116 ? 7.840   -7.639  3.372   1.00 10.13 ? 116  THR X CG2 1 
ATOM   864  N N   . ILE A 1 117 ? 10.597  -5.423  6.656   1.00 10.64 ? 117  ILE X N   1 
ATOM   865  C CA  . ILE A 1 117 ? 11.625  -5.184  7.668   1.00 11.17 ? 117  ILE X CA  1 
ATOM   866  C C   . ILE A 1 117 ? 11.384  -3.799  8.266   1.00 11.23 ? 117  ILE X C   1 
ATOM   867  O O   . ILE A 1 117 ? 10.570  -3.033  7.757   1.00 10.84 ? 117  ILE X O   1 
ATOM   868  C CB  . ILE A 1 117 ? 13.057  -5.222  7.053   1.00 11.49 ? 117  ILE X CB  1 
ATOM   869  C CG1 . ILE A 1 117 ? 13.202  -4.184  5.921   1.00 11.81 ? 117  ILE X CG1 1 
ATOM   870  C CG2 . ILE A 1 117 ? 13.460  -6.654  6.613   1.00 13.21 ? 117  ILE X CG2 1 
ATOM   871  C CD1 . ILE A 1 117 ? 14.589  -3.657  5.751   1.00 15.34 ? 117  ILE X CD1 1 
ATOM   872  N N   . LYS A 1 118 ? 12.116  -3.476  9.327   1.00 11.09 ? 118  LYS X N   1 
ATOM   873  C CA  . LYS A 1 118 ? 12.164  -2.107  9.837   1.00 11.13 ? 118  LYS X CA  1 
ATOM   874  C C   . LYS A 1 118 ? 12.884  -1.233  8.803   1.00 11.14 ? 118  LYS X C   1 
ATOM   875  O O   . LYS A 1 118 ? 14.037  -1.512  8.445   1.00 11.40 ? 118  LYS X O   1 
ATOM   876  C CB  . LYS A 1 118 ? 12.904  -2.094  11.172  1.00 11.22 ? 118  LYS X CB  1 
ATOM   877  C CG  . LYS A 1 118 ? 13.054  -0.723  11.813  1.00 12.44 ? 118  LYS X CG  1 
ATOM   878  C CD  . LYS A 1 118 ? 13.609  -0.888  13.222  1.00 16.90 ? 118  LYS X CD  1 
ATOM   879  C CE  . LYS A 1 118 ? 13.955  0.430   13.834  1.00 20.13 ? 118  LYS X CE  1 
ATOM   880  N NZ  . LYS A 1 118 ? 15.004  0.267   14.895  1.00 24.25 ? 118  LYS X NZ  1 
ATOM   881  N N   . THR A 1 119 ? 12.210  -0.195  8.307   1.00 10.75 ? 119  THR X N   1 
ATOM   882  C CA  . THR A 1 119 ? 12.825  0.708   7.328   1.00 10.44 ? 119  THR X CA  1 
ATOM   883  C C   . THR A 1 119 ? 13.008  2.114   7.890   1.00 10.57 ? 119  THR X C   1 
ATOM   884  O O   . THR A 1 119 ? 12.421  3.075   7.393   1.00 10.75 ? 119  THR X O   1 
ATOM   885  C CB  . THR A 1 119 ? 12.026  0.760   6.006   1.00 10.50 ? 119  THR X CB  1 
ATOM   886  O OG1 . THR A 1 119 ? 10.701  1.237   6.264   1.00 10.03 ? 119  THR X OG1 1 
ATOM   887  C CG2 . THR A 1 119 ? 11.829  -0.650  5.418   1.00 10.64 ? 119  THR X CG2 1 
ATOM   888  N N   . ASP A 1 120 ? 13.855  2.237   8.909   1.00 10.33 ? 120  ASP X N   1 
ATOM   889  C CA  . ASP A 1 120 ? 13.956  3.491   9.658   1.00 10.69 ? 120  ASP X CA  1 
ATOM   890  C C   . ASP A 1 120 ? 14.457  4.685   8.850   1.00 10.49 ? 120  ASP X C   1 
ATOM   891  O O   . ASP A 1 120 ? 14.134  5.827   9.176   1.00 10.10 ? 120  ASP X O   1 
ATOM   892  C CB  . ASP A 1 120 ? 14.779  3.296   10.941  1.00 11.02 ? 120  ASP X CB  1 
ATOM   893  C CG  . ASP A 1 120 ? 16.226  2.934   10.681  1.00 13.87 ? 120  ASP X CG  1 
ATOM   894  O OD1 . ASP A 1 120 ? 16.989  2.909   11.676  1.00 16.07 ? 120  ASP X OD1 1 
ATOM   895  O OD2 . ASP A 1 120 ? 16.698  2.662   9.549   1.00 16.84 ? 120  ASP X OD2 1 
ATOM   896  N N   . TRP A 1 121 ? 15.208  4.421   7.778   1.00 9.84  ? 121  TRP X N   1 
ATOM   897  C CA  . TRP A 1 121 ? 15.737  5.493   6.931   1.00 9.89  ? 121  TRP X CA  1 
ATOM   898  C C   . TRP A 1 121 ? 14.647  6.243   6.166   1.00 9.32  ? 121  TRP X C   1 
ATOM   899  O O   . TRP A 1 121 ? 14.910  7.298   5.593   1.00 9.73  ? 121  TRP X O   1 
ATOM   900  C CB  . TRP A 1 121 ? 16.819  4.976   5.969   1.00 10.14 ? 121  TRP X CB  1 
ATOM   901  C CG  . TRP A 1 121 ? 16.311  4.057   4.868   1.00 9.98  ? 121  TRP X CG  1 
ATOM   902  C CD1 . TRP A 1 121 ? 15.953  4.416   3.601   1.00 10.57 ? 121  TRP X CD1 1 
ATOM   903  C CD2 . TRP A 1 121 ? 16.124  2.643   4.946   1.00 10.00 ? 121  TRP X CD2 1 
ATOM   904  N NE1 . TRP A 1 121 ? 15.544  3.312   2.891   1.00 9.52  ? 121  TRP X NE1 1 
ATOM   905  C CE2 . TRP A 1 121 ? 15.645  2.210   3.692   1.00 9.26  ? 121  TRP X CE2 1 
ATOM   906  C CE3 . TRP A 1 121 ? 16.310  1.689   5.955   1.00 11.14 ? 121  TRP X CE3 1 
ATOM   907  C CZ2 . TRP A 1 121 ? 15.350  0.873   3.417   1.00 12.63 ? 121  TRP X CZ2 1 
ATOM   908  C CZ3 . TRP A 1 121 ? 16.021  0.352   5.679   1.00 11.55 ? 121  TRP X CZ3 1 
ATOM   909  C CH2 . TRP A 1 121 ? 15.539  -0.039  4.421   1.00 12.73 ? 121  TRP X CH2 1 
ATOM   910  N N   . LEU A 1 122 ? 13.436  5.689   6.156   1.00 8.15  ? 122  LEU X N   1 
ATOM   911  C CA  . LEU A 1 122 ? 12.296  6.326   5.494   1.00 8.02  ? 122  LEU X CA  1 
ATOM   912  C C   . LEU A 1 122 ? 11.501  7.225   6.440   1.00 8.23  ? 122  LEU X C   1 
ATOM   913  O O   . LEU A 1 122 ? 10.624  7.963   5.995   1.00 8.28  ? 122  LEU X O   1 
ATOM   914  C CB  . LEU A 1 122 ? 11.386  5.268   4.857   1.00 7.90  ? 122  LEU X CB  1 
ATOM   915  C CG  . LEU A 1 122 ? 12.091  4.395   3.813   1.00 7.78  ? 122  LEU X CG  1 
ATOM   916  C CD1 . LEU A 1 122 ? 11.156  3.329   3.289   1.00 9.19  ? 122  LEU X CD1 1 
ATOM   917  C CD2 . LEU A 1 122 ? 12.610  5.257   2.666   1.00 6.74  ? 122  LEU X CD2 1 
ATOM   918  N N   . ASP A 1 123 ? 11.808  7.160   7.735   1.00 8.48  ? 123  ASP X N   1 
ATOM   919  C CA  . ASP A 1 123 ? 11.199  8.058   8.724   1.00 9.16  ? 123  ASP X CA  1 
ATOM   920  C C   . ASP A 1 123 ? 11.428  9.518   8.361   1.00 9.28  ? 123  ASP X C   1 
ATOM   921  O O   . ASP A 1 123 ? 12.564  9.924   8.075   1.00 9.39  ? 123  ASP X O   1 
ATOM   922  C CB  . ASP A 1 123 ? 11.790  7.816   10.103  1.00 9.98  ? 123  ASP X CB  1 
ATOM   923  C CG  . ASP A 1 123 ? 11.338  6.509   10.723  1.00 9.85  ? 123  ASP X CG  1 
ATOM   924  O OD1 . ASP A 1 123 ? 10.429  5.840   10.188  1.00 9.55  ? 123  ASP X OD1 1 
ATOM   925  O OD2 . ASP A 1 123 ? 11.838  6.087   11.787  1.00 9.64  ? 123  ASP X OD2 1 
ATOM   926  N N   . GLY A 1 124 ? 10.357  10.305  8.380   1.00 9.15  ? 124  GLY X N   1 
ATOM   927  C CA  . GLY A 1 124 ? 10.434  11.710  8.009   1.00 9.45  ? 124  GLY X CA  1 
ATOM   928  C C   . GLY A 1 124 ? 10.451  11.953  6.504   1.00 9.51  ? 124  GLY X C   1 
ATOM   929  O O   . GLY A 1 124 ? 10.536  13.109  6.075   1.00 9.68  ? 124  GLY X O   1 
ATOM   930  N N   . LYS A 1 125 ? 10.394  10.878  5.706   1.00 9.14  ? 125  LYS X N   1 
ATOM   931  C CA  . LYS A 1 125 ? 10.334  10.993  4.236   1.00 9.80  ? 125  LYS X CA  1 
ATOM   932  C C   . LYS A 1 125 ? 9.064   10.397  3.622   1.00 9.11  ? 125  LYS X C   1 
ATOM   933  O O   . LYS A 1 125 ? 8.579   10.888  2.596   1.00 9.09  ? 125  LYS X O   1 
ATOM   934  C CB  . LYS A 1 125 ? 11.578  10.383  3.577   1.00 10.24 ? 125  LYS X CB  1 
ATOM   935  C CG  . LYS A 1 125 ? 12.852  11.128  3.929   1.00 13.44 ? 125  LYS X CG  1 
ATOM   936  C CD  . LYS A 1 125 ? 14.021  10.603  3.120   1.00 17.95 ? 125  LYS X CD  1 
ATOM   937  C CE  . LYS A 1 125 ? 15.254  11.484  3.311   1.00 21.31 ? 125  LYS X CE  1 
ATOM   938  N NZ  . LYS A 1 125 ? 15.902  11.233  4.632   1.00 23.46 ? 125  LYS X NZ  1 
ATOM   939  N N   . HIS A 1 126 ? 8.528   9.356   4.262   1.00 8.10  ? 126  HIS X N   1 
ATOM   940  C CA  . HIS A 1 126 ? 7.306   8.692   3.816   1.00 6.87  ? 126  HIS X CA  1 
ATOM   941  C C   . HIS A 1 126 ? 6.311   8.704   4.946   1.00 6.59  ? 126  HIS X C   1 
ATOM   942  O O   . HIS A 1 126 ? 6.677   8.435   6.089   1.00 6.20  ? 126  HIS X O   1 
ATOM   943  C CB  . HIS A 1 126 ? 7.609   7.260   3.351   1.00 7.03  ? 126  HIS X CB  1 
ATOM   944  C CG  . HIS A 1 126 ? 8.485   7.233   2.143   1.00 6.01  ? 126  HIS X CG  1 
ATOM   945  N ND1 . HIS A 1 126 ? 7.976   7.130   0.867   1.00 7.62  ? 126  HIS X ND1 1 
ATOM   946  C CD2 . HIS A 1 126 ? 9.823   7.401   2.002   1.00 6.59  ? 126  HIS X CD2 1 
ATOM   947  C CE1 . HIS A 1 126 ? 8.966   7.203   -0.009  1.00 6.50  ? 126  HIS X CE1 1 
ATOM   948  N NE2 . HIS A 1 126 ? 10.096  7.376   0.651   1.00 6.27  ? 126  HIS X NE2 1 
ATOM   949  N N   . VAL A 1 127 ? 5.066   9.038   4.618   1.00 6.53  ? 127  VAL X N   1 
ATOM   950  C CA  . VAL A 1 127 ? 3.995   9.082   5.613   1.00 6.67  ? 127  VAL X CA  1 
ATOM   951  C C   . VAL A 1 127 ? 3.474   7.681   5.910   1.00 6.37  ? 127  VAL X C   1 
ATOM   952  O O   . VAL A 1 127 ? 2.858   7.036   5.055   1.00 6.74  ? 127  VAL X O   1 
ATOM   953  C CB  . VAL A 1 127 ? 2.834   10.006  5.169   1.00 6.77  ? 127  VAL X CB  1 
ATOM   954  C CG1 . VAL A 1 127 ? 1.678   9.956   6.172   1.00 7.26  ? 127  VAL X CG1 1 
ATOM   955  C CG2 . VAL A 1 127 ? 3.328   11.447  5.019   1.00 6.77  ? 127  VAL X CG2 1 
ATOM   956  N N   . VAL A 1 128 ? 3.726   7.228   7.138   1.00 6.91  ? 128  VAL X N   1 
ATOM   957  C CA  . VAL A 1 128 ? 3.190   5.959   7.632   1.00 6.61  ? 128  VAL X CA  1 
ATOM   958  C C   . VAL A 1 128 ? 1.742   6.217   8.032   1.00 6.92  ? 128  VAL X C   1 
ATOM   959  O O   . VAL A 1 128 ? 1.446   7.215   8.704   1.00 6.21  ? 128  VAL X O   1 
ATOM   960  C CB  . VAL A 1 128 ? 3.999   5.447   8.843   1.00 6.79  ? 128  VAL X CB  1 
ATOM   961  C CG1 . VAL A 1 128 ? 3.355   4.174   9.451   1.00 7.29  ? 128  VAL X CG1 1 
ATOM   962  C CG2 . VAL A 1 128 ? 5.436   5.169   8.438   1.00 6.02  ? 128  VAL X CG2 1 
ATOM   963  N N   . PHE A 1 129 ? 0.837   5.323   7.630   1.00 6.48  ? 129  PHE X N   1 
ATOM   964  C CA  . PHE A 1 129 ? -0.576  5.549   7.895   1.00 6.65  ? 129  PHE X CA  1 
ATOM   965  C C   . PHE A 1 129 ? -1.329  4.302   8.337   1.00 6.41  ? 129  PHE X C   1 
ATOM   966  O O   . PHE A 1 129 ? -2.547  4.315   8.442   1.00 6.58  ? 129  PHE X O   1 
ATOM   967  C CB  . PHE A 1 129 ? -1.266  6.233   6.704   1.00 6.06  ? 129  PHE X CB  1 
ATOM   968  C CG  . PHE A 1 129 ? -1.323  5.389   5.456   1.00 7.00  ? 129  PHE X CG  1 
ATOM   969  C CD1 . PHE A 1 129 ? -0.227  5.306   4.593   1.00 6.31  ? 129  PHE X CD1 1 
ATOM   970  C CD2 . PHE A 1 129 ? -2.491  4.701   5.129   1.00 6.10  ? 129  PHE X CD2 1 
ATOM   971  C CE1 . PHE A 1 129 ? -0.290  4.523   3.431   1.00 6.04  ? 129  PHE X CE1 1 
ATOM   972  C CE2 . PHE A 1 129 ? -2.568  3.924   3.981   1.00 6.54  ? 129  PHE X CE2 1 
ATOM   973  C CZ  . PHE A 1 129 ? -1.476  3.840   3.120   1.00 7.48  ? 129  PHE X CZ  1 
ATOM   974  N N   . GLY A 1 130 ? -0.603  3.234   8.628   1.00 6.28  ? 130  GLY X N   1 
ATOM   975  C CA  . GLY A 1 130 ? -1.262  2.057   9.157   1.00 6.71  ? 130  GLY X CA  1 
ATOM   976  C C   . GLY A 1 130 ? -0.363  0.849   9.235   1.00 6.64  ? 130  GLY X C   1 
ATOM   977  O O   . GLY A 1 130 ? 0.849   0.958   9.131   1.00 6.86  ? 130  GLY X O   1 
ATOM   978  N N   . HIS A 1 131 ? -0.975  -0.312  9.418   1.00 6.22  ? 131  HIS X N   1 
ATOM   979  C CA  . HIS A 1 131 ? -0.207  -1.547  9.527   1.00 6.80  ? 131  HIS X CA  1 
ATOM   980  C C   . HIS A 1 131 ? -1.077  -2.769  9.270   1.00 6.79  ? 131  HIS X C   1 
ATOM   981  O O   . HIS A 1 131 ? -2.309  -2.683  9.274   1.00 6.26  ? 131  HIS X O   1 
ATOM   982  C CB  . HIS A 1 131 ? 0.492   -1.654  10.887  1.00 6.81  ? 131  HIS X CB  1 
ATOM   983  C CG  . HIS A 1 131 ? -0.444  -1.864  12.035  1.00 7.98  ? 131  HIS X CG  1 
ATOM   984  N ND1 . HIS A 1 131 ? -1.220  -0.854  12.568  1.00 9.10  ? 131  HIS X ND1 1 
ATOM   985  C CD2 . HIS A 1 131 ? -0.743  -2.977  12.738  1.00 7.25  ? 131  HIS X CD2 1 
ATOM   986  C CE1 . HIS A 1 131 ? -1.948  -1.338  13.561  1.00 9.40  ? 131  HIS X CE1 1 
ATOM   987  N NE2 . HIS A 1 131 ? -1.673  -2.623  13.685  1.00 9.92  ? 131  HIS X NE2 1 
ATOM   988  N N   . VAL A 1 132 ? -0.408  -3.899  9.056   1.00 6.25  ? 132  VAL X N   1 
ATOM   989  C CA  . VAL A 1 132 ? -1.067  -5.182  8.790   1.00 6.89  ? 132  VAL X CA  1 
ATOM   990  C C   . VAL A 1 132 ? -1.612  -5.795  10.083  1.00 6.82  ? 132  VAL X C   1 
ATOM   991  O O   . VAL A 1 132 ? -0.854  -6.053  11.032  1.00 7.60  ? 132  VAL X O   1 
ATOM   992  C CB  . VAL A 1 132 ? -0.089  -6.173  8.123   1.00 6.56  ? 132  VAL X CB  1 
ATOM   993  C CG1 . VAL A 1 132 ? -0.733  -7.555  7.959   1.00 7.00  ? 132  VAL X CG1 1 
ATOM   994  C CG2 . VAL A 1 132 ? 0.377   -5.650  6.756   1.00 7.26  ? 132  VAL X CG2 1 
ATOM   995  N N   . ILE A 1 133 ? -2.927  -6.033  10.080  1.00 6.68  ? 133  ILE X N   1 
ATOM   996  C CA  . ILE A 1 133 ? -3.672  -6.625  11.193  1.00 6.42  ? 133  ILE X CA  1 
ATOM   997  C C   . ILE A 1 133 ? -3.646  -8.135  11.071  1.00 7.09  ? 133  ILE X C   1 
ATOM   998  O O   . ILE A 1 133 ? -3.516  -8.855  12.072  1.00 7.11  ? 133  ILE X O   1 
ATOM   999  C CB  . ILE A 1 133 ? -5.140  -6.114  11.162  1.00 6.03  ? 133  ILE X CB  1 
ATOM   1000 C CG1 . ILE A 1 133 ? -5.180  -4.637  11.561  1.00 5.54  ? 133  ILE X CG1 1 
ATOM   1001 C CG2 . ILE A 1 133 ? -6.077  -6.989  12.041  1.00 6.39  ? 133  ILE X CG2 1 
ATOM   1002 C CD1 . ILE A 1 133 ? -4.908  -4.369  13.049  1.00 7.28  ? 133  ILE X CD1 1 
ATOM   1003 N N   . GLU A 1 134 ? -3.737  -8.594  9.825   1.00 7.50  ? 134  GLU X N   1 
ATOM   1004 C CA  . GLU A 1 134 ? -3.823  -9.999  9.484   1.00 7.80  ? 134  GLU X CA  1 
ATOM   1005 C C   . GLU A 1 134 ? -3.310  -10.181 8.069   1.00 8.09  ? 134  GLU X C   1 
ATOM   1006 O O   . GLU A 1 134 ? -3.535  -9.327  7.197   1.00 8.00  ? 134  GLU X O   1 
ATOM   1007 C CB  . GLU A 1 134 ? -5.291  -10.428 9.559   1.00 8.51  ? 134  GLU X CB  1 
ATOM   1008 C CG  . GLU A 1 134 ? -5.558  -11.883 9.253   1.00 9.09  ? 134  GLU X CG  1 
ATOM   1009 C CD  . GLU A 1 134 ? -7.028  -12.125 8.958   1.00 10.47 ? 134  GLU X CD  1 
ATOM   1010 O OE1 . GLU A 1 134 ? -7.875  -11.734 9.795   1.00 9.25  ? 134  GLU X OE1 1 
ATOM   1011 O OE2 . GLU A 1 134 ? -7.334  -12.698 7.888   1.00 11.49 ? 134  GLU X OE2 1 
ATOM   1012 N N   . GLY A 1 135 ? -2.633  -11.299 7.835   1.00 7.75  ? 135  GLY X N   1 
ATOM   1013 C CA  . GLY A 1 135 ? -2.182  -11.628 6.489   1.00 8.00  ? 135  GLY X CA  1 
ATOM   1014 C C   . GLY A 1 135 ? -0.717  -11.356 6.209   1.00 8.49  ? 135  GLY X C   1 
ATOM   1015 O O   . GLY A 1 135 ? -0.318  -11.271 5.044   1.00 7.70  ? 135  GLY X O   1 
ATOM   1016 N N   . MET A 1 136 ? 0.106   -11.254 7.254   1.00 9.11  ? 136  MET X N   1 
ATOM   1017 C CA  . MET A 1 136 ? 1.548   -11.154 7.026   1.00 10.39 ? 136  MET X CA  1 
ATOM   1018 C C   . MET A 1 136 ? 2.058   -12.367 6.222   1.00 10.35 ? 136  MET X C   1 
ATOM   1019 O O   . MET A 1 136 ? 3.003   -12.239 5.446   1.00 10.77 ? 136  MET X O   1 
ATOM   1020 C CB  . MET A 1 136 ? 2.337   -10.989 8.334   1.00 10.62 ? 136  MET X CB  1 
ATOM   1021 C CG  . MET A 1 136 ? 2.648   -9.548  8.743   1.00 14.01 ? 136  MET X CG  1 
ATOM   1022 S SD  . MET A 1 136 ? 3.299   -8.456  7.433   1.00 15.56 ? 136  MET X SD  1 
ATOM   1023 C CE  . MET A 1 136 ? 4.977   -9.016  7.186   1.00 15.62 ? 136  MET X CE  1 
ATOM   1024 N N   . ASP A 1 137 ? 1.407   -13.529 6.358   1.00 10.28 ? 137  ASP X N   1 
ATOM   1025 C CA  . ASP A 1 137 ? 1.762   -14.680 5.514   1.00 10.29 ? 137  ASP X CA  1 
ATOM   1026 C C   . ASP A 1 137 ? 1.597   -14.396 4.022   1.00 10.01 ? 137  ASP X C   1 
ATOM   1027 O O   . ASP A 1 137 ? 2.427   -14.813 3.212   1.00 9.87  ? 137  ASP X O   1 
ATOM   1028 C CB  . ASP A 1 137 ? 1.006   -15.957 5.937   1.00 10.60 ? 137  ASP X CB  1 
ATOM   1029 C CG  . ASP A 1 137 ? -0.489  -15.859 5.714   1.00 12.10 ? 137  ASP X CG  1 
ATOM   1030 O OD1 . ASP A 1 137 ? -1.094  -14.848 6.124   1.00 12.18 ? 137  ASP X OD1 1 
ATOM   1031 O OD2 . ASP A 1 137 ? -1.148  -16.742 5.125   1.00 14.55 ? 137  ASP X OD2 1 
ATOM   1032 N N   . VAL A 1 138 ? 0.528   -13.677 3.669   1.00 9.56  ? 138  VAL X N   1 
ATOM   1033 C CA  . VAL A 1 138 ? 0.263   -13.279 2.293   1.00 9.68  ? 138  VAL X CA  1 
ATOM   1034 C C   . VAL A 1 138 ? 1.340   -12.277 1.848   1.00 9.57  ? 138  VAL X C   1 
ATOM   1035 O O   . VAL A 1 138 ? 1.860   -12.368 0.738   1.00 9.65  ? 138  VAL X O   1 
ATOM   1036 C CB  . VAL A 1 138 ? -1.162  -12.668 2.129   1.00 9.32  ? 138  VAL X CB  1 
ATOM   1037 C CG1 . VAL A 1 138 ? -1.442  -12.277 0.678   1.00 9.87  ? 138  VAL X CG1 1 
ATOM   1038 C CG2 . VAL A 1 138 ? -2.241  -13.640 2.628   1.00 9.67  ? 138  VAL X CG2 1 
ATOM   1039 N N   . VAL A 1 139 ? 1.670   -11.330 2.723   1.00 9.19  ? 139  VAL X N   1 
ATOM   1040 C CA  . VAL A 1 139 ? 2.728   -10.364 2.432   1.00 9.40  ? 139  VAL X CA  1 
ATOM   1041 C C   . VAL A 1 139 ? 4.069   -11.065 2.170   1.00 9.78  ? 139  VAL X C   1 
ATOM   1042 O O   . VAL A 1 139 ? 4.786   -10.693 1.241   1.00 9.61  ? 139  VAL X O   1 
ATOM   1043 C CB  . VAL A 1 139 ? 2.850   -9.301  3.559   1.00 9.25  ? 139  VAL X CB  1 
ATOM   1044 C CG1 . VAL A 1 139 ? 4.045   -8.362  3.299   1.00 9.41  ? 139  VAL X CG1 1 
ATOM   1045 C CG2 . VAL A 1 139 ? 1.563   -8.498  3.665   1.00 9.88  ? 139  VAL X CG2 1 
ATOM   1046 N N   . LYS A 1 140 ? 4.389   -12.085 2.970   1.00 10.15 ? 140  LYS X N   1 
ATOM   1047 C CA  . LYS A 1 140 ? 5.644   -12.839 2.786   1.00 11.38 ? 140  LYS X CA  1 
ATOM   1048 C C   . LYS A 1 140 ? 5.649   -13.606 1.465   1.00 11.36 ? 140  LYS X C   1 
ATOM   1049 O O   . LYS A 1 140 ? 6.705   -13.771 0.840   1.00 12.22 ? 140  LYS X O   1 
ATOM   1050 C CB  . LYS A 1 140 ? 5.924   -13.792 3.948   1.00 11.72 ? 140  LYS X CB  1 
ATOM   1051 C CG  . LYS A 1 140 ? 6.080   -13.139 5.334   1.00 13.35 ? 140  LYS X CG  1 
ATOM   1052 C CD  . LYS A 1 140 ? 7.277   -12.213 5.420   1.00 15.23 ? 140  LYS X CD  1 
ATOM   1053 C CE  . LYS A 1 140 ? 8.577   -12.972 5.649   1.00 15.10 ? 140  LYS X CE  1 
ATOM   1054 N NZ  . LYS A 1 140 ? 9.705   -12.013 5.587   1.00 14.94 ? 140  LYS X NZ  1 
ATOM   1055 N N   . LYS A 1 141 ? 4.473   -14.076 1.046   1.00 11.54 ? 141  LYS X N   1 
ATOM   1056 C CA  . LYS A 1 141 ? 4.341   -14.727 -0.257  1.00 12.11 ? 141  LYS X CA  1 
ATOM   1057 C C   . LYS A 1 141 ? 4.626   -13.730 -1.376  1.00 11.82 ? 141  LYS X C   1 
ATOM   1058 O O   . LYS A 1 141 ? 5.442   -14.003 -2.274  1.00 12.07 ? 141  LYS X O   1 
ATOM   1059 C CB  . LYS A 1 141 ? 2.951   -15.352 -0.421  1.00 12.70 ? 141  LYS X CB  1 
ATOM   1060 C CG  . LYS A 1 141 ? 2.756   -16.700 0.289   1.00 15.14 ? 141  LYS X CG  1 
ATOM   1061 C CD  . LYS A 1 141 ? 3.782   -17.760 -0.130  1.00 19.68 ? 141  LYS X CD  1 
ATOM   1062 C CE  . LYS A 1 141 ? 3.602   -18.202 -1.575  1.00 22.57 ? 141  LYS X CE  1 
ATOM   1063 N NZ  . LYS A 1 141 ? 4.229   -19.529 -1.863  1.00 23.78 ? 141  LYS X NZ  1 
ATOM   1064 N N   . ILE A 1 142 ? 3.967   -12.576 -1.321  1.00 11.36 ? 142  ILE X N   1 
ATOM   1065 C CA  . ILE A 1 142 ? 4.226   -11.499 -2.279  1.00 10.95 ? 142  ILE X CA  1 
ATOM   1066 C C   . ILE A 1 142 ? 5.727   -11.179 -2.321  1.00 10.81 ? 142  ILE X C   1 
ATOM   1067 O O   . ILE A 1 142 ? 6.323   -11.128 -3.397  1.00 10.69 ? 142  ILE X O   1 
ATOM   1068 C CB  . ILE A 1 142 ? 3.387   -10.227 -1.936  1.00 11.16 ? 142  ILE X CB  1 
ATOM   1069 C CG1 . ILE A 1 142 ? 1.883   -10.510 -2.055  1.00 11.62 ? 142  ILE X CG1 1 
ATOM   1070 C CG2 . ILE A 1 142 ? 3.755   -9.067  -2.864  1.00 9.71  ? 142  ILE X CG2 1 
ATOM   1071 C CD1 . ILE A 1 142 ? 0.986   -9.399  -1.496  1.00 12.31 ? 142  ILE X CD1 1 
ATOM   1072 N N   . GLU A 1 143 ? 6.322   -10.967 -1.142  1.00 10.79 ? 143  GLU X N   1 
ATOM   1073 C CA  . GLU A 1 143 ? 7.758   -10.697 -1.001  1.00 11.60 ? 143  GLU X CA  1 
ATOM   1074 C C   . GLU A 1 143 ? 8.636   -11.723 -1.724  1.00 12.49 ? 143  GLU X C   1 
ATOM   1075 O O   . GLU A 1 143 ? 9.601   -11.352 -2.416  1.00 12.95 ? 143  GLU X O   1 
ATOM   1076 C CB  . GLU A 1 143 ? 8.138   -10.635 0.480   1.00 11.68 ? 143  GLU X CB  1 
ATOM   1077 C CG  . GLU A 1 143 ? 9.576   -10.211 0.735   1.00 11.35 ? 143  GLU X CG  1 
ATOM   1078 C CD  . GLU A 1 143 ? 9.979   -10.330 2.186   1.00 12.73 ? 143  GLU X CD  1 
ATOM   1079 O OE1 . GLU A 1 143 ? 9.361   -11.133 2.914   1.00 13.98 ? 143  GLU X OE1 1 
ATOM   1080 O OE2 . GLU A 1 143 ? 10.915  -9.621  2.591   1.00 13.04 ? 143  GLU X OE2 1 
ATOM   1081 N N   . SER A 1 144 ? 8.285   -13.001 -1.565  1.00 13.12 ? 144  SER X N   1 
ATOM   1082 C CA  . SER A 1 144 ? 9.018   -14.114 -2.165  1.00 13.58 ? 144  SER X CA  1 
ATOM   1083 C C   . SER A 1 144 ? 8.969   -14.119 -3.697  1.00 14.16 ? 144  SER X C   1 
ATOM   1084 O O   . SER A 1 144 ? 9.766   -14.820 -4.356  1.00 14.08 ? 144  SER X O   1 
ATOM   1085 C CB  . SER A 1 144 ? 8.489   -15.447 -1.626  1.00 13.63 ? 144  SER X CB  1 
ATOM   1086 O OG  . SER A 1 144 ? 7.325   -15.869 -2.315  1.00 13.56 ? 144  SER X OG  1 
ATOM   1087 N N   . PHE A 1 145 ? 8.032   -13.359 -4.260  1.00 13.80 ? 145  PHE X N   1 
ATOM   1088 C CA  . PHE A 1 145 ? 7.924   -13.217 -5.710  1.00 13.89 ? 145  PHE X CA  1 
ATOM   1089 C C   . PHE A 1 145 ? 8.586   -11.946 -6.234  1.00 13.85 ? 145  PHE X C   1 
ATOM   1090 O O   . PHE A 1 145 ? 8.427   -11.604 -7.397  1.00 13.86 ? 145  PHE X O   1 
ATOM   1091 C CB  . PHE A 1 145 ? 6.462   -13.307 -6.166  1.00 14.02 ? 145  PHE X CB  1 
ATOM   1092 C CG  . PHE A 1 145 ? 5.769   -14.557 -5.708  1.00 15.18 ? 145  PHE X CG  1 
ATOM   1093 C CD1 . PHE A 1 145 ? 6.439   -15.786 -5.717  1.00 15.95 ? 145  PHE X CD1 1 
ATOM   1094 C CD2 . PHE A 1 145 ? 4.455   -14.511 -5.250  1.00 16.05 ? 145  PHE X CD2 1 
ATOM   1095 C CE1 . PHE A 1 145 ? 5.805   -16.951 -5.273  1.00 16.09 ? 145  PHE X CE1 1 
ATOM   1096 C CE2 . PHE A 1 145 ? 3.816   -15.666 -4.811  1.00 16.79 ? 145  PHE X CE2 1 
ATOM   1097 C CZ  . PHE A 1 145 ? 4.493   -16.886 -4.823  1.00 16.47 ? 145  PHE X CZ  1 
ATOM   1098 N N   . GLY A 1 146 ? 9.341   -11.266 -5.378  1.00 13.64 ? 146  GLY X N   1 
ATOM   1099 C CA  . GLY A 1 146 ? 10.077  -10.085 -5.787  1.00 13.52 ? 146  GLY X CA  1 
ATOM   1100 C C   . GLY A 1 146 ? 11.502  -10.397 -6.198  1.00 13.71 ? 146  GLY X C   1 
ATOM   1101 O O   . GLY A 1 146 ? 11.888  -11.568 -6.316  1.00 13.14 ? 146  GLY X O   1 
ATOM   1102 N N   . SER A 1 147 ? 12.280  -9.339  -6.415  1.00 13.60 ? 147  SER X N   1 
ATOM   1103 C CA  . SER A 1 147 ? 13.692  -9.470  -6.762  1.00 14.49 ? 147  SER X CA  1 
ATOM   1104 C C   . SER A 1 147 ? 14.467  -8.237  -6.305  1.00 14.64 ? 147  SER X C   1 
ATOM   1105 O O   . SER A 1 147 ? 13.880  -7.231  -5.902  1.00 14.22 ? 147  SER X O   1 
ATOM   1106 C CB  . SER A 1 147 ? 13.854  -9.672  -8.272  1.00 14.08 ? 147  SER X CB  1 
ATOM   1107 O OG  . SER A 1 147 ? 13.426  -8.523  -8.977  1.00 15.29 ? 147  SER X OG  1 
ATOM   1108 N N   . LYS A 1 148 ? 15.790  -8.329  -6.376  1.00 15.24 ? 148  LYS X N   1 
ATOM   1109 C CA  . LYS A 1 148 ? 16.672  -7.229  -6.012  1.00 15.77 ? 148  LYS X CA  1 
ATOM   1110 C C   . LYS A 1 148 ? 16.293  -5.949  -6.773  1.00 15.48 ? 148  LYS X C   1 
ATOM   1111 O O   . LYS A 1 148 ? 16.286  -4.861  -6.200  1.00 15.44 ? 148  LYS X O   1 
ATOM   1112 C CB  . LYS A 1 148 ? 18.110  -7.659  -6.300  1.00 16.20 ? 148  LYS X CB  1 
ATOM   1113 C CG  . LYS A 1 148 ? 19.201  -6.745  -5.809  1.00 19.55 ? 148  LYS X CG  1 
ATOM   1114 C CD  . LYS A 1 148 ? 20.377  -6.821  -6.775  1.00 22.22 ? 148  LYS X CD  1 
ATOM   1115 C CE  . LYS A 1 148 ? 21.577  -7.591  -6.226  1.00 23.71 ? 148  LYS X CE  1 
ATOM   1116 N NZ  . LYS A 1 148 ? 22.806  -7.225  -6.995  1.00 21.70 ? 148  LYS X NZ  1 
ATOM   1117 N N   . SER A 1 149 ? 15.945  -6.099  -8.052  1.00 15.29 ? 149  SER X N   1 
ATOM   1118 C CA  . SER A 1 149 ? 15.574  -4.973  -8.916  1.00 14.95 ? 149  SER X CA  1 
ATOM   1119 C C   . SER A 1 149 ? 14.159  -4.441  -8.672  1.00 14.89 ? 149  SER X C   1 
ATOM   1120 O O   . SER A 1 149 ? 13.800  -3.367  -9.169  1.00 14.26 ? 149  SER X O   1 
ATOM   1121 C CB  . SER A 1 149 ? 15.673  -5.395  -10.382 1.00 15.27 ? 149  SER X CB  1 
ATOM   1122 O OG  . SER A 1 149 ? 14.612  -6.279  -10.704 1.00 16.25 ? 149  SER X OG  1 
ATOM   1123 N N   . GLY A 1 150 ? 13.358  -5.200  -7.929  1.00 14.32 ? 150  GLY X N   1 
ATOM   1124 C CA  . GLY A 1 150 ? 11.957  -4.858  -7.747  1.00 14.26 ? 150  GLY X CA  1 
ATOM   1125 C C   . GLY A 1 150 ? 11.022  -5.536  -8.737  1.00 14.40 ? 150  GLY X C   1 
ATOM   1126 O O   . GLY A 1 150 ? 9.806   -5.526  -8.544  1.00 13.89 ? 150  GLY X O   1 
ATOM   1127 N N   . ARG A 1 151 ? 11.572  -6.132  -9.795  1.00 14.37 ? 151  ARG X N   1 
ATOM   1128 C CA  . ARG A 1 151 ? 10.750  -6.849  -10.780 1.00 15.35 ? 151  ARG X CA  1 
ATOM   1129 C C   . ARG A 1 151 ? 10.117  -8.081  -10.165 1.00 14.50 ? 151  ARG X C   1 
ATOM   1130 O O   . ARG A 1 151 ? 10.799  -8.854  -9.495  1.00 14.82 ? 151  ARG X O   1 
ATOM   1131 C CB  . ARG A 1 151 ? 11.608  -7.299  -11.961 1.00 16.17 ? 151  ARG X CB  1 
ATOM   1132 C CG  . ARG A 1 151 ? 11.936  -6.204  -12.899 1.00 21.33 ? 151  ARG X CG  1 
ATOM   1133 C CD  . ARG A 1 151 ? 11.320  -6.407  -14.262 1.00 29.52 ? 151  ARG X CD  1 
ATOM   1134 N NE  . ARG A 1 151 ? 12.083  -5.738  -15.312 1.00 34.67 ? 151  ARG X NE  1 
ATOM   1135 C CZ  . ARG A 1 151 ? 13.212  -6.196  -15.848 1.00 36.30 ? 151  ARG X CZ  1 
ATOM   1136 N NH1 . ARG A 1 151 ? 13.761  -7.340  -15.441 1.00 37.69 ? 151  ARG X NH1 1 
ATOM   1137 N NH2 . ARG A 1 151 ? 13.802  -5.488  -16.793 1.00 37.80 ? 151  ARG X NH2 1 
ATOM   1138 N N   . THR A 1 152 ? 8.820   -8.278  -10.377 1.00 13.83 ? 152  THR X N   1 
ATOM   1139 C CA  . THR A 1 152 ? 8.172   -9.454  -9.798  1.00 13.78 ? 152  THR X CA  1 
ATOM   1140 C C   . THR A 1 152 ? 8.306   -10.645 -10.741 1.00 13.78 ? 152  THR X C   1 
ATOM   1141 O O   . THR A 1 152 ? 8.307   -10.474 -11.962 1.00 13.59 ? 152  THR X O   1 
ATOM   1142 C CB  . THR A 1 152 ? 6.686   -9.203  -9.464  1.00 13.50 ? 152  THR X CB  1 
ATOM   1143 O OG1 . THR A 1 152 ? 5.999   -8.741  -10.625 1.00 13.49 ? 152  THR X OG1 1 
ATOM   1144 C CG2 . THR A 1 152 ? 6.535   -8.060  -8.456  1.00 13.24 ? 152  THR X CG2 1 
ATOM   1145 N N   . SER A 1 153 ? 8.410   -11.839 -10.160 1.00 13.85 ? 153  SER X N   1 
ATOM   1146 C CA  . SER A 1 153 ? 8.558   -13.077 -10.932 1.00 14.34 ? 153  SER X CA  1 
ATOM   1147 C C   . SER A 1 153 ? 7.208   -13.737 -11.205 1.00 14.50 ? 153  SER X C   1 
ATOM   1148 O O   . SER A 1 153 ? 7.122   -14.696 -11.972 1.00 14.96 ? 153  SER X O   1 
ATOM   1149 C CB  . SER A 1 153 ? 9.503   -14.052 -10.220 1.00 14.51 ? 153  SER X CB  1 
ATOM   1150 O OG  . SER A 1 153 ? 8.964   -14.511 -8.990  1.00 15.47 ? 153  SER X OG  1 
ATOM   1151 N N   . LYS A 1 154 ? 6.165   -13.218 -10.555 1.00 14.13 ? 154  LYS X N   1 
ATOM   1152 C CA  . LYS A 1 154 ? 4.774   -13.610 -10.788 1.00 13.88 ? 154  LYS X CA  1 
ATOM   1153 C C   . LYS A 1 154 ? 3.933   -12.336 -10.892 1.00 13.96 ? 154  LYS X C   1 
ATOM   1154 O O   . LYS A 1 154 ? 4.302   -11.312 -10.331 1.00 13.49 ? 154  LYS X O   1 
ATOM   1155 C CB  . LYS A 1 154 ? 4.263   -14.472 -9.629  1.00 14.19 ? 154  LYS X CB  1 
ATOM   1156 C CG  . LYS A 1 154 ? 4.976   -15.820 -9.473  1.00 14.42 ? 154  LYS X CG  1 
ATOM   1157 C CD  . LYS A 1 154 ? 4.239   -16.744 -8.508  1.00 17.20 ? 154  LYS X CD  1 
ATOM   1158 C CE  . LYS A 1 154 ? 4.863   -18.141 -8.512  1.00 18.22 ? 154  LYS X CE  1 
ATOM   1159 N NZ  . LYS A 1 154 ? 3.926   -19.168 -7.950  1.00 20.81 ? 154  LYS X NZ  1 
ATOM   1160 N N   . LYS A 1 155 ? 2.805   -12.402 -11.596 1.00 13.62 ? 155  LYS X N   1 
ATOM   1161 C CA  . LYS A 1 155 ? 1.894   -11.257 -11.688 1.00 13.51 ? 155  LYS X CA  1 
ATOM   1162 C C   . LYS A 1 155 ? 1.031   -11.141 -10.423 1.00 12.68 ? 155  LYS X C   1 
ATOM   1163 O O   . LYS A 1 155 ? 0.157   -11.986 -10.177 1.00 12.52 ? 155  LYS X O   1 
ATOM   1164 C CB  . LYS A 1 155 ? 1.018   -11.378 -12.940 1.00 13.79 ? 155  LYS X CB  1 
ATOM   1165 C CG  . LYS A 1 155 ? 0.000   -10.260 -13.139 1.00 17.28 ? 155  LYS X CG  1 
ATOM   1166 C CD  . LYS A 1 155 ? 0.654   -8.900  -13.262 1.00 22.06 ? 155  LYS X CD  1 
ATOM   1167 C CE  . LYS A 1 155 ? 0.027   -8.047  -14.360 1.00 24.32 ? 155  LYS X CE  1 
ATOM   1168 N NZ  . LYS A 1 155 ? 0.987   -6.972  -14.788 1.00 27.68 ? 155  LYS X NZ  1 
ATOM   1169 N N   . ILE A 1 156 ? 1.269   -10.089 -9.641  1.00 10.96 ? 156  ILE X N   1 
ATOM   1170 C CA  . ILE A 1 156 ? 0.619   -9.927  -8.338  1.00 10.24 ? 156  ILE X CA  1 
ATOM   1171 C C   . ILE A 1 156 ? -0.510  -8.913  -8.438  1.00 10.05 ? 156  ILE X C   1 
ATOM   1172 O O   . ILE A 1 156 ? -0.263  -7.720  -8.610  1.00 9.79  ? 156  ILE X O   1 
ATOM   1173 C CB  . ILE A 1 156 ? 1.642   -9.482  -7.255  1.00 10.00 ? 156  ILE X CB  1 
ATOM   1174 C CG1 . ILE A 1 156 ? 2.914   -10.347 -7.267  1.00 10.98 ? 156  ILE X CG1 1 
ATOM   1175 C CG2 . ILE A 1 156 ? 0.994   -9.494  -5.850  1.00 9.82  ? 156  ILE X CG2 1 
ATOM   1176 C CD1 . ILE A 1 156 ? 2.675   -11.844 -7.082  1.00 13.96 ? 156  ILE X CD1 1 
ATOM   1177 N N   . VAL A 1 157 ? -1.744  -9.397  -8.315  1.00 9.51  ? 157  VAL X N   1 
ATOM   1178 C CA  . VAL A 1 157 ? -2.933  -8.593  -8.588  1.00 9.33  ? 157  VAL X CA  1 
ATOM   1179 C C   . VAL A 1 157 ? -3.842  -8.500  -7.366  1.00 9.40  ? 157  VAL X C   1 
ATOM   1180 O O   . VAL A 1 157 ? -4.154  -9.509  -6.735  1.00 8.60  ? 157  VAL X O   1 
ATOM   1181 C CB  . VAL A 1 157 ? -3.746  -9.186  -9.768  1.00 8.90  ? 157  VAL X CB  1 
ATOM   1182 C CG1 . VAL A 1 157 ? -5.028  -8.385  -10.025 1.00 9.56  ? 157  VAL X CG1 1 
ATOM   1183 C CG2 . VAL A 1 157 ? -2.882  -9.236  -11.038 1.00 9.51  ? 157  VAL X CG2 1 
ATOM   1184 N N   . ILE A 1 158 ? -4.254  -7.276  -7.052  1.00 9.37  ? 158  ILE X N   1 
ATOM   1185 C CA  . ILE A 1 158 ? -5.305  -7.025  -6.077  1.00 9.31  ? 158  ILE X CA  1 
ATOM   1186 C C   . ILE A 1 158 ? -6.638  -7.292  -6.777  1.00 10.16 ? 158  ILE X C   1 
ATOM   1187 O O   . ILE A 1 158 ? -7.166  -6.477  -7.530  1.00 10.44 ? 158  ILE X O   1 
ATOM   1188 C CB  . ILE A 1 158 ? -5.234  -5.585  -5.519  1.00 9.39  ? 158  ILE X CB  1 
ATOM   1189 C CG1 . ILE A 1 158 ? -3.917  -5.373  -4.764  1.00 9.71  ? 158  ILE X CG1 1 
ATOM   1190 C CG2 . ILE A 1 158 ? -6.443  -5.313  -4.591  1.00 9.29  ? 158  ILE X CG2 1 
ATOM   1191 C CD1 . ILE A 1 158 ? -3.574  -3.915  -4.468  1.00 10.87 ? 158  ILE X CD1 1 
ATOM   1192 N N   . THR A 1 159 ? -7.167  -8.470  -6.517  1.00 10.51 ? 159  THR X N   1 
ATOM   1193 C CA  . THR A 1 159 ? -8.318  -8.952  -7.218  1.00 11.64 ? 159  THR X CA  1 
ATOM   1194 C C   . THR A 1 159 ? -9.610  -8.299  -6.658  1.00 11.05 ? 159  THR X C   1 
ATOM   1195 O O   . THR A 1 159 ? -10.557 -8.008  -7.400  1.00 10.39 ? 159  THR X O   1 
ATOM   1196 C CB  . THR A 1 159 ? -8.231  -10.490 -7.091  1.00 12.77 ? 159  THR X CB  1 
ATOM   1197 O OG1 . THR A 1 159 ? -8.730  -11.123 -8.267  1.00 18.47 ? 159  THR X OG1 1 
ATOM   1198 C CG2 . THR A 1 159 ? -9.024  -11.017 -5.953  1.00 10.10 ? 159  THR X CG2 1 
ATOM   1199 N N   . ASP A 1 160 ? -9.613  -8.056  -5.350  1.00 9.85  ? 160  ASP X N   1 
ATOM   1200 C CA  . ASP A 1 160 ? -10.743 -7.464  -4.658  1.00 9.61  ? 160  ASP X CA  1 
ATOM   1201 C C   . ASP A 1 160 ? -10.193 -6.677  -3.481  1.00 8.63  ? 160  ASP X C   1 
ATOM   1202 O O   . ASP A 1 160 ? -9.148  -7.021  -2.914  1.00 7.80  ? 160  ASP X O   1 
ATOM   1203 C CB  . ASP A 1 160 ? -11.702 -8.544  -4.141  1.00 9.94  ? 160  ASP X CB  1 
ATOM   1204 C CG  . ASP A 1 160 ? -12.225 -9.443  -5.242  1.00 13.61 ? 160  ASP X CG  1 
ATOM   1205 O OD1 . ASP A 1 160 ? -13.231 -9.072  -5.889  1.00 15.65 ? 160  ASP X OD1 1 
ATOM   1206 O OD2 . ASP A 1 160 ? -11.685 -10.542 -5.536  1.00 16.60 ? 160  ASP X OD2 1 
ATOM   1207 N N   . CYS A 1 161 ? -10.902 -5.618  -3.120  1.00 7.81  ? 161  CYS X N   1 
ATOM   1208 C CA  . CYS A 1 161 ? -10.516 -4.800  -1.975  1.00 7.03  ? 161  CYS X CA  1 
ATOM   1209 C C   . CYS A 1 161 ? -11.729 -4.032  -1.491  1.00 6.41  ? 161  CYS X C   1 
ATOM   1210 O O   . CYS A 1 161 ? -12.707 -3.879  -2.218  1.00 6.79  ? 161  CYS X O   1 
ATOM   1211 C CB  . CYS A 1 161 ? -9.367  -3.827  -2.316  1.00 6.82  ? 161  CYS X CB  1 
ATOM   1212 S SG  . CYS A 1 161 ? -9.557  -2.900  -3.861  1.00 7.92  ? 161  CYS X SG  1 
ATOM   1213 N N   . GLY A 1 162 ? -11.674 -3.565  -0.254  1.00 6.47  ? 162  GLY X N   1 
ATOM   1214 C CA  . GLY A 1 162 ? -12.783 -2.802  0.281   1.00 6.52  ? 162  GLY X CA  1 
ATOM   1215 C C   . GLY A 1 162 ? -12.633 -2.553  1.758   1.00 6.68  ? 162  GLY X C   1 
ATOM   1216 O O   . GLY A 1 162 ? -11.540 -2.688  2.320   1.00 7.16  ? 162  GLY X O   1 
ATOM   1217 N N   . GLN A 1 163 ? -13.737 -2.193  2.389   1.00 7.06  ? 163  GLN X N   1 
ATOM   1218 C CA  . GLN A 1 163 ? -13.706 -1.794  3.784   1.00 6.84  ? 163  GLN X CA  1 
ATOM   1219 C C   . GLN A 1 163 ? -14.476 -2.815  4.617   1.00 7.11  ? 163  GLN X C   1 
ATOM   1220 O O   . GLN A 1 163 ? -15.637 -3.142  4.316   1.00 7.12  ? 163  GLN X O   1 
ATOM   1221 C CB  . GLN A 1 163 ? -14.278 -0.377  3.940   1.00 7.03  ? 163  GLN X CB  1 
ATOM   1222 C CG  . GLN A 1 163 ? -14.334 0.092   5.396   1.00 6.35  ? 163  GLN X CG  1 
ATOM   1223 C CD  . GLN A 1 163 ? -14.625 1.573   5.541   1.00 7.22  ? 163  GLN X CD  1 
ATOM   1224 O OE1 . GLN A 1 163 ? -15.069 2.222   4.586   1.00 7.45  ? 163  GLN X OE1 1 
ATOM   1225 N NE2 . GLN A 1 163 ? -14.396 2.109   6.740   1.00 5.43  ? 163  GLN X NE2 1 
ATOM   1226 N N   . LEU A 1 164 ? -13.808 -3.333  5.645   1.00 7.17  ? 164  LEU X N   1 
ATOM   1227 C CA  . LEU A 1 164 ? -14.422 -4.273  6.584   1.00 7.86  ? 164  LEU X CA  1 
ATOM   1228 C C   . LEU A 1 164 ? -15.215 -3.565  7.680   1.00 8.17  ? 164  LEU X C   1 
ATOM   1229 O O   . LEU A 1 164 ? -16.245 -4.066  8.138   1.00 8.43  ? 164  LEU X O   1 
ATOM   1230 C CB  . LEU A 1 164 ? -13.344 -5.152  7.229   1.00 7.20  ? 164  LEU X CB  1 
ATOM   1231 C CG  . LEU A 1 164 ? -12.623 -6.134  6.300   1.00 8.91  ? 164  LEU X CG  1 
ATOM   1232 C CD1 . LEU A 1 164 ? -11.582 -6.928  7.083   1.00 10.10 ? 164  LEU X CD1 1 
ATOM   1233 C CD2 . LEU A 1 164 ? -13.611 -7.066  5.603   1.00 8.91  ? 164  LEU X CD2 1 
ATOM   1234 N N   . SER A 1 165 ? -14.709 -2.414  8.125   1.00 8.19  ? 165  SER X N   1 
ATOM   1235 C CA  . SER A 1 165 ? -15.367 -1.635  9.181   1.00 8.35  ? 165  SER X CA  1 
ATOM   1236 C C   . SER A 1 165 ? -14.801 -0.224  9.236   1.00 8.37  ? 165  SER X C   1 
ATOM   1237 O O   . SER A 1 165 ? -15.368 0.637   9.931   1.00 10.03 ? 165  SER X O   1 
ATOM   1238 C CB  . SER A 1 165 ? -15.205 -2.296  10.556  1.00 8.09  ? 165  SER X CB  1 
ATOM   1239 O OG  . SER A 1 165 ? -13.844 -2.397  10.931  1.00 8.88  ? 165  SER X OG  1 
ATOM   1240 O OXT . SER A 1 165 ? -13.793 0.011   8.567   1.00 7.26  ? 165  SER X OXT 1 
HETATM 1241 S S   . DMS B 2 .   ? 9.245   -1.510  -11.838 1.00 52.07 ? 1166 DMS X S   1 
HETATM 1242 O O   . DMS B 2 .   ? 9.352   -2.778  -11.070 1.00 51.62 ? 1166 DMS X O   1 
HETATM 1243 C C1  . DMS B 2 .   ? 8.685   -0.421  -10.516 1.00 51.59 ? 1166 DMS X C1  1 
HETATM 1244 C C2  . DMS B 2 .   ? 7.677   -1.761  -12.708 1.00 51.48 ? 1166 DMS X C2  1 
HETATM 1245 S S   . DMS C 2 .   ? 9.798   2.286   -0.904  1.00 16.62 ? 1167 DMS X S   1 
HETATM 1246 O O   . DMS C 2 .   ? 10.884  2.269   -1.894  1.00 16.35 ? 1167 DMS X O   1 
HETATM 1247 C C1  . DMS C 2 .   ? 9.965   3.953   -0.222  1.00 16.31 ? 1167 DMS X C1  1 
HETATM 1248 C C2  . DMS C 2 .   ? 8.298   2.521   -1.882  1.00 16.34 ? 1167 DMS X C2  1 
HETATM 1249 S S   . DMS D 2 .   ? 9.305   6.205   -4.179  1.00 20.34 ? 1168 DMS X S   1 
HETATM 1250 O O   . DMS D 2 .   ? 8.516   5.940   -2.936  1.00 18.12 ? 1168 DMS X O   1 
HETATM 1251 C C1  . DMS D 2 .   ? 10.631  7.247   -3.509  1.00 19.75 ? 1168 DMS X C1  1 
HETATM 1252 C C2  . DMS D 2 .   ? 10.201  4.640   -4.373  1.00 18.99 ? 1168 DMS X C2  1 
HETATM 1253 S S   . DMS E 2 .   ? 0.370   11.817  -10.023 1.00 23.12 ? 1169 DMS X S   1 
HETATM 1254 O O   . DMS E 2 .   ? 1.457   12.831  -10.116 1.00 22.80 ? 1169 DMS X O   1 
HETATM 1255 C C1  . DMS E 2 .   ? 1.038   10.538  -11.129 1.00 22.59 ? 1169 DMS X C1  1 
HETATM 1256 C C2  . DMS E 2 .   ? 0.736   11.022  -8.435  1.00 21.94 ? 1169 DMS X C2  1 
HETATM 1257 O O   . HOH F 3 .   ? -11.877 6.885   16.133  1.00 22.15 ? 2001 HOH X O   1 
HETATM 1258 O O   . HOH F 3 .   ? -12.812 6.469   11.242  1.00 13.90 ? 2002 HOH X O   1 
HETATM 1259 O O   . HOH F 3 .   ? -15.448 6.235   14.579  1.00 15.39 ? 2003 HOH X O   1 
HETATM 1260 O O   . HOH F 3 .   ? -16.902 3.918   14.765  1.00 41.95 ? 2004 HOH X O   1 
HETATM 1261 O O   . HOH F 3 .   ? -15.367 7.023   11.964  1.00 20.24 ? 2005 HOH X O   1 
HETATM 1262 O O   . HOH F 3 .   ? -11.464 8.712   12.391  1.00 16.80 ? 2006 HOH X O   1 
HETATM 1263 O O   . HOH F 3 .   ? -13.174 6.699   8.543   1.00 12.23 ? 2007 HOH X O   1 
HETATM 1264 O O   . HOH F 3 .   ? -17.846 3.230   12.001  1.00 41.54 ? 2008 HOH X O   1 
HETATM 1265 O O   . HOH F 3 .   ? -9.984  7.333   14.279  1.00 12.59 ? 2009 HOH X O   1 
HETATM 1266 O O   . HOH F 3 .   ? -9.741  -17.718 2.761   1.00 33.90 ? 2010 HOH X O   1 
HETATM 1267 O O   . HOH F 3 .   ? -2.195  -23.254 -8.039  1.00 41.76 ? 2011 HOH X O   1 
HETATM 1268 O O   . HOH F 3 .   ? -14.583 -13.108 -1.399  1.00 37.94 ? 2012 HOH X O   1 
HETATM 1269 O O   . HOH F 3 .   ? -8.698  -15.452 -1.410  1.00 32.37 ? 2013 HOH X O   1 
HETATM 1270 O O   . HOH F 3 .   ? -12.408 -16.450 1.026   1.00 45.79 ? 2014 HOH X O   1 
HETATM 1271 O O   . HOH F 3 .   ? -9.875  -14.469 -4.320  1.00 42.13 ? 2015 HOH X O   1 
HETATM 1272 O O   . HOH F 3 .   ? -7.404  -11.154 -11.688 1.00 36.07 ? 2016 HOH X O   1 
HETATM 1273 O O   . HOH F 3 .   ? -10.081 -18.004 -6.945  1.00 36.03 ? 2017 HOH X O   1 
HETATM 1274 O O   . HOH F 3 .   ? 1.673   -12.532 -15.910 1.00 40.73 ? 2018 HOH X O   1 
HETATM 1275 O O   . HOH F 3 .   ? -1.641  -22.758 -11.114 1.00 42.84 ? 2019 HOH X O   1 
HETATM 1276 O O   . HOH F 3 .   ? -12.984 17.203  4.208   1.00 46.34 ? 2020 HOH X O   1 
HETATM 1277 O O   . HOH F 3 .   ? -7.048  -21.666 -2.976  1.00 14.80 ? 2021 HOH X O   1 
HETATM 1278 O O   . HOH F 3 .   ? -7.622  -17.757 -0.506  1.00 22.93 ? 2022 HOH X O   1 
HETATM 1279 O O   . HOH F 3 .   ? -3.053  -22.018 -5.359  1.00 45.06 ? 2023 HOH X O   1 
HETATM 1280 O O   . HOH F 3 .   ? -0.665  -19.751 -1.431  1.00 36.55 ? 2024 HOH X O   1 
HETATM 1281 O O   . HOH F 3 .   ? -13.550 -10.468 -2.021  1.00 24.00 ? 2025 HOH X O   1 
HETATM 1282 O O   . HOH F 3 .   ? -9.955  -13.798 0.487   1.00 23.57 ? 2026 HOH X O   1 
HETATM 1283 O O   . HOH F 3 .   ? -16.036 -9.593  2.458   1.00 30.36 ? 2027 HOH X O   1 
HETATM 1284 O O   . HOH F 3 .   ? -7.155  -17.499 2.362   1.00 33.30 ? 2028 HOH X O   1 
HETATM 1285 O O   . HOH F 3 .   ? -22.226 8.982   0.707   1.00 33.15 ? 2029 HOH X O   1 
HETATM 1286 O O   . HOH F 3 .   ? -14.256 14.843  -8.774  1.00 59.37 ? 2030 HOH X O   1 
HETATM 1287 O O   . HOH F 3 .   ? 16.953  -13.097 7.735   1.00 39.16 ? 2031 HOH X O   1 
HETATM 1288 O O   . HOH F 3 .   ? -8.563  -15.543 -7.459  1.00 28.96 ? 2032 HOH X O   1 
HETATM 1289 O O   . HOH F 3 .   ? -8.691  -13.967 -10.066 1.00 23.70 ? 2033 HOH X O   1 
HETATM 1290 O O   . HOH F 3 .   ? -5.197  -12.204 -11.037 1.00 17.65 ? 2034 HOH X O   1 
HETATM 1291 O O   . HOH F 3 .   ? -7.436  -13.182 -4.821  1.00 14.17 ? 2035 HOH X O   1 
HETATM 1292 O O   . HOH F 3 .   ? -0.268  -18.417 -6.787  1.00 28.82 ? 2036 HOH X O   1 
HETATM 1293 O O   . HOH F 3 .   ? 6.395   -2.474  -22.002 1.00 47.36 ? 2037 HOH X O   1 
HETATM 1294 O O   . HOH F 3 .   ? 3.732   -14.163 -14.790 1.00 18.47 ? 2038 HOH X O   1 
HETATM 1295 O O   . HOH F 3 .   ? -3.787  -19.087 -13.231 1.00 28.08 ? 2039 HOH X O   1 
HETATM 1296 O O   . HOH F 3 .   ? -0.633  -19.706 -10.320 1.00 44.28 ? 2040 HOH X O   1 
HETATM 1297 O O   . HOH F 3 .   ? -10.474 16.094  4.964   1.00 36.08 ? 2041 HOH X O   1 
HETATM 1298 O O   . HOH F 3 .   ? -11.239 10.412  10.254  1.00 12.59 ? 2042 HOH X O   1 
HETATM 1299 O O   . HOH F 3 .   ? -10.802 17.592  7.069   1.00 48.88 ? 2043 HOH X O   1 
HETATM 1300 O O   . HOH F 3 .   ? -9.879  15.258  10.564  1.00 29.43 ? 2044 HOH X O   1 
HETATM 1301 O O   . HOH F 3 .   ? -14.135 17.222  -5.148  1.00 42.86 ? 2045 HOH X O   1 
HETATM 1302 O O   . HOH F 3 .   ? -14.333 17.183  -0.338  1.00 51.33 ? 2046 HOH X O   1 
HETATM 1303 O O   . HOH F 3 .   ? -8.411  -17.377 -9.501  1.00 44.88 ? 2047 HOH X O   1 
HETATM 1304 O O   . HOH F 3 .   ? -14.773 8.935   8.247   1.00 18.89 ? 2048 HOH X O   1 
HETATM 1305 O O   . HOH F 3 .   ? -12.768 13.598  1.911   1.00 41.81 ? 2049 HOH X O   1 
HETATM 1306 O O   . HOH F 3 .   ? 2.426   21.905  7.967   1.00 46.60 ? 2050 HOH X O   1 
HETATM 1307 O O   . HOH F 3 .   ? -17.636 10.338  2.748   1.00 53.84 ? 2051 HOH X O   1 
HETATM 1308 O O   . HOH F 3 .   ? -6.410  -23.999 -12.681 1.00 30.90 ? 2052 HOH X O   1 
HETATM 1309 O O   . HOH F 3 .   ? -7.264  -23.984 -9.310  1.00 44.17 ? 2053 HOH X O   1 
HETATM 1310 O O   . HOH F 3 .   ? 10.887  -0.367  20.242  1.00 40.70 ? 2054 HOH X O   1 
HETATM 1311 O O   . HOH F 3 .   ? -1.999  -19.663 -4.729  1.00 22.84 ? 2055 HOH X O   1 
HETATM 1312 O O   . HOH F 3 .   ? -5.456  -19.689 -1.499  1.00 16.83 ? 2056 HOH X O   1 
HETATM 1313 O O   . HOH F 3 .   ? -0.495  -17.962 0.730   1.00 28.55 ? 2057 HOH X O   1 
HETATM 1314 O O   . HOH F 3 .   ? -6.849  -13.939 -2.324  1.00 13.41 ? 2058 HOH X O   1 
HETATM 1315 O O   . HOH F 3 .   ? -18.269 11.189  -4.419  1.00 49.22 ? 2059 HOH X O   1 
HETATM 1316 O O   . HOH F 3 .   ? -20.967 6.922   -1.751  1.00 28.82 ? 2060 HOH X O   1 
HETATM 1317 O O   . HOH F 3 .   ? -20.663 5.372   0.162   1.00 32.83 ? 2061 HOH X O   1 
HETATM 1318 O O   . HOH F 3 .   ? -12.828 12.406  -9.127  1.00 50.90 ? 2062 HOH X O   1 
HETATM 1319 O O   . HOH F 3 .   ? -12.581 -14.070 0.307   1.00 48.62 ? 2063 HOH X O   1 
HETATM 1320 O O   . HOH F 3 .   ? -5.752  -15.134 3.962   1.00 13.60 ? 2064 HOH X O   1 
HETATM 1321 O O   . HOH F 3 .   ? -11.546 -10.377 6.618   1.00 16.15 ? 2065 HOH X O   1 
HETATM 1322 O O   . HOH F 3 .   ? -15.158 -10.620 5.604   1.00 35.78 ? 2066 HOH X O   1 
HETATM 1323 O O   . HOH F 3 .   ? -11.311 -5.634  -11.581 1.00 30.10 ? 2067 HOH X O   1 
HETATM 1324 O O   . HOH F 3 .   ? -2.151  -4.685  -15.592 1.00 38.24 ? 2068 HOH X O   1 
HETATM 1325 O O   . HOH F 3 .   ? -9.214  -5.599  -13.867 1.00 30.88 ? 2069 HOH X O   1 
HETATM 1326 O O   . HOH F 3 .   ? -8.379  -8.716  -11.314 1.00 21.48 ? 2070 HOH X O   1 
HETATM 1327 O O   . HOH F 3 .   ? -3.188  -8.605  -15.139 1.00 55.15 ? 2071 HOH X O   1 
HETATM 1328 O O   . HOH F 3 .   ? 15.930  -13.224 -1.245  1.00 36.22 ? 2072 HOH X O   1 
HETATM 1329 O O   . HOH F 3 .   ? 17.308  -10.167 -2.762  1.00 43.85 ? 2073 HOH X O   1 
HETATM 1330 O O   . HOH F 3 .   ? 17.999  -5.616  -2.169  1.00 42.23 ? 2074 HOH X O   1 
HETATM 1331 O O   . HOH F 3 .   ? 16.130  -9.030  7.381   1.00 44.64 ? 2075 HOH X O   1 
HETATM 1332 O O   . HOH F 3 .   ? 14.356  -12.859 6.837   1.00 35.37 ? 2076 HOH X O   1 
HETATM 1333 O O   . HOH F 3 .   ? 11.590  -12.967 0.620   1.00 31.67 ? 2077 HOH X O   1 
HETATM 1334 O O   . HOH F 3 .   ? 12.838  -14.527 4.088   1.00 42.59 ? 2078 HOH X O   1 
HETATM 1335 O O   . HOH F 3 .   ? -2.037  -0.058  16.854  1.00 16.56 ? 2079 HOH X O   1 
HETATM 1336 O O   . HOH F 3 .   ? -3.681  4.342   17.113  1.00 21.99 ? 2080 HOH X O   1 
HETATM 1337 O O   . HOH F 3 .   ? -6.609  6.011   -15.554 0.50 43.03 ? 2081 HOH X O   1 
HETATM 1338 O O   . HOH F 3 .   ? -7.938  5.222   -13.038 1.00 38.30 ? 2082 HOH X O   1 
HETATM 1339 O O   . HOH F 3 .   ? -2.248  -0.921  -19.406 1.00 46.89 ? 2083 HOH X O   1 
HETATM 1340 O O   . HOH F 3 .   ? 6.614   -2.258  -17.353 1.00 29.36 ? 2084 HOH X O   1 
HETATM 1341 O O   . HOH F 3 .   ? -2.153  13.853  14.088  1.00 12.85 ? 2085 HOH X O   1 
HETATM 1342 O O   . HOH F 3 .   ? 6.048   0.335   -20.291 1.00 26.40 ? 2086 HOH X O   1 
HETATM 1343 O O   . HOH F 3 .   ? 3.245   8.160   -6.042  1.00 13.96 ? 2087 HOH X O   1 
HETATM 1344 O O   . HOH F 3 .   ? -9.895  13.545  6.865   1.00 28.74 ? 2088 HOH X O   1 
HETATM 1345 O O   . HOH F 3 .   ? -10.055 9.693   8.008   1.00 10.09 ? 2089 HOH X O   1 
HETATM 1346 O O   . HOH F 3 .   ? -4.908  12.149  -12.788 1.00 24.88 ? 2090 HOH X O   1 
HETATM 1347 O O   . HOH F 3 .   ? -0.599  13.983  -13.781 1.00 26.70 ? 2091 HOH X O   1 
HETATM 1348 O O   . HOH F 3 .   ? -8.937  15.732  7.951   1.00 18.11 ? 2092 HOH X O   1 
HETATM 1349 O O   . HOH F 3 .   ? -7.247  19.974  8.580   1.00 23.19 ? 2093 HOH X O   1 
HETATM 1350 O O   . HOH F 3 .   ? -12.240 16.898  -2.910  1.00 36.76 ? 2094 HOH X O   1 
HETATM 1351 O O   . HOH F 3 .   ? -12.216 14.933  -0.407  1.00 46.30 ? 2095 HOH X O   1 
HETATM 1352 O O   . HOH F 3 .   ? -3.358  7.401   1.268   1.00 9.85  ? 2096 HOH X O   1 
HETATM 1353 O O   . HOH F 3 .   ? 0.225   12.325  3.670   1.00 7.89  ? 2097 HOH X O   1 
HETATM 1354 O O   . HOH F 3 .   ? -13.899 11.308  0.980   1.00 16.02 ? 2098 HOH X O   1 
HETATM 1355 O O   . HOH F 3 .   ? -14.990 8.920   5.619   1.00 21.29 ? 2099 HOH X O   1 
HETATM 1356 O O   . HOH F 3 .   ? -11.172 7.507   6.800   1.00 11.58 ? 2100 HOH X O   1 
HETATM 1357 O O   . HOH F 3 .   ? 5.969   18.164  6.253   1.00 31.24 ? 2101 HOH X O   1 
HETATM 1358 O O   . HOH F 3 .   ? 0.241   20.551  8.227   1.00 38.57 ? 2102 HOH X O   1 
HETATM 1359 O O   . HOH F 3 .   ? -2.815  18.026  7.856   1.00 20.50 ? 2103 HOH X O   1 
HETATM 1360 O O   . HOH F 3 .   ? -5.344  15.724  12.103  1.00 23.64 ? 2104 HOH X O   1 
HETATM 1361 O O   . HOH F 3 .   ? 1.329   16.696  13.547  1.00 36.03 ? 2105 HOH X O   1 
HETATM 1362 O O   . HOH F 3 .   ? 3.702   17.246  12.479  1.00 42.68 ? 2106 HOH X O   1 
HETATM 1363 O O   . HOH F 3 .   ? 3.974   2.652   15.558  1.00 16.03 ? 2107 HOH X O   1 
HETATM 1364 O O   . HOH F 3 .   ? 12.945  13.307  10.945  1.00 39.97 ? 2108 HOH X O   1 
HETATM 1365 O O   . HOH F 3 .   ? 7.895   4.747   16.996  1.00 16.03 ? 2109 HOH X O   1 
HETATM 1366 O O   . HOH F 3 .   ? 9.328   0.318   17.840  1.00 37.82 ? 2110 HOH X O   1 
HETATM 1367 O O   . HOH F 3 .   ? -18.241 4.299   3.896   1.00 40.54 ? 2111 HOH X O   1 
HETATM 1368 O O   . HOH F 3 .   ? 5.430   -9.808  11.098  1.00 38.39 ? 2112 HOH X O   1 
HETATM 1369 O O   . HOH F 3 .   ? 4.320   -2.886  14.172  1.00 44.82 ? 2113 HOH X O   1 
HETATM 1370 O O   . HOH F 3 .   ? 7.478   -7.939  13.525  1.00 45.50 ? 2114 HOH X O   1 
HETATM 1371 O O   . HOH F 3 .   ? 2.617   -1.215  14.187  1.00 32.42 ? 2115 HOH X O   1 
HETATM 1372 O O   . HOH F 3 .   ? -12.620 5.613   -4.861  1.00 8.59  ? 2116 HOH X O   1 
HETATM 1373 O O   . HOH F 3 .   ? -11.128 -0.266  -5.680  1.00 9.94  ? 2117 HOH X O   1 
HETATM 1374 O O   . HOH F 3 .   ? 12.609  16.244  -4.453  1.00 42.89 ? 2118 HOH X O   1 
HETATM 1375 O O   . HOH F 3 .   ? -13.178 -2.120  -4.835  1.00 15.09 ? 2119 HOH X O   1 
HETATM 1376 O O   . HOH F 3 .   ? 13.100  13.503  -3.587  1.00 42.10 ? 2120 HOH X O   1 
HETATM 1377 O O   . HOH F 3 .   ? 15.173  10.275  -2.053  1.00 52.68 ? 2121 HOH X O   1 
HETATM 1378 O O   . HOH F 3 .   ? 13.241  13.757  0.532   1.00 30.10 ? 2122 HOH X O   1 
HETATM 1379 O O   . HOH F 3 .   ? -16.309 -1.761  -2.043  1.00 24.29 ? 2123 HOH X O   1 
HETATM 1380 O O   . HOH F 3 .   ? -15.324 -0.945  -7.042  1.00 23.64 ? 2124 HOH X O   1 
HETATM 1381 O O   . HOH F 3 .   ? -17.833 1.690   -3.920  1.00 15.36 ? 2125 HOH X O   1 
HETATM 1382 O O   . HOH F 3 .   ? -18.361 2.054   -6.400  1.00 29.44 ? 2126 HOH X O   1 
HETATM 1383 O O   . HOH F 3 .   ? -14.445 2.000   -8.729  1.00 17.39 ? 2127 HOH X O   1 
HETATM 1384 O O   . HOH F 3 .   ? -17.474 8.993   -1.136  1.00 18.82 ? 2128 HOH X O   1 
HETATM 1385 O O   . HOH F 3 .   ? -19.054 8.280   -3.492  1.00 32.03 ? 2129 HOH X O   1 
HETATM 1386 O O   . HOH F 3 .   ? -18.297 6.633   2.434   1.00 24.01 ? 2130 HOH X O   1 
HETATM 1387 O O   . HOH F 3 .   ? -18.687 2.659   -1.093  1.00 24.78 ? 2131 HOH X O   1 
HETATM 1388 O O   . HOH F 3 .   ? -18.254 3.389   1.261   1.00 29.50 ? 2132 HOH X O   1 
HETATM 1389 O O   . HOH F 3 .   ? -15.646 10.904  -7.864  1.00 50.54 ? 2133 HOH X O   1 
HETATM 1390 O O   . HOH F 3 .   ? 7.627   -10.503 9.577   1.00 24.74 ? 2134 HOH X O   1 
HETATM 1391 O O   . HOH F 3 .   ? -15.979 2.150   -10.845 1.00 42.71 ? 2135 HOH X O   1 
HETATM 1392 O O   . HOH F 3 .   ? -12.041 2.719   -12.921 1.00 40.14 ? 2136 HOH X O   1 
HETATM 1393 O O   . HOH F 3 .   ? -12.590 6.909   -13.259 1.00 47.11 ? 2137 HOH X O   1 
HETATM 1394 O O   . HOH F 3 .   ? -12.043 0.776   -8.066  1.00 17.39 ? 2138 HOH X O   1 
HETATM 1395 O O   . HOH F 3 .   ? -9.575  2.382   -11.219 1.00 18.16 ? 2139 HOH X O   1 
HETATM 1396 O O   . HOH F 3 .   ? -7.472  -0.472  -10.420 1.00 24.65 ? 2140 HOH X O   1 
HETATM 1397 O O   . HOH F 3 .   ? 12.949  15.007  2.847   1.00 25.27 ? 2141 HOH X O   1 
HETATM 1398 O O   . HOH F 3 .   ? 9.594   17.924  6.856   1.00 26.92 ? 2142 HOH X O   1 
HETATM 1399 O O   . HOH F 3 .   ? -11.822 -2.535  -11.575 1.00 39.26 ? 2143 HOH X O   1 
HETATM 1400 O O   . HOH F 3 .   ? -16.443 -4.552  -7.194  1.00 34.29 ? 2144 HOH X O   1 
HETATM 1401 O O   . HOH F 3 .   ? -13.071 -5.025  -5.096  1.00 17.96 ? 2145 HOH X O   1 
HETATM 1402 O O   . HOH F 3 .   ? -15.097 -8.904  -8.358  1.00 30.43 ? 2146 HOH X O   1 
HETATM 1403 O O   . HOH F 3 .   ? -10.648 -0.279  -10.103 1.00 15.77 ? 2147 HOH X O   1 
HETATM 1404 O O   . HOH F 3 .   ? -6.884  -6.885  -13.076 1.00 22.86 ? 2148 HOH X O   1 
HETATM 1405 O O   . HOH F 3 .   ? -3.832  -4.639  -14.428 1.00 31.48 ? 2149 HOH X O   1 
HETATM 1406 O O   . HOH F 3 .   ? 1.132   2.508   16.133  1.00 22.87 ? 2150 HOH X O   1 
HETATM 1407 O O   . HOH F 3 .   ? -2.000  -1.670  -6.933  1.00 10.44 ? 2151 HOH X O   1 
HETATM 1408 O O   . HOH F 3 .   ? -3.375  -13.267 12.343  1.00 16.16 ? 2152 HOH X O   1 
HETATM 1409 O O   . HOH F 3 .   ? -9.669  -14.274 5.180   1.00 38.99 ? 2153 HOH X O   1 
HETATM 1410 O O   . HOH F 3 .   ? -0.923  -1.763  -10.907 1.00 10.59 ? 2154 HOH X O   1 
HETATM 1411 O O   . HOH F 3 .   ? 0.870   -0.677  -8.847  1.00 10.27 ? 2155 HOH X O   1 
HETATM 1412 O O   . HOH F 3 .   ? 2.346   -4.213  -12.859 1.00 21.92 ? 2156 HOH X O   1 
HETATM 1413 O O   . HOH F 3 .   ? -4.972  -18.953 5.953   1.00 47.52 ? 2157 HOH X O   1 
HETATM 1414 O O   . HOH F 3 .   ? 2.556   -19.156 3.844   1.00 13.45 ? 2158 HOH X O   1 
HETATM 1415 O O   . HOH F 3 .   ? 3.275   -7.981  -10.351 1.00 8.05  ? 2159 HOH X O   1 
HETATM 1416 O O   . HOH F 3 .   ? 7.882   2.246   -8.614  1.00 14.57 ? 2160 HOH X O   1 
HETATM 1417 O O   . HOH F 3 .   ? 7.067   -6.135  -11.595 1.00 17.37 ? 2161 HOH X O   1 
HETATM 1418 O O   . HOH F 3 .   ? 11.983  -11.460 8.872   1.00 48.87 ? 2162 HOH X O   1 
HETATM 1419 O O   . HOH F 3 .   ? 14.134  -0.430  -7.299  1.00 24.74 ? 2163 HOH X O   1 
HETATM 1420 O O   . HOH F 3 .   ? 12.034  3.423   -7.409  1.00 36.46 ? 2164 HOH X O   1 
HETATM 1421 O O   . HOH F 3 .   ? 5.888   -20.527 -5.092  1.00 53.63 ? 2165 HOH X O   1 
HETATM 1422 O O   . HOH F 3 .   ? 12.822  -14.294 -1.149  1.00 35.41 ? 2166 HOH X O   1 
HETATM 1423 O O   . HOH F 3 .   ? 12.465  -16.695 -6.988  1.00 46.00 ? 2167 HOH X O   1 
HETATM 1424 O O   . HOH F 3 .   ? 19.403  -4.384  -8.549  1.00 35.93 ? 2168 HOH X O   1 
HETATM 1425 O O   . HOH F 3 .   ? 16.147  -12.650 -9.747  1.00 45.78 ? 2169 HOH X O   1 
HETATM 1426 O O   . HOH F 3 .   ? 20.422  -10.455 -6.089  1.00 57.59 ? 2170 HOH X O   1 
HETATM 1427 O O   . HOH F 3 .   ? 16.770  -3.261  -1.009  1.00 40.65 ? 2171 HOH X O   1 
HETATM 1428 O O   . HOH F 3 .   ? 11.564  -11.504 -13.306 1.00 37.99 ? 2172 HOH X O   1 
HETATM 1429 O O   . HOH F 3 .   ? 13.295  -13.322 -9.798  1.00 33.22 ? 2173 HOH X O   1 
HETATM 1430 O O   . HOH F 3 .   ? 9.094   -8.296  -15.326 1.00 39.62 ? 2174 HOH X O   1 
HETATM 1431 O O   . HOH F 3 .   ? 11.059  -14.312 -13.677 1.00 31.62 ? 2175 HOH X O   1 
HETATM 1432 O O   . HOH F 3 .   ? 16.449  -7.866  -1.994  1.00 31.71 ? 2176 HOH X O   1 
HETATM 1433 O O   . HOH F 3 .   ? 11.979  -16.941 -9.703  1.00 48.96 ? 2177 HOH X O   1 
HETATM 1434 O O   . HOH F 3 .   ? 6.775   -18.552 -11.732 1.00 25.50 ? 2178 HOH X O   1 
HETATM 1435 O O   . HOH F 3 .   ? 7.719   -19.847 -7.034  1.00 51.69 ? 2179 HOH X O   1 
HETATM 1436 O O   . HOH F 3 .   ? 6.171   -21.070 -11.094 1.00 36.73 ? 2180 HOH X O   1 
HETATM 1437 O O   . HOH F 3 .   ? 14.386  -10.223 5.773   1.00 21.37 ? 2181 HOH X O   1 
HETATM 1438 O O   . HOH F 3 .   ? 13.092  -12.309 2.650   1.00 30.84 ? 2182 HOH X O   1 
HETATM 1439 O O   . HOH F 3 .   ? -2.073  -13.506 -14.245 1.00 28.24 ? 2183 HOH X O   1 
HETATM 1440 O O   . HOH F 3 .   ? -18.055 0.900   7.373   1.00 28.22 ? 2184 HOH X O   1 
HETATM 1441 O O   . HOH F 3 .   ? -19.990 -5.765  6.951   1.00 37.99 ? 2185 HOH X O   1 
HETATM 1442 O O   . HOH F 3 .   ? -21.632 -3.253  8.025   1.00 40.56 ? 2186 HOH X O   1 
HETATM 1443 O O   . HOH F 3 .   ? -7.393  3.201   -15.307 1.00 41.54 ? 2187 HOH X O   1 
HETATM 1444 O O   . HOH F 3 .   ? -7.592  1.120   -12.501 1.00 33.90 ? 2188 HOH X O   1 
HETATM 1445 O O   . HOH F 3 .   ? -1.734  8.596   -14.590 1.00 22.19 ? 2189 HOH X O   1 
HETATM 1446 O O   . HOH F 3 .   ? -1.687  2.146   -18.340 1.00 30.51 ? 2190 HOH X O   1 
HETATM 1447 O O   . HOH F 3 .   ? 1.141   5.887   -19.531 1.00 47.47 ? 2191 HOH X O   1 
HETATM 1448 O O   . HOH F 3 .   ? 0.943   8.803   -17.655 1.00 22.19 ? 2192 HOH X O   1 
HETATM 1449 O O   . HOH F 3 .   ? -2.355  6.520   -18.145 1.00 23.26 ? 2193 HOH X O   1 
HETATM 1450 O O   . HOH F 3 .   ? 5.076   -3.019  -14.228 1.00 26.23 ? 2194 HOH X O   1 
HETATM 1451 O O   . HOH F 3 .   ? -6.542  -1.311  -12.664 1.00 41.75 ? 2195 HOH X O   1 
HETATM 1452 O O   . HOH F 3 .   ? 8.144   2.652   -14.272 1.00 11.48 ? 2196 HOH X O   1 
HETATM 1453 O O   . HOH F 3 .   ? 5.319   -0.307  -18.026 1.00 24.29 ? 2197 HOH X O   1 
HETATM 1454 O O   . HOH F 3 .   ? 2.821   4.127   -18.622 1.00 30.68 ? 2198 HOH X O   1 
HETATM 1455 O O   . HOH F 3 .   ? 7.397   5.603   -7.827  1.00 17.99 ? 2199 HOH X O   1 
HETATM 1456 O O   . HOH F 3 .   ? 2.999   10.606  -14.044 1.00 26.14 ? 2200 HOH X O   1 
HETATM 1457 O O   . HOH F 3 .   ? 4.980   6.840   -17.720 1.00 23.33 ? 2201 HOH X O   1 
HETATM 1458 O O   . HOH F 3 .   ? 0.617   7.659   -7.035  1.00 9.47  ? 2202 HOH X O   1 
HETATM 1459 O O   . HOH F 3 .   ? -2.444  10.595  -12.397 1.00 23.14 ? 2203 HOH X O   1 
HETATM 1460 O O   . HOH F 3 .   ? -9.705  6.877   -13.281 1.00 28.44 ? 2204 HOH X O   1 
HETATM 1461 O O   . HOH F 3 .   ? -10.013 11.783  -10.649 1.00 23.28 ? 2205 HOH X O   1 
HETATM 1462 O O   . HOH F 3 .   ? -7.816  12.708  -8.529  1.00 16.68 ? 2206 HOH X O   1 
HETATM 1463 O O   . HOH F 3 .   ? -12.564 11.984  -5.226  1.00 27.06 ? 2207 HOH X O   1 
HETATM 1464 O O   . HOH F 3 .   ? -12.511 13.613  -2.625  1.00 52.14 ? 2208 HOH X O   1 
HETATM 1465 O O   . HOH F 3 .   ? -10.362 15.367  -7.942  1.00 39.18 ? 2209 HOH X O   1 
HETATM 1466 O O   . HOH F 3 .   ? -9.847  18.046  -3.385  1.00 19.21 ? 2210 HOH X O   1 
HETATM 1467 O O   . HOH F 3 .   ? -10.169 13.833  3.922   1.00 17.65 ? 2211 HOH X O   1 
HETATM 1468 O O   . HOH F 3 .   ? 0.711   15.572  -10.444 1.00 16.85 ? 2212 HOH X O   1 
HETATM 1469 O O   . HOH F 3 .   ? -6.003  13.645  -10.608 1.00 16.12 ? 2213 HOH X O   1 
HETATM 1470 O O   . HOH F 3 .   ? 3.947   17.962  -7.209  1.00 14.68 ? 2214 HOH X O   1 
HETATM 1471 O O   . HOH F 3 .   ? 7.299   13.542  -10.626 1.00 30.12 ? 2215 HOH X O   1 
HETATM 1472 O O   . HOH F 3 .   ? 4.328   10.428  -9.643  1.00 24.25 ? 2216 HOH X O   1 
HETATM 1473 O O   . HOH F 3 .   ? 6.142   17.854  -9.798  1.00 34.20 ? 2217 HOH X O   1 
HETATM 1474 O O   . HOH F 3 .   ? -2.132  15.399  3.882   1.00 7.27  ? 2218 HOH X O   1 
HETATM 1475 O O   . HOH F 3 .   ? 6.983   17.167  3.661   1.00 10.96 ? 2219 HOH X O   1 
HETATM 1476 O O   . HOH F 3 .   ? 5.310   12.879  -0.448  1.00 8.01  ? 2220 HOH X O   1 
HETATM 1477 O O   . HOH F 3 .   ? 4.292   17.303  7.498   1.00 28.07 ? 2221 HOH X O   1 
HETATM 1478 O O   . HOH F 3 .   ? 0.852   19.089  5.815   1.00 32.68 ? 2222 HOH X O   1 
HETATM 1479 O O   . HOH F 3 .   ? -4.488  16.108  9.258   1.00 15.92 ? 2223 HOH X O   1 
HETATM 1480 O O   . HOH F 3 .   ? -0.790  18.169  8.978   1.00 34.12 ? 2224 HOH X O   1 
HETATM 1481 O O   . HOH F 3 .   ? 2.226   9.455   10.446  1.00 8.13  ? 2225 HOH X O   1 
HETATM 1482 O O   . HOH F 3 .   ? -0.855  16.389  11.586  1.00 20.01 ? 2226 HOH X O   1 
HETATM 1483 O O   . HOH F 3 .   ? 5.415   15.555  11.379  1.00 13.49 ? 2227 HOH X O   1 
HETATM 1484 O O   . HOH F 3 .   ? 0.469   13.717  15.060  1.00 13.74 ? 2228 HOH X O   1 
HETATM 1485 O O   . HOH F 3 .   ? 6.706   10.756  16.440  1.00 13.67 ? 2229 HOH X O   1 
HETATM 1486 O O   . HOH F 3 .   ? 4.475   14.734  14.932  1.00 38.79 ? 2230 HOH X O   1 
HETATM 1487 O O   . HOH F 3 .   ? 4.678   8.987   9.202   1.00 6.63  ? 2231 HOH X O   1 
HETATM 1488 O O   . HOH F 3 .   ? 5.571   4.880   15.467  1.00 9.69  ? 2232 HOH X O   1 
HETATM 1489 O O   . HOH F 3 .   ? 9.846   13.596  11.790  1.00 29.72 ? 2233 HOH X O   1 
HETATM 1490 O O   . HOH F 3 .   ? 4.140   2.734   12.783  1.00 11.73 ? 2234 HOH X O   1 
HETATM 1491 O O   . HOH F 3 .   ? 8.042   12.517  14.996  1.00 20.95 ? 2235 HOH X O   1 
HETATM 1492 O O   . HOH F 3 .   ? 11.221  -0.377  15.992  1.00 22.56 ? 2236 HOH X O   1 
HETATM 1493 O O   . HOH F 3 .   ? 11.648  -4.421  13.820  1.00 35.80 ? 2237 HOH X O   1 
HETATM 1494 O O   . HOH F 3 .   ? 9.072   -0.447  8.690   1.00 11.59 ? 2238 HOH X O   1 
HETATM 1495 O O   . HOH F 3 .   ? 3.356   -3.515  11.842  1.00 31.30 ? 2239 HOH X O   1 
HETATM 1496 O O   . HOH F 3 .   ? 6.582   -4.444  13.632  1.00 40.61 ? 2240 HOH X O   1 
HETATM 1497 O O   . HOH F 3 .   ? 3.585   -7.905  11.706  1.00 41.17 ? 2241 HOH X O   1 
HETATM 1498 O O   . HOH F 3 .   ? 1.835   7.871   -3.769  1.00 9.96  ? 2242 HOH X O   1 
HETATM 1499 O O   . HOH F 3 .   ? 10.903  10.309  -0.716  1.00 27.47 ? 2243 HOH X O   1 
HETATM 1500 O O   . HOH F 3 .   ? 5.714   6.574   -6.001  1.00 18.71 ? 2244 HOH X O   1 
HETATM 1501 O O   . HOH F 3 .   ? 8.037   15.313  -7.761  1.00 23.86 ? 2245 HOH X O   1 
HETATM 1502 O O   . HOH F 3 .   ? 10.301  13.348  -8.487  1.00 27.18 ? 2246 HOH X O   1 
HETATM 1503 O O   . HOH F 3 .   ? 10.417  16.374  -5.679  1.00 50.92 ? 2247 HOH X O   1 
HETATM 1504 O O   . HOH F 3 .   ? 12.183  11.014  -3.871  1.00 31.66 ? 2248 HOH X O   1 
HETATM 1505 O O   . HOH F 3 .   ? 10.717  12.774  0.285   1.00 22.46 ? 2249 HOH X O   1 
HETATM 1506 O O   . HOH F 3 .   ? 8.821   17.504  -3.798  1.00 17.84 ? 2250 HOH X O   1 
HETATM 1507 O O   . HOH F 3 .   ? 6.626   20.105  3.553   1.00 28.87 ? 2251 HOH X O   1 
HETATM 1508 O O   . HOH F 3 .   ? 3.059   19.677  3.977   1.00 19.58 ? 2252 HOH X O   1 
HETATM 1509 O O   . HOH F 3 .   ? 4.199   10.742  -6.300  1.00 19.62 ? 2253 HOH X O   1 
HETATM 1510 O O   . HOH F 3 .   ? 4.843   10.281  1.947   1.00 9.61  ? 2254 HOH X O   1 
HETATM 1511 O O   . HOH F 3 .   ? 8.945   -9.890  7.352   1.00 17.60 ? 2255 HOH X O   1 
HETATM 1512 O O   . HOH F 3 .   ? 13.181  -5.641  10.899  1.00 23.17 ? 2256 HOH X O   1 
HETATM 1513 O O   . HOH F 3 .   ? 15.928  0.101   9.390   1.00 25.42 ? 2257 HOH X O   1 
HETATM 1514 O O   . HOH F 3 .   ? 16.069  -3.397  9.274   1.00 40.70 ? 2258 HOH X O   1 
HETATM 1515 O O   . HOH F 3 .   ? 14.391  2.063   16.668  1.00 56.50 ? 2259 HOH X O   1 
HETATM 1516 O O   . HOH F 3 .   ? 17.224  6.473   10.616  1.00 40.95 ? 2260 HOH X O   1 
HETATM 1517 O O   . HOH F 3 .   ? 19.084  0.835   11.751  1.00 39.66 ? 2261 HOH X O   1 
HETATM 1518 O O   . HOH F 3 .   ? 16.495  8.122   3.326   1.00 33.26 ? 2262 HOH X O   1 
HETATM 1519 O O   . HOH F 3 .   ? 14.916  3.492   -0.030  1.00 14.59 ? 2263 HOH X O   1 
HETATM 1520 O O   . HOH F 3 .   ? 12.418  7.381   13.894  1.00 31.34 ? 2264 HOH X O   1 
HETATM 1521 O O   . HOH F 3 .   ? 15.147  9.338   7.605   1.00 41.55 ? 2265 HOH X O   1 
HETATM 1522 O O   . HOH F 3 .   ? 14.088  11.959  6.978   1.00 41.68 ? 2266 HOH X O   1 
HETATM 1523 O O   . HOH F 3 .   ? 10.922  15.219  7.850   1.00 17.99 ? 2267 HOH X O   1 
HETATM 1524 O O   . HOH F 3 .   ? 10.344  14.673  3.840   1.00 13.70 ? 2268 HOH X O   1 
HETATM 1525 O O   . HOH F 3 .   ? 14.812  14.625  4.418   1.00 29.75 ? 2269 HOH X O   1 
HETATM 1526 O O   . HOH F 3 .   ? 8.580   13.559  2.102   1.00 13.91 ? 2270 HOH X O   1 
HETATM 1527 O O   . HOH F 3 .   ? 12.560  7.314   -0.478  1.00 29.27 ? 2271 HOH X O   1 
HETATM 1528 O O   . HOH F 3 .   ? 7.857   8.683   8.645   1.00 7.36  ? 2272 HOH X O   1 
HETATM 1529 O O   . HOH F 3 .   ? 2.326   1.492   11.570  1.00 18.58 ? 2273 HOH X O   1 
HETATM 1530 O O   . HOH F 3 .   ? -0.029  1.621   12.954  1.00 13.56 ? 2274 HOH X O   1 
HETATM 1531 O O   . HOH F 3 .   ? 1.904   -5.687  11.277  1.00 17.86 ? 2275 HOH X O   1 
HETATM 1532 O O   . HOH F 3 .   ? 0.463   -8.989  11.860  1.00 47.19 ? 2276 HOH X O   1 
HETATM 1533 O O   . HOH F 3 .   ? -4.833  -11.239 13.097  1.00 12.23 ? 2277 HOH X O   1 
HETATM 1534 O O   . HOH F 3 .   ? -1.358  -10.950 12.818  1.00 38.23 ? 2278 HOH X O   1 
HETATM 1535 O O   . HOH F 3 .   ? -9.813  -12.624 6.963   1.00 22.34 ? 2279 HOH X O   1 
HETATM 1536 O O   . HOH F 3 .   ? -7.466  -15.742 7.579   1.00 39.09 ? 2280 HOH X O   1 
HETATM 1537 O O   . HOH F 3 .   ? -10.080 -13.343 10.178  1.00 12.61 ? 2281 HOH X O   1 
HETATM 1538 O O   . HOH F 3 .   ? -5.499  -13.360 6.069   1.00 12.92 ? 2282 HOH X O   1 
HETATM 1539 O O   . HOH F 3 .   ? -7.626  -11.225 12.398  1.00 9.64  ? 2283 HOH X O   1 
HETATM 1540 O O   . HOH F 3 .   ? -2.497  -13.620 9.636   1.00 10.20 ? 2284 HOH X O   1 
HETATM 1541 O O   . HOH F 3 .   ? -0.154  -10.854 10.723  1.00 16.52 ? 2285 HOH X O   1 
HETATM 1542 O O   . HOH F 3 .   ? 0.361   -14.067 9.369   1.00 18.52 ? 2286 HOH X O   1 
HETATM 1543 O O   . HOH F 3 .   ? 4.054   -16.953 3.501   1.00 16.20 ? 2287 HOH X O   1 
HETATM 1544 O O   . HOH F 3 .   ? -3.584  -14.938 7.242   1.00 14.24 ? 2288 HOH X O   1 
HETATM 1545 O O   . HOH F 3 .   ? 0.017   -18.470 3.274   1.00 24.02 ? 2289 HOH X O   1 
HETATM 1546 O O   . HOH F 3 .   ? -0.947  -17.025 9.045   1.00 26.89 ? 2290 HOH X O   1 
HETATM 1547 O O   . HOH F 3 .   ? -3.538  -16.833 3.948   1.00 23.34 ? 2291 HOH X O   1 
HETATM 1548 O O   . HOH F 3 .   ? 6.318   -17.082 2.036   1.00 21.32 ? 2292 HOH X O   1 
HETATM 1549 O O   . HOH F 3 .   ? 11.784  -13.474 6.361   1.00 25.27 ? 2293 HOH X O   1 
HETATM 1550 O O   . HOH F 3 .   ? 9.354   -13.850 1.822   1.00 16.57 ? 2294 HOH X O   1 
HETATM 1551 O O   . HOH F 3 .   ? 3.376   -21.531 -0.246  1.00 24.57 ? 2295 HOH X O   1 
HETATM 1552 O O   . HOH F 3 .   ? 1.256   -19.556 -3.372  1.00 48.22 ? 2296 HOH X O   1 
HETATM 1553 O O   . HOH F 3 .   ? 11.751  -9.826  5.253   1.00 14.28 ? 2297 HOH X O   1 
HETATM 1554 O O   . HOH F 3 .   ? 9.931   -17.420 -5.121  1.00 34.34 ? 2298 HOH X O   1 
HETATM 1555 O O   . HOH F 3 .   ? 11.909  -16.205 -2.853  1.00 33.96 ? 2299 HOH X O   1 
HETATM 1556 O O   . HOH F 3 .   ? 7.130   -18.521 -2.458  1.00 31.58 ? 2300 HOH X O   1 
HETATM 1557 O O   . HOH F 3 .   ? 14.342  -13.682 -4.985  1.00 39.69 ? 2301 HOH X O   1 
HETATM 1558 O O   . HOH F 3 .   ? 17.540  -4.002  -3.893  1.00 28.40 ? 2302 HOH X O   1 
HETATM 1559 O O   . HOH F 3 .   ? 16.895  -11.134 -6.745  1.00 19.90 ? 2303 HOH X O   1 
HETATM 1560 O O   . HOH F 3 .   ? 16.192  -2.082  -6.720  1.00 22.77 ? 2304 HOH X O   1 
HETATM 1561 O O   . HOH F 3 .   ? 21.566  -7.550  -9.924  1.00 49.25 ? 2305 HOH X O   1 
HETATM 1562 O O   . HOH F 3 .   ? 21.926  -4.389  -6.480  1.00 37.50 ? 2306 HOH X O   1 
HETATM 1563 O O   . HOH F 3 .   ? 15.204  -1.612  -11.171 1.00 25.00 ? 2307 HOH X O   1 
HETATM 1564 O O   . HOH F 3 .   ? 16.856  -8.554  -9.669  1.00 17.85 ? 2308 HOH X O   1 
HETATM 1565 O O   . HOH F 3 .   ? 11.790  -1.490  -9.311  1.00 24.83 ? 2309 HOH X O   1 
HETATM 1566 O O   . HOH F 3 .   ? 19.042  -6.727  -9.650  1.00 39.26 ? 2310 HOH X O   1 
HETATM 1567 O O   . HOH F 3 .   ? 10.258  -3.469  -15.322 1.00 20.64 ? 2311 HOH X O   1 
HETATM 1568 O O   . HOH F 3 .   ? 11.918  -11.184 -10.866 1.00 26.61 ? 2312 HOH X O   1 
HETATM 1569 O O   . HOH F 3 .   ? 11.060  -4.762  -17.497 1.00 30.75 ? 2313 HOH X O   1 
HETATM 1570 O O   . HOH F 3 .   ? 15.274  -6.005  -13.706 1.00 36.76 ? 2314 HOH X O   1 
HETATM 1571 O O   . HOH F 3 .   ? 13.738  -10.168 -13.919 1.00 35.54 ? 2315 HOH X O   1 
HETATM 1572 O O   . HOH F 3 .   ? 13.864  -9.005  -17.322 1.00 43.54 ? 2316 HOH X O   1 
HETATM 1573 O O   . HOH F 3 .   ? 13.592  -3.539  -17.670 1.00 11.48 ? 2317 HOH X O   1 
HETATM 1574 O O   . HOH F 3 .   ? 5.002   -9.972  -13.495 1.00 21.06 ? 2318 HOH X O   1 
HETATM 1575 O O   . HOH F 3 .   ? 9.298   -11.555 -14.756 1.00 46.74 ? 2319 HOH X O   1 
HETATM 1576 O O   . HOH F 3 .   ? 5.647   -16.573 -13.070 1.00 14.46 ? 2320 HOH X O   1 
HETATM 1577 O O   . HOH F 3 .   ? 8.484   -17.199 -9.229  1.00 24.14 ? 2321 HOH X O   1 
HETATM 1578 O O   . HOH F 3 .   ? 11.113  -14.067 -7.417  1.00 21.78 ? 2322 HOH X O   1 
HETATM 1579 O O   . HOH F 3 .   ? 8.872   -15.577 -13.796 1.00 27.30 ? 2323 HOH X O   1 
HETATM 1580 O O   . HOH F 3 .   ? 1.866   -20.000 -10.356 1.00 17.15 ? 2324 HOH X O   1 
HETATM 1581 O O   . HOH F 3 .   ? 2.144   -18.809 -5.714  1.00 34.86 ? 2325 HOH X O   1 
HETATM 1582 O O   . HOH F 3 .   ? 4.152   -22.025 -9.954  1.00 39.07 ? 2326 HOH X O   1 
HETATM 1583 O O   . HOH F 3 .   ? -2.450  -12.643 -10.837 1.00 15.41 ? 2327 HOH X O   1 
HETATM 1584 O O   . HOH F 3 .   ? -10.516 -7.800  -10.133 1.00 20.83 ? 2328 HOH X O   1 
HETATM 1585 O O   . HOH F 3 .   ? -11.324 -12.510 -3.396  1.00 28.80 ? 2329 HOH X O   1 
HETATM 1586 O O   . HOH F 3 .   ? -17.362 1.795   3.160   1.00 12.78 ? 2330 HOH X O   1 
HETATM 1587 O O   . HOH F 3 .   ? -16.068 -2.127  0.718   1.00 11.77 ? 2331 HOH X O   1 
HETATM 1588 O O   . HOH F 3 .   ? -16.772 -5.413  3.131   1.00 25.02 ? 2332 HOH X O   1 
HETATM 1589 O O   . HOH F 3 .   ? -17.926 -2.208  5.688   1.00 24.63 ? 2333 HOH X O   1 
HETATM 1590 O O   . HOH F 3 .   ? -14.980 4.753   7.770   1.00 16.14 ? 2334 HOH X O   1 
HETATM 1591 O O   . HOH F 3 .   ? -18.932 -3.407  7.926   1.00 21.13 ? 2335 HOH X O   1 
HETATM 1592 O O   . HOH F 3 .   ? -17.581 0.136   11.404  1.00 17.40 ? 2336 HOH X O   1 
HETATM 1593 O O   . HOH F 3 .   ? -14.386 3.037   10.426  1.00 19.33 ? 2337 HOH X O   1 
HETATM 1594 O O   . HOH F 3 .   ? 11.211  -3.422  -12.669 1.00 38.40 ? 2338 HOH X O   1 
HETATM 1595 O O   . HOH F 3 .   ? 13.277  2.661   -2.605  1.00 27.53 ? 2339 HOH X O   1 
HETATM 1596 O O   . HOH F 3 .   ? 3.370   12.793  -12.575 1.00 18.34 ? 2340 HOH X O   1 
# 
loop_
_pdbx_poly_seq_scheme.asym_id 
_pdbx_poly_seq_scheme.entity_id 
_pdbx_poly_seq_scheme.seq_id 
_pdbx_poly_seq_scheme.mon_id 
_pdbx_poly_seq_scheme.ndb_seq_num 
_pdbx_poly_seq_scheme.pdb_seq_num 
_pdbx_poly_seq_scheme.auth_seq_num 
_pdbx_poly_seq_scheme.pdb_mon_id 
_pdbx_poly_seq_scheme.auth_mon_id 
_pdbx_poly_seq_scheme.pdb_strand_id 
_pdbx_poly_seq_scheme.pdb_ins_code 
_pdbx_poly_seq_scheme.hetero 
A 1 1   SER 1   1   ?   ?   ?   X . n 
A 1 2   GLY 2   2   2   GLY GLY X . n 
A 1 3   ASN 3   3   3   ASN ASN X . n 
A 1 4   PRO 4   4   4   PRO PRO X . n 
A 1 5   LEU 5   5   5   LEU LEU X . n 
A 1 6   VAL 6   6   6   VAL VAL X . n 
A 1 7   TYR 7   7   7   TYR TYR X . n 
A 1 8   LEU 8   8   8   LEU LEU X . n 
A 1 9   ASP 9   9   9   ASP ASP X . n 
A 1 10  VAL 10  10  10  VAL VAL X . n 
A 1 11  ASP 11  11  11  ASP ASP X . n 
A 1 12  ALA 12  12  12  ALA ALA X . n 
A 1 13  ASN 13  13  13  ASN ASN X . n 
A 1 14  GLY 14  14  14  GLY GLY X . n 
A 1 15  LYS 15  15  15  LYS LYS X . n 
A 1 16  PRO 16  16  16  PRO PRO X . n 
A 1 17  LEU 17  17  17  LEU LEU X . n 
A 1 18  GLY 18  18  18  GLY GLY X . n 
A 1 19  ARG 19  19  19  ARG ARG X . n 
A 1 20  VAL 20  20  20  VAL VAL X . n 
A 1 21  VAL 21  21  21  VAL VAL X . n 
A 1 22  LEU 22  22  22  LEU LEU X . n 
A 1 23  GLU 23  23  23  GLU GLU X . n 
A 1 24  LEU 24  24  24  LEU LEU X . n 
A 1 25  LYS 25  25  25  LYS LYS X . n 
A 1 26  ALA 26  26  26  ALA ALA X . n 
A 1 27  ASP 27  27  27  ASP ASP X . n 
A 1 28  VAL 28  28  28  VAL VAL X . n 
A 1 29  VAL 29  29  29  VAL VAL X . n 
A 1 30  PRO 30  30  30  PRO PRO X . n 
A 1 31  LYS 31  31  31  LYS LYS X . n 
A 1 32  THR 32  32  32  THR THR X . n 
A 1 33  ALA 33  33  33  ALA ALA X . n 
A 1 34  GLU 34  34  34  GLU GLU X . n 
A 1 35  ASN 35  35  35  ASN ASN X . n 
A 1 36  PHE 36  36  36  PHE PHE X . n 
A 1 37  ARG 37  37  37  ARG ARG X . n 
A 1 38  ALA 38  38  38  ALA ALA X . n 
A 1 39  LEU 39  39  39  LEU LEU X . n 
A 1 40  CYS 40  40  40  CYS CYS X . n 
A 1 41  THR 41  41  41  THR THR X . n 
A 1 42  GLY 42  42  42  GLY GLY X . n 
A 1 43  GLU 43  43  43  GLU GLU X . n 
A 1 44  LYS 44  44  44  LYS LYS X . n 
A 1 45  GLY 45  45  45  GLY GLY X . n 
A 1 46  PHE 46  46  46  PHE PHE X . n 
A 1 47  GLY 47  47  47  GLY GLY X . n 
A 1 48  TYR 48  48  48  TYR TYR X . n 
A 1 49  LYS 49  49  49  LYS LYS X . n 
A 1 50  GLY 50  50  50  GLY GLY X . n 
A 1 51  SER 51  51  51  SER SER X . n 
A 1 52  THR 52  52  52  THR THR X . n 
A 1 53  PHE 53  53  53  PHE PHE X . n 
A 1 54  HIS 54  54  54  HIS HIS X . n 
A 1 55  ARG 55  55  55  ARG ARG X . n 
A 1 56  VAL 56  56  56  VAL VAL X . n 
A 1 57  ILE 57  57  57  ILE ILE X . n 
A 1 58  PRO 58  58  58  PRO PRO X . n 
A 1 59  SER 59  59  59  SER SER X . n 
A 1 60  PHE 60  60  60  PHE PHE X . n 
A 1 61  MET 61  61  61  MET MET X . n 
A 1 62  CYS 62  62  62  CYS CYS X . n 
A 1 63  GLN 63  63  63  GLN GLN X . n 
A 1 64  ALA 64  64  64  ALA ALA X . n 
A 1 65  GLY 65  65  65  GLY GLY X . n 
A 1 66  ASP 66  66  66  ASP ASP X . n 
A 1 67  PHE 67  67  67  PHE PHE X . n 
A 1 68  THR 68  68  68  THR THR X . n 
A 1 69  ASN 69  69  69  ASN ASN X . n 
A 1 70  HIS 70  70  70  HIS HIS X . n 
A 1 71  ASN 71  71  71  ASN ASN X . n 
A 1 72  GLY 72  72  72  GLY GLY X . n 
A 1 73  THR 73  73  73  THR THR X . n 
A 1 74  GLY 74  74  74  GLY GLY X . n 
A 1 75  GLY 75  75  75  GLY GLY X . n 
A 1 76  LYS 76  76  76  LYS LYS X . n 
A 1 77  SER 77  77  77  SER SER X . n 
A 1 78  ILE 78  78  78  ILE ILE X . n 
A 1 79  TYR 79  79  79  TYR TYR X . n 
A 1 80  GLY 80  80  80  GLY GLY X . n 
A 1 81  SER 81  81  81  SER SER X . n 
A 1 82  ARG 82  82  82  ARG ARG X . n 
A 1 83  PHE 83  83  83  PHE PHE X . n 
A 1 84  PRO 84  84  84  PRO PRO X . n 
A 1 85  ASP 85  85  85  ASP ASP X . n 
A 1 86  GLU 86  86  86  GLU GLU X . n 
A 1 87  ASN 87  87  87  ASN ASN X . n 
A 1 88  PHE 88  88  88  PHE PHE X . n 
A 1 89  THR 89  89  89  THR THR X . n 
A 1 90  LEU 90  90  90  LEU LEU X . n 
A 1 91  LYS 91  91  91  LYS LYS X . n 
A 1 92  HIS 92  92  92  HIS HIS X . n 
A 1 93  VAL 93  93  93  VAL VAL X . n 
A 1 94  GLY 94  94  94  GLY GLY X . n 
A 1 95  PRO 95  95  95  PRO PRO X . n 
A 1 96  GLY 96  96  96  GLY GLY X . n 
A 1 97  VAL 97  97  97  VAL VAL X . n 
A 1 98  LEU 98  98  98  LEU LEU X . n 
A 1 99  SER 99  99  99  SER SER X . n 
A 1 100 MET 100 100 100 MET MET X . n 
A 1 101 ALA 101 101 101 ALA ALA X . n 
A 1 102 ASN 102 102 102 ASN ASN X . n 
A 1 103 ALA 103 103 103 ALA ALA X . n 
A 1 104 GLY 104 104 104 GLY GLY X . n 
A 1 105 PRO 105 105 105 PRO PRO X . n 
A 1 106 ASN 106 106 106 ASN ASN X . n 
A 1 107 THR 107 107 107 THR THR X . n 
A 1 108 ASN 108 108 108 ASN ASN X . n 
A 1 109 GLY 109 109 109 GLY GLY X . n 
A 1 110 SER 110 110 110 SER SER X . n 
A 1 111 GLN 111 111 111 GLN GLN X . n 
A 1 112 PHE 112 112 112 PHE PHE X . n 
A 1 113 PHE 113 113 113 PHE PHE X . n 
A 1 114 ILE 114 114 114 ILE ILE X . n 
A 1 115 CYS 115 115 115 CYS CYS X . n 
A 1 116 THR 116 116 116 THR THR X . n 
A 1 117 ILE 117 117 117 ILE ILE X . n 
A 1 118 LYS 118 118 118 LYS LYS X . n 
A 1 119 THR 119 119 119 THR THR X . n 
A 1 120 ASP 120 120 120 ASP ASP X . n 
A 1 121 TRP 121 121 121 TRP TRP X . n 
A 1 122 LEU 122 122 122 LEU LEU X . n 
A 1 123 ASP 123 123 123 ASP ASP X . n 
A 1 124 GLY 124 124 124 GLY GLY X . n 
A 1 125 LYS 125 125 125 LYS LYS X . n 
A 1 126 HIS 126 126 126 HIS HIS X . n 
A 1 127 VAL 127 127 127 VAL VAL X . n 
A 1 128 VAL 128 128 128 VAL VAL X . n 
A 1 129 PHE 129 129 129 PHE PHE X . n 
A 1 130 GLY 130 130 130 GLY GLY X . n 
A 1 131 HIS 131 131 131 HIS HIS X . n 
A 1 132 VAL 132 132 132 VAL VAL X . n 
A 1 133 ILE 133 133 133 ILE ILE X . n 
A 1 134 GLU 134 134 134 GLU GLU X . n 
A 1 135 GLY 135 135 135 GLY GLY X . n 
A 1 136 MET 136 136 136 MET MET X . n 
A 1 137 ASP 137 137 137 ASP ASP X . n 
A 1 138 VAL 138 138 138 VAL VAL X . n 
A 1 139 VAL 139 139 139 VAL VAL X . n 
A 1 140 LYS 140 140 140 LYS LYS X . n 
A 1 141 LYS 141 141 141 LYS LYS X . n 
A 1 142 ILE 142 142 142 ILE ILE X . n 
A 1 143 GLU 143 143 143 GLU GLU X . n 
A 1 144 SER 144 144 144 SER SER X . n 
A 1 145 PHE 145 145 145 PHE PHE X . n 
A 1 146 GLY 146 146 146 GLY GLY X . n 
A 1 147 SER 147 147 147 SER SER X . n 
A 1 148 LYS 148 148 148 LYS LYS X . n 
A 1 149 SER 149 149 149 SER SER X . n 
A 1 150 GLY 150 150 150 GLY GLY X . n 
A 1 151 ARG 151 151 151 ARG ARG X . n 
A 1 152 THR 152 152 152 THR THR X . n 
A 1 153 SER 153 153 153 SER SER X . n 
A 1 154 LYS 154 154 154 LYS LYS X . n 
A 1 155 LYS 155 155 155 LYS LYS X . n 
A 1 156 ILE 156 156 156 ILE ILE X . n 
A 1 157 VAL 157 157 157 VAL VAL X . n 
A 1 158 ILE 158 158 158 ILE ILE X . n 
A 1 159 THR 159 159 159 THR THR X . n 
A 1 160 ASP 160 160 160 ASP ASP X . n 
A 1 161 CYS 161 161 161 CYS CYS X . n 
A 1 162 GLY 162 162 162 GLY GLY X . n 
A 1 163 GLN 163 163 163 GLN GLN X . n 
A 1 164 LEU 164 164 164 LEU LEU X . n 
A 1 165 SER 165 165 165 SER SER X . n 
# 
loop_
_pdbx_nonpoly_scheme.asym_id 
_pdbx_nonpoly_scheme.entity_id 
_pdbx_nonpoly_scheme.mon_id 
_pdbx_nonpoly_scheme.ndb_seq_num 
_pdbx_nonpoly_scheme.pdb_seq_num 
_pdbx_nonpoly_scheme.auth_seq_num 
_pdbx_nonpoly_scheme.pdb_mon_id 
_pdbx_nonpoly_scheme.auth_mon_id 
_pdbx_nonpoly_scheme.pdb_strand_id 
_pdbx_nonpoly_scheme.pdb_ins_code 
B 2 DMS 1   1166 1166 DMS DMS X . 
C 2 DMS 1   1167 1167 DMS DMS X . 
D 2 DMS 1   1168 1168 DMS DMS X . 
E 2 DMS 1   1169 1169 DMS DMS X . 
F 3 HOH 1   2001 2001 HOH HOH X . 
F 3 HOH 2   2002 2002 HOH HOH X . 
F 3 HOH 3   2003 2003 HOH HOH X . 
F 3 HOH 4   2004 2004 HOH HOH X . 
F 3 HOH 5   2005 2005 HOH HOH X . 
F 3 HOH 6   2006 2006 HOH HOH X . 
F 3 HOH 7   2007 2007 HOH HOH X . 
F 3 HOH 8   2008 2008 HOH HOH X . 
F 3 HOH 9   2009 2009 HOH HOH X . 
F 3 HOH 10  2010 2010 HOH HOH X . 
F 3 HOH 11  2011 2011 HOH HOH X . 
F 3 HOH 12  2012 2012 HOH HOH X . 
F 3 HOH 13  2013 2013 HOH HOH X . 
F 3 HOH 14  2014 2014 HOH HOH X . 
F 3 HOH 15  2015 2015 HOH HOH X . 
F 3 HOH 16  2016 2016 HOH HOH X . 
F 3 HOH 17  2017 2017 HOH HOH X . 
F 3 HOH 18  2018 2018 HOH HOH X . 
F 3 HOH 19  2019 2019 HOH HOH X . 
F 3 HOH 20  2020 2020 HOH HOH X . 
F 3 HOH 21  2021 2021 HOH HOH X . 
F 3 HOH 22  2022 2022 HOH HOH X . 
F 3 HOH 23  2023 2023 HOH HOH X . 
F 3 HOH 24  2024 2024 HOH HOH X . 
F 3 HOH 25  2025 2025 HOH HOH X . 
F 3 HOH 26  2026 2026 HOH HOH X . 
F 3 HOH 27  2027 2027 HOH HOH X . 
F 3 HOH 28  2028 2028 HOH HOH X . 
F 3 HOH 29  2029 2029 HOH HOH X . 
F 3 HOH 30  2030 2030 HOH HOH X . 
F 3 HOH 31  2031 2031 HOH HOH X . 
F 3 HOH 32  2032 2032 HOH HOH X . 
F 3 HOH 33  2033 2033 HOH HOH X . 
F 3 HOH 34  2034 2034 HOH HOH X . 
F 3 HOH 35  2035 2035 HOH HOH X . 
F 3 HOH 36  2036 2036 HOH HOH X . 
F 3 HOH 37  2037 2037 HOH HOH X . 
F 3 HOH 38  2038 2038 HOH HOH X . 
F 3 HOH 39  2039 2039 HOH HOH X . 
F 3 HOH 40  2040 2040 HOH HOH X . 
F 3 HOH 41  2041 2041 HOH HOH X . 
F 3 HOH 42  2042 2042 HOH HOH X . 
F 3 HOH 43  2043 2043 HOH HOH X . 
F 3 HOH 44  2044 2044 HOH HOH X . 
F 3 HOH 45  2045 2045 HOH HOH X . 
F 3 HOH 46  2046 2046 HOH HOH X . 
F 3 HOH 47  2047 2047 HOH HOH X . 
F 3 HOH 48  2048 2048 HOH HOH X . 
F 3 HOH 49  2049 2049 HOH HOH X . 
F 3 HOH 50  2050 2050 HOH HOH X . 
F 3 HOH 51  2051 2051 HOH HOH X . 
F 3 HOH 52  2052 2052 HOH HOH X . 
F 3 HOH 53  2053 2053 HOH HOH X . 
F 3 HOH 54  2054 2054 HOH HOH X . 
F 3 HOH 55  2055 2055 HOH HOH X . 
F 3 HOH 56  2056 2056 HOH HOH X . 
F 3 HOH 57  2057 2057 HOH HOH X . 
F 3 HOH 58  2058 2058 HOH HOH X . 
F 3 HOH 59  2059 2059 HOH HOH X . 
F 3 HOH 60  2060 2060 HOH HOH X . 
F 3 HOH 61  2061 2061 HOH HOH X . 
F 3 HOH 62  2062 2062 HOH HOH X . 
F 3 HOH 63  2063 2063 HOH HOH X . 
F 3 HOH 64  2064 2064 HOH HOH X . 
F 3 HOH 65  2065 2065 HOH HOH X . 
F 3 HOH 66  2066 2066 HOH HOH X . 
F 3 HOH 67  2067 2067 HOH HOH X . 
F 3 HOH 68  2068 2068 HOH HOH X . 
F 3 HOH 69  2069 2069 HOH HOH X . 
F 3 HOH 70  2070 2070 HOH HOH X . 
F 3 HOH 71  2071 2071 HOH HOH X . 
F 3 HOH 72  2072 2072 HOH HOH X . 
F 3 HOH 73  2073 2073 HOH HOH X . 
F 3 HOH 74  2074 2074 HOH HOH X . 
F 3 HOH 75  2075 2075 HOH HOH X . 
F 3 HOH 76  2076 2076 HOH HOH X . 
F 3 HOH 77  2077 2077 HOH HOH X . 
F 3 HOH 78  2078 2078 HOH HOH X . 
F 3 HOH 79  2079 2079 HOH HOH X . 
F 3 HOH 80  2080 2080 HOH HOH X . 
F 3 HOH 81  2081 2081 HOH HOH X . 
F 3 HOH 82  2082 2082 HOH HOH X . 
F 3 HOH 83  2083 2083 HOH HOH X . 
F 3 HOH 84  2084 2084 HOH HOH X . 
F 3 HOH 85  2085 2085 HOH HOH X . 
F 3 HOH 86  2086 2086 HOH HOH X . 
F 3 HOH 87  2087 2087 HOH HOH X . 
F 3 HOH 88  2088 2088 HOH HOH X . 
F 3 HOH 89  2089 2089 HOH HOH X . 
F 3 HOH 90  2090 2090 HOH HOH X . 
F 3 HOH 91  2091 2091 HOH HOH X . 
F 3 HOH 92  2092 2092 HOH HOH X . 
F 3 HOH 93  2093 2093 HOH HOH X . 
F 3 HOH 94  2094 2094 HOH HOH X . 
F 3 HOH 95  2095 2095 HOH HOH X . 
F 3 HOH 96  2096 2096 HOH HOH X . 
F 3 HOH 97  2097 2097 HOH HOH X . 
F 3 HOH 98  2098 2098 HOH HOH X . 
F 3 HOH 99  2099 2099 HOH HOH X . 
F 3 HOH 100 2100 2100 HOH HOH X . 
F 3 HOH 101 2101 2101 HOH HOH X . 
F 3 HOH 102 2102 2102 HOH HOH X . 
F 3 HOH 103 2103 2103 HOH HOH X . 
F 3 HOH 104 2104 2104 HOH HOH X . 
F 3 HOH 105 2105 2105 HOH HOH X . 
F 3 HOH 106 2106 2106 HOH HOH X . 
F 3 HOH 107 2107 2107 HOH HOH X . 
F 3 HOH 108 2108 2108 HOH HOH X . 
F 3 HOH 109 2109 2109 HOH HOH X . 
F 3 HOH 110 2110 2110 HOH HOH X . 
F 3 HOH 111 2111 2111 HOH HOH X . 
F 3 HOH 112 2112 2112 HOH HOH X . 
F 3 HOH 113 2113 2113 HOH HOH X . 
F 3 HOH 114 2114 2114 HOH HOH X . 
F 3 HOH 115 2115 2115 HOH HOH X . 
F 3 HOH 116 2116 2116 HOH HOH X . 
F 3 HOH 117 2117 2117 HOH HOH X . 
F 3 HOH 118 2118 2118 HOH HOH X . 
F 3 HOH 119 2119 2119 HOH HOH X . 
F 3 HOH 120 2120 2120 HOH HOH X . 
F 3 HOH 121 2121 2121 HOH HOH X . 
F 3 HOH 122 2122 2122 HOH HOH X . 
F 3 HOH 123 2123 2123 HOH HOH X . 
F 3 HOH 124 2124 2124 HOH HOH X . 
F 3 HOH 125 2125 2125 HOH HOH X . 
F 3 HOH 126 2126 2126 HOH HOH X . 
F 3 HOH 127 2127 2127 HOH HOH X . 
F 3 HOH 128 2128 2128 HOH HOH X . 
F 3 HOH 129 2129 2129 HOH HOH X . 
F 3 HOH 130 2130 2130 HOH HOH X . 
F 3 HOH 131 2131 2131 HOH HOH X . 
F 3 HOH 132 2132 2132 HOH HOH X . 
F 3 HOH 133 2133 2133 HOH HOH X . 
F 3 HOH 134 2134 2134 HOH HOH X . 
F 3 HOH 135 2135 2135 HOH HOH X . 
F 3 HOH 136 2136 2136 HOH HOH X . 
F 3 HOH 137 2137 2137 HOH HOH X . 
F 3 HOH 138 2138 2138 HOH HOH X . 
F 3 HOH 139 2139 2139 HOH HOH X . 
F 3 HOH 140 2140 2140 HOH HOH X . 
F 3 HOH 141 2141 2141 HOH HOH X . 
F 3 HOH 142 2142 2142 HOH HOH X . 
F 3 HOH 143 2143 2143 HOH HOH X . 
F 3 HOH 144 2144 2144 HOH HOH X . 
F 3 HOH 145 2145 2145 HOH HOH X . 
F 3 HOH 146 2146 2146 HOH HOH X . 
F 3 HOH 147 2147 2147 HOH HOH X . 
F 3 HOH 148 2148 2148 HOH HOH X . 
F 3 HOH 149 2149 2149 HOH HOH X . 
F 3 HOH 150 2150 2150 HOH HOH X . 
F 3 HOH 151 2151 2151 HOH HOH X . 
F 3 HOH 152 2152 2152 HOH HOH X . 
F 3 HOH 153 2153 2153 HOH HOH X . 
F 3 HOH 154 2154 2154 HOH HOH X . 
F 3 HOH 155 2155 2155 HOH HOH X . 
F 3 HOH 156 2156 2156 HOH HOH X . 
F 3 HOH 157 2157 2157 HOH HOH X . 
F 3 HOH 158 2158 2158 HOH HOH X . 
F 3 HOH 159 2159 2159 HOH HOH X . 
F 3 HOH 160 2160 2160 HOH HOH X . 
F 3 HOH 161 2161 2161 HOH HOH X . 
F 3 HOH 162 2162 2162 HOH HOH X . 
F 3 HOH 163 2163 2163 HOH HOH X . 
F 3 HOH 164 2164 2164 HOH HOH X . 
F 3 HOH 165 2165 2165 HOH HOH X . 
F 3 HOH 166 2166 2166 HOH HOH X . 
F 3 HOH 167 2167 2167 HOH HOH X . 
F 3 HOH 168 2168 2168 HOH HOH X . 
F 3 HOH 169 2169 2169 HOH HOH X . 
F 3 HOH 170 2170 2170 HOH HOH X . 
F 3 HOH 171 2171 2171 HOH HOH X . 
F 3 HOH 172 2172 2172 HOH HOH X . 
F 3 HOH 173 2173 2173 HOH HOH X . 
F 3 HOH 174 2174 2174 HOH HOH X . 
F 3 HOH 175 2175 2175 HOH HOH X . 
F 3 HOH 176 2176 2176 HOH HOH X . 
F 3 HOH 177 2177 2177 HOH HOH X . 
F 3 HOH 178 2178 2178 HOH HOH X . 
F 3 HOH 179 2179 2179 HOH HOH X . 
F 3 HOH 180 2180 2180 HOH HOH X . 
F 3 HOH 181 2181 2181 HOH HOH X . 
F 3 HOH 182 2182 2182 HOH HOH X . 
F 3 HOH 183 2183 2183 HOH HOH X . 
F 3 HOH 184 2184 2184 HOH HOH X . 
F 3 HOH 185 2185 2185 HOH HOH X . 
F 3 HOH 186 2186 2186 HOH HOH X . 
F 3 HOH 187 2187 2187 HOH HOH X . 
F 3 HOH 188 2188 2188 HOH HOH X . 
F 3 HOH 189 2189 2189 HOH HOH X . 
F 3 HOH 190 2190 2190 HOH HOH X . 
F 3 HOH 191 2191 2191 HOH HOH X . 
F 3 HOH 192 2192 2192 HOH HOH X . 
F 3 HOH 193 2193 2193 HOH HOH X . 
F 3 HOH 194 2194 2194 HOH HOH X . 
F 3 HOH 195 2195 2195 HOH HOH X . 
F 3 HOH 196 2196 2196 HOH HOH X . 
F 3 HOH 197 2197 2197 HOH HOH X . 
F 3 HOH 198 2198 2198 HOH HOH X . 
F 3 HOH 199 2199 2199 HOH HOH X . 
F 3 HOH 200 2200 2200 HOH HOH X . 
F 3 HOH 201 2201 2201 HOH HOH X . 
F 3 HOH 202 2202 2202 HOH HOH X . 
F 3 HOH 203 2203 2203 HOH HOH X . 
F 3 HOH 204 2204 2204 HOH HOH X . 
F 3 HOH 205 2205 2205 HOH HOH X . 
F 3 HOH 206 2206 2206 HOH HOH X . 
F 3 HOH 207 2207 2207 HOH HOH X . 
F 3 HOH 208 2208 2208 HOH HOH X . 
F 3 HOH 209 2209 2209 HOH HOH X . 
F 3 HOH 210 2210 2210 HOH HOH X . 
F 3 HOH 211 2211 2211 HOH HOH X . 
F 3 HOH 212 2212 2212 HOH HOH X . 
F 3 HOH 213 2213 2213 HOH HOH X . 
F 3 HOH 214 2214 2214 HOH HOH X . 
F 3 HOH 215 2215 2215 HOH HOH X . 
F 3 HOH 216 2216 2216 HOH HOH X . 
F 3 HOH 217 2217 2217 HOH HOH X . 
F 3 HOH 218 2218 2218 HOH HOH X . 
F 3 HOH 219 2219 2219 HOH HOH X . 
F 3 HOH 220 2220 2220 HOH HOH X . 
F 3 HOH 221 2221 2221 HOH HOH X . 
F 3 HOH 222 2222 2222 HOH HOH X . 
F 3 HOH 223 2223 2223 HOH HOH X . 
F 3 HOH 224 2224 2224 HOH HOH X . 
F 3 HOH 225 2225 2225 HOH HOH X . 
F 3 HOH 226 2226 2226 HOH HOH X . 
F 3 HOH 227 2227 2227 HOH HOH X . 
F 3 HOH 228 2228 2228 HOH HOH X . 
F 3 HOH 229 2229 2229 HOH HOH X . 
F 3 HOH 230 2230 2230 HOH HOH X . 
F 3 HOH 231 2231 2231 HOH HOH X . 
F 3 HOH 232 2232 2232 HOH HOH X . 
F 3 HOH 233 2233 2233 HOH HOH X . 
F 3 HOH 234 2234 2234 HOH HOH X . 
F 3 HOH 235 2235 2235 HOH HOH X . 
F 3 HOH 236 2236 2236 HOH HOH X . 
F 3 HOH 237 2237 2237 HOH HOH X . 
F 3 HOH 238 2238 2238 HOH HOH X . 
F 3 HOH 239 2239 2239 HOH HOH X . 
F 3 HOH 240 2240 2240 HOH HOH X . 
F 3 HOH 241 2241 2241 HOH HOH X . 
F 3 HOH 242 2242 2242 HOH HOH X . 
F 3 HOH 243 2243 2243 HOH HOH X . 
F 3 HOH 244 2244 2244 HOH HOH X . 
F 3 HOH 245 2245 2245 HOH HOH X . 
F 3 HOH 246 2246 2246 HOH HOH X . 
F 3 HOH 247 2247 2247 HOH HOH X . 
F 3 HOH 248 2248 2248 HOH HOH X . 
F 3 HOH 249 2249 2249 HOH HOH X . 
F 3 HOH 250 2250 2250 HOH HOH X . 
F 3 HOH 251 2251 2251 HOH HOH X . 
F 3 HOH 252 2252 2252 HOH HOH X . 
F 3 HOH 253 2253 2253 HOH HOH X . 
F 3 HOH 254 2254 2254 HOH HOH X . 
F 3 HOH 255 2255 2255 HOH HOH X . 
F 3 HOH 256 2256 2256 HOH HOH X . 
F 3 HOH 257 2257 2257 HOH HOH X . 
F 3 HOH 258 2258 2258 HOH HOH X . 
F 3 HOH 259 2259 2259 HOH HOH X . 
F 3 HOH 260 2260 2260 HOH HOH X . 
F 3 HOH 261 2261 2261 HOH HOH X . 
F 3 HOH 262 2262 2262 HOH HOH X . 
F 3 HOH 263 2263 2263 HOH HOH X . 
F 3 HOH 264 2264 2264 HOH HOH X . 
F 3 HOH 265 2265 2265 HOH HOH X . 
F 3 HOH 266 2266 2266 HOH HOH X . 
F 3 HOH 267 2267 2267 HOH HOH X . 
F 3 HOH 268 2268 2268 HOH HOH X . 
F 3 HOH 269 2269 2269 HOH HOH X . 
F 3 HOH 270 2270 2270 HOH HOH X . 
F 3 HOH 271 2271 2271 HOH HOH X . 
F 3 HOH 272 2272 2272 HOH HOH X . 
F 3 HOH 273 2273 2273 HOH HOH X . 
F 3 HOH 274 2274 2274 HOH HOH X . 
F 3 HOH 275 2275 2275 HOH HOH X . 
F 3 HOH 276 2276 2276 HOH HOH X . 
F 3 HOH 277 2277 2277 HOH HOH X . 
F 3 HOH 278 2278 2278 HOH HOH X . 
F 3 HOH 279 2279 2279 HOH HOH X . 
F 3 HOH 280 2280 2280 HOH HOH X . 
F 3 HOH 281 2281 2281 HOH HOH X . 
F 3 HOH 282 2282 2282 HOH HOH X . 
F 3 HOH 283 2283 2283 HOH HOH X . 
F 3 HOH 284 2284 2284 HOH HOH X . 
F 3 HOH 285 2285 2285 HOH HOH X . 
F 3 HOH 286 2286 2286 HOH HOH X . 
F 3 HOH 287 2287 2287 HOH HOH X . 
F 3 HOH 288 2288 2288 HOH HOH X . 
F 3 HOH 289 2289 2289 HOH HOH X . 
F 3 HOH 290 2290 2290 HOH HOH X . 
F 3 HOH 291 2291 2291 HOH HOH X . 
F 3 HOH 292 2292 2292 HOH HOH X . 
F 3 HOH 293 2293 2293 HOH HOH X . 
F 3 HOH 294 2294 2294 HOH HOH X . 
F 3 HOH 295 2295 2295 HOH HOH X . 
F 3 HOH 296 2296 2296 HOH HOH X . 
F 3 HOH 297 2297 2297 HOH HOH X . 
F 3 HOH 298 2298 2298 HOH HOH X . 
F 3 HOH 299 2299 2299 HOH HOH X . 
F 3 HOH 300 2300 2300 HOH HOH X . 
F 3 HOH 301 2301 2301 HOH HOH X . 
F 3 HOH 302 2302 2302 HOH HOH X . 
F 3 HOH 303 2303 2303 HOH HOH X . 
F 3 HOH 304 2304 2304 HOH HOH X . 
F 3 HOH 305 2305 2305 HOH HOH X . 
F 3 HOH 306 2306 2306 HOH HOH X . 
F 3 HOH 307 2307 2307 HOH HOH X . 
F 3 HOH 308 2308 2308 HOH HOH X . 
F 3 HOH 309 2309 2309 HOH HOH X . 
F 3 HOH 310 2310 2310 HOH HOH X . 
F 3 HOH 311 2311 2311 HOH HOH X . 
F 3 HOH 312 2312 2312 HOH HOH X . 
F 3 HOH 313 2313 2313 HOH HOH X . 
F 3 HOH 314 2314 2314 HOH HOH X . 
F 3 HOH 315 2315 2315 HOH HOH X . 
F 3 HOH 316 2316 2316 HOH HOH X . 
F 3 HOH 317 2317 2317 HOH HOH X . 
F 3 HOH 318 2318 2318 HOH HOH X . 
F 3 HOH 319 2319 2319 HOH HOH X . 
F 3 HOH 320 2320 2320 HOH HOH X . 
F 3 HOH 321 2321 2321 HOH HOH X . 
F 3 HOH 322 2322 2322 HOH HOH X . 
F 3 HOH 323 2323 2323 HOH HOH X . 
F 3 HOH 324 2324 2324 HOH HOH X . 
F 3 HOH 325 2325 2325 HOH HOH X . 
F 3 HOH 326 2326 2326 HOH HOH X . 
F 3 HOH 327 2327 2327 HOH HOH X . 
F 3 HOH 328 2328 2328 HOH HOH X . 
F 3 HOH 329 2329 2329 HOH HOH X . 
F 3 HOH 330 2330 2330 HOH HOH X . 
F 3 HOH 331 2331 2331 HOH HOH X . 
F 3 HOH 332 2332 2332 HOH HOH X . 
F 3 HOH 333 2333 2333 HOH HOH X . 
F 3 HOH 334 2334 2334 HOH HOH X . 
F 3 HOH 335 2335 2335 HOH HOH X . 
F 3 HOH 336 2336 2336 HOH HOH X . 
F 3 HOH 337 2337 2337 HOH HOH X . 
F 3 HOH 338 2338 2338 HOH HOH X . 
F 3 HOH 339 2339 2339 HOH HOH X . 
F 3 HOH 340 2340 2340 HOH HOH X . 
# 
_pdbx_struct_assembly.id                   1 
_pdbx_struct_assembly.details              author_and_software_defined_assembly 
_pdbx_struct_assembly.method_details       PQS 
_pdbx_struct_assembly.oligomeric_details   monomeric 
_pdbx_struct_assembly.oligomeric_count     1 
# 
_pdbx_struct_assembly_gen.assembly_id       1 
_pdbx_struct_assembly_gen.oper_expression   1 
_pdbx_struct_assembly_gen.asym_id_list      A,B,C,D,E,F 
# 
_pdbx_struct_oper_list.id                   1 
_pdbx_struct_oper_list.type                 'identity operation' 
_pdbx_struct_oper_list.name                 1_555 
_pdbx_struct_oper_list.symmetry_operation   x,y,z 
_pdbx_struct_oper_list.matrix[1][1]         1.0000000000 
_pdbx_struct_oper_list.matrix[1][2]         0.0000000000 
_pdbx_struct_oper_list.matrix[1][3]         0.0000000000 
_pdbx_struct_oper_list.vector[1]            0.0000000000 
_pdbx_struct_oper_list.matrix[2][1]         0.0000000000 
_pdbx_struct_oper_list.matrix[2][2]         1.0000000000 
_pdbx_struct_oper_list.matrix[2][3]         0.0000000000 
_pdbx_struct_oper_list.vector[2]            0.0000000000 
_pdbx_struct_oper_list.matrix[3][1]         0.0000000000 
_pdbx_struct_oper_list.matrix[3][2]         0.0000000000 
_pdbx_struct_oper_list.matrix[3][3]         1.0000000000 
_pdbx_struct_oper_list.vector[3]            0.0000000000 
# 
loop_
_pdbx_audit_revision_history.ordinal 
_pdbx_audit_revision_history.data_content_type 
_pdbx_audit_revision_history.major_revision 
_pdbx_audit_revision_history.minor_revision 
_pdbx_audit_revision_history.revision_date 
1 'Structure model' 1 0 2005-01-26 
2 'Structure model' 1 1 2011-05-08 
3 'Structure model' 1 2 2011-07-13 
4 'Structure model' 1 3 2018-06-13 
5 'Structure model' 1 4 2023-12-13 
# 
_pdbx_audit_revision_details.ordinal             1 
_pdbx_audit_revision_details.revision_ordinal    1 
_pdbx_audit_revision_details.data_content_type   'Structure model' 
_pdbx_audit_revision_details.provider            repository 
_pdbx_audit_revision_details.type                'Initial release' 
_pdbx_audit_revision_details.description         ? 
_pdbx_audit_revision_details.details             ? 
# 
loop_
_pdbx_audit_revision_group.ordinal 
_pdbx_audit_revision_group.revision_ordinal 
_pdbx_audit_revision_group.data_content_type 
_pdbx_audit_revision_group.group 
1 2 'Structure model' 'Version format compliance' 
2 3 'Structure model' 'Version format compliance' 
3 4 'Structure model' 'Data collection'           
4 4 'Structure model' 'Database references'       
5 5 'Structure model' 'Data collection'           
6 5 'Structure model' 'Database references'       
7 5 'Structure model' Other                       
8 5 'Structure model' 'Refinement description'    
# 
loop_
_pdbx_audit_revision_category.ordinal 
_pdbx_audit_revision_category.revision_ordinal 
_pdbx_audit_revision_category.data_content_type 
_pdbx_audit_revision_category.category 
1 4 'Structure model' citation                      
2 5 'Structure model' chem_comp_atom                
3 5 'Structure model' chem_comp_bond                
4 5 'Structure model' database_2                    
5 5 'Structure model' pdbx_database_status          
6 5 'Structure model' pdbx_initial_refinement_model 
# 
loop_
_pdbx_audit_revision_item.ordinal 
_pdbx_audit_revision_item.revision_ordinal 
_pdbx_audit_revision_item.data_content_type 
_pdbx_audit_revision_item.item 
1 4 'Structure model' '_citation.page_last'                  
2 5 'Structure model' '_database_2.pdbx_DOI'                 
3 5 'Structure model' '_database_2.pdbx_database_accession'  
4 5 'Structure model' '_pdbx_database_status.status_code_sf' 
# 
loop_
_software.name 
_software.classification 
_software.version 
_software.citation_id 
_software.pdbx_ordinal 
_software.date 
_software.type 
_software.location 
_software.language 
REFMAC    refinement       5.1.24 ? 1 ? ? ? ? 
DENZO     'data reduction' .      ? 2 ? ? ? ? 
SCALEPACK 'data scaling'   .      ? 3 ? ? ? ? 
# 
_pdbx_entry_details.entry_id                 2BIU 
_pdbx_entry_details.compound_details         'ENGINEERED RESIDUES CHAIN X, LYS 175 ILE' 
_pdbx_entry_details.source_details           ? 
_pdbx_entry_details.nonpolymer_details       ? 
_pdbx_entry_details.sequence_details         ? 
_pdbx_entry_details.has_ligand_of_interest   ? 
# 
loop_
_pdbx_validate_close_contact.id 
_pdbx_validate_close_contact.PDB_model_num 
_pdbx_validate_close_contact.auth_atom_id_1 
_pdbx_validate_close_contact.auth_asym_id_1 
_pdbx_validate_close_contact.auth_comp_id_1 
_pdbx_validate_close_contact.auth_seq_id_1 
_pdbx_validate_close_contact.PDB_ins_code_1 
_pdbx_validate_close_contact.label_alt_id_1 
_pdbx_validate_close_contact.auth_atom_id_2 
_pdbx_validate_close_contact.auth_asym_id_2 
_pdbx_validate_close_contact.auth_comp_id_2 
_pdbx_validate_close_contact.auth_seq_id_2 
_pdbx_validate_close_contact.PDB_ins_code_2 
_pdbx_validate_close_contact.label_alt_id_2 
_pdbx_validate_close_contact.dist 
1 1 O   X HOH 2068 ? ? O X HOH 2149 ? ? 2.04 
2 1 NH2 X ARG 151  ? ? O X HOH 2317 ? ? 2.15 
# 
loop_
_pdbx_validate_rmsd_angle.id 
_pdbx_validate_rmsd_angle.PDB_model_num 
_pdbx_validate_rmsd_angle.auth_atom_id_1 
_pdbx_validate_rmsd_angle.auth_asym_id_1 
_pdbx_validate_rmsd_angle.auth_comp_id_1 
_pdbx_validate_rmsd_angle.auth_seq_id_1 
_pdbx_validate_rmsd_angle.PDB_ins_code_1 
_pdbx_validate_rmsd_angle.label_alt_id_1 
_pdbx_validate_rmsd_angle.auth_atom_id_2 
_pdbx_validate_rmsd_angle.auth_asym_id_2 
_pdbx_validate_rmsd_angle.auth_comp_id_2 
_pdbx_validate_rmsd_angle.auth_seq_id_2 
_pdbx_validate_rmsd_angle.PDB_ins_code_2 
_pdbx_validate_rmsd_angle.label_alt_id_2 
_pdbx_validate_rmsd_angle.auth_atom_id_3 
_pdbx_validate_rmsd_angle.auth_asym_id_3 
_pdbx_validate_rmsd_angle.auth_comp_id_3 
_pdbx_validate_rmsd_angle.auth_seq_id_3 
_pdbx_validate_rmsd_angle.PDB_ins_code_3 
_pdbx_validate_rmsd_angle.label_alt_id_3 
_pdbx_validate_rmsd_angle.angle_value 
_pdbx_validate_rmsd_angle.angle_target_value 
_pdbx_validate_rmsd_angle.angle_deviation 
_pdbx_validate_rmsd_angle.angle_standard_deviation 
_pdbx_validate_rmsd_angle.linker_flag 
1 1 CB X ASP 11  ? ? CG X ASP 11  ? ? OD2 X ASP 11  ? ? 123.70 118.30 5.40 0.90 N 
2 1 CB X ASP 120 ? ? CG X ASP 120 ? ? OD2 X ASP 120 ? ? 124.48 118.30 6.18 0.90 N 
# 
loop_
_pdbx_validate_torsion.id 
_pdbx_validate_torsion.PDB_model_num 
_pdbx_validate_torsion.auth_comp_id 
_pdbx_validate_torsion.auth_asym_id 
_pdbx_validate_torsion.auth_seq_id 
_pdbx_validate_torsion.PDB_ins_code 
_pdbx_validate_torsion.label_alt_id 
_pdbx_validate_torsion.phi 
_pdbx_validate_torsion.psi 
1 1 PHE X 60  ? ? -140.03 -79.34 
2 1 THR X 119 ? ? -114.37 64.98  
# 
loop_
_pdbx_distant_solvent_atoms.id 
_pdbx_distant_solvent_atoms.PDB_model_num 
_pdbx_distant_solvent_atoms.auth_atom_id 
_pdbx_distant_solvent_atoms.label_alt_id 
_pdbx_distant_solvent_atoms.auth_asym_id 
_pdbx_distant_solvent_atoms.auth_comp_id 
_pdbx_distant_solvent_atoms.auth_seq_id 
_pdbx_distant_solvent_atoms.PDB_ins_code 
_pdbx_distant_solvent_atoms.neighbor_macromolecule_distance 
_pdbx_distant_solvent_atoms.neighbor_ligand_distance 
1  1 O ? X HOH 2010 ? 6.24 . 
2  1 O ? X HOH 2020 ? 6.75 . 
3  1 O ? X HOH 2029 ? 5.99 . 
4  1 O ? X HOH 2030 ? 6.02 . 
5  1 O ? X HOH 2031 ? 5.82 . 
6  1 O ? X HOH 2037 ? 7.33 . 
7  1 O ? X HOH 2046 ? 6.54 . 
8  1 O ? X HOH 2050 ? 5.86 . 
9  1 O ? X HOH 2054 ? 6.74 . 
10 1 O ? X HOH 2121 ? 6.44 . 
# 
_pdbx_unobs_or_zero_occ_residues.id               1 
_pdbx_unobs_or_zero_occ_residues.PDB_model_num    1 
_pdbx_unobs_or_zero_occ_residues.polymer_flag     Y 
_pdbx_unobs_or_zero_occ_residues.occupancy_flag   1 
_pdbx_unobs_or_zero_occ_residues.auth_asym_id     X 
_pdbx_unobs_or_zero_occ_residues.auth_comp_id     SER 
_pdbx_unobs_or_zero_occ_residues.auth_seq_id      1 
_pdbx_unobs_or_zero_occ_residues.PDB_ins_code     ? 
_pdbx_unobs_or_zero_occ_residues.label_asym_id    A 
_pdbx_unobs_or_zero_occ_residues.label_comp_id    SER 
_pdbx_unobs_or_zero_occ_residues.label_seq_id     1 
# 
loop_
_chem_comp_atom.comp_id 
_chem_comp_atom.atom_id 
_chem_comp_atom.type_symbol 
_chem_comp_atom.pdbx_aromatic_flag 
_chem_comp_atom.pdbx_stereo_config 
_chem_comp_atom.pdbx_ordinal 
ALA N    N N N 1   
ALA CA   C N S 2   
ALA C    C N N 3   
ALA O    O N N 4   
ALA CB   C N N 5   
ALA OXT  O N N 6   
ALA H    H N N 7   
ALA H2   H N N 8   
ALA HA   H N N 9   
ALA HB1  H N N 10  
ALA HB2  H N N 11  
ALA HB3  H N N 12  
ALA HXT  H N N 13  
ARG N    N N N 14  
ARG CA   C N S 15  
ARG C    C N N 16  
ARG O    O N N 17  
ARG CB   C N N 18  
ARG CG   C N N 19  
ARG CD   C N N 20  
ARG NE   N N N 21  
ARG CZ   C N N 22  
ARG NH1  N N N 23  
ARG NH2  N N N 24  
ARG OXT  O N N 25  
ARG H    H N N 26  
ARG H2   H N N 27  
ARG HA   H N N 28  
ARG HB2  H N N 29  
ARG HB3  H N N 30  
ARG HG2  H N N 31  
ARG HG3  H N N 32  
ARG HD2  H N N 33  
ARG HD3  H N N 34  
ARG HE   H N N 35  
ARG HH11 H N N 36  
ARG HH12 H N N 37  
ARG HH21 H N N 38  
ARG HH22 H N N 39  
ARG HXT  H N N 40  
ASN N    N N N 41  
ASN CA   C N S 42  
ASN C    C N N 43  
ASN O    O N N 44  
ASN CB   C N N 45  
ASN CG   C N N 46  
ASN OD1  O N N 47  
ASN ND2  N N N 48  
ASN OXT  O N N 49  
ASN H    H N N 50  
ASN H2   H N N 51  
ASN HA   H N N 52  
ASN HB2  H N N 53  
ASN HB3  H N N 54  
ASN HD21 H N N 55  
ASN HD22 H N N 56  
ASN HXT  H N N 57  
ASP N    N N N 58  
ASP CA   C N S 59  
ASP C    C N N 60  
ASP O    O N N 61  
ASP CB   C N N 62  
ASP CG   C N N 63  
ASP OD1  O N N 64  
ASP OD2  O N N 65  
ASP OXT  O N N 66  
ASP H    H N N 67  
ASP H2   H N N 68  
ASP HA   H N N 69  
ASP HB2  H N N 70  
ASP HB3  H N N 71  
ASP HD2  H N N 72  
ASP HXT  H N N 73  
CYS N    N N N 74  
CYS CA   C N R 75  
CYS C    C N N 76  
CYS O    O N N 77  
CYS CB   C N N 78  
CYS SG   S N N 79  
CYS OXT  O N N 80  
CYS H    H N N 81  
CYS H2   H N N 82  
CYS HA   H N N 83  
CYS HB2  H N N 84  
CYS HB3  H N N 85  
CYS HG   H N N 86  
CYS HXT  H N N 87  
DMS S    S N N 88  
DMS O    O N N 89  
DMS C1   C N N 90  
DMS C2   C N N 91  
DMS H11  H N N 92  
DMS H12  H N N 93  
DMS H13  H N N 94  
DMS H21  H N N 95  
DMS H22  H N N 96  
DMS H23  H N N 97  
GLN N    N N N 98  
GLN CA   C N S 99  
GLN C    C N N 100 
GLN O    O N N 101 
GLN CB   C N N 102 
GLN CG   C N N 103 
GLN CD   C N N 104 
GLN OE1  O N N 105 
GLN NE2  N N N 106 
GLN OXT  O N N 107 
GLN H    H N N 108 
GLN H2   H N N 109 
GLN HA   H N N 110 
GLN HB2  H N N 111 
GLN HB3  H N N 112 
GLN HG2  H N N 113 
GLN HG3  H N N 114 
GLN HE21 H N N 115 
GLN HE22 H N N 116 
GLN HXT  H N N 117 
GLU N    N N N 118 
GLU CA   C N S 119 
GLU C    C N N 120 
GLU O    O N N 121 
GLU CB   C N N 122 
GLU CG   C N N 123 
GLU CD   C N N 124 
GLU OE1  O N N 125 
GLU OE2  O N N 126 
GLU OXT  O N N 127 
GLU H    H N N 128 
GLU H2   H N N 129 
GLU HA   H N N 130 
GLU HB2  H N N 131 
GLU HB3  H N N 132 
GLU HG2  H N N 133 
GLU HG3  H N N 134 
GLU HE2  H N N 135 
GLU HXT  H N N 136 
GLY N    N N N 137 
GLY CA   C N N 138 
GLY C    C N N 139 
GLY O    O N N 140 
GLY OXT  O N N 141 
GLY H    H N N 142 
GLY H2   H N N 143 
GLY HA2  H N N 144 
GLY HA3  H N N 145 
GLY HXT  H N N 146 
HIS N    N N N 147 
HIS CA   C N S 148 
HIS C    C N N 149 
HIS O    O N N 150 
HIS CB   C N N 151 
HIS CG   C Y N 152 
HIS ND1  N Y N 153 
HIS CD2  C Y N 154 
HIS CE1  C Y N 155 
HIS NE2  N Y N 156 
HIS OXT  O N N 157 
HIS H    H N N 158 
HIS H2   H N N 159 
HIS HA   H N N 160 
HIS HB2  H N N 161 
HIS HB3  H N N 162 
HIS HD1  H N N 163 
HIS HD2  H N N 164 
HIS HE1  H N N 165 
HIS HE2  H N N 166 
HIS HXT  H N N 167 
HOH O    O N N 168 
HOH H1   H N N 169 
HOH H2   H N N 170 
ILE N    N N N 171 
ILE CA   C N S 172 
ILE C    C N N 173 
ILE O    O N N 174 
ILE CB   C N S 175 
ILE CG1  C N N 176 
ILE CG2  C N N 177 
ILE CD1  C N N 178 
ILE OXT  O N N 179 
ILE H    H N N 180 
ILE H2   H N N 181 
ILE HA   H N N 182 
ILE HB   H N N 183 
ILE HG12 H N N 184 
ILE HG13 H N N 185 
ILE HG21 H N N 186 
ILE HG22 H N N 187 
ILE HG23 H N N 188 
ILE HD11 H N N 189 
ILE HD12 H N N 190 
ILE HD13 H N N 191 
ILE HXT  H N N 192 
LEU N    N N N 193 
LEU CA   C N S 194 
LEU C    C N N 195 
LEU O    O N N 196 
LEU CB   C N N 197 
LEU CG   C N N 198 
LEU CD1  C N N 199 
LEU CD2  C N N 200 
LEU OXT  O N N 201 
LEU H    H N N 202 
LEU H2   H N N 203 
LEU HA   H N N 204 
LEU HB2  H N N 205 
LEU HB3  H N N 206 
LEU HG   H N N 207 
LEU HD11 H N N 208 
LEU HD12 H N N 209 
LEU HD13 H N N 210 
LEU HD21 H N N 211 
LEU HD22 H N N 212 
LEU HD23 H N N 213 
LEU HXT  H N N 214 
LYS N    N N N 215 
LYS CA   C N S 216 
LYS C    C N N 217 
LYS O    O N N 218 
LYS CB   C N N 219 
LYS CG   C N N 220 
LYS CD   C N N 221 
LYS CE   C N N 222 
LYS NZ   N N N 223 
LYS OXT  O N N 224 
LYS H    H N N 225 
LYS H2   H N N 226 
LYS HA   H N N 227 
LYS HB2  H N N 228 
LYS HB3  H N N 229 
LYS HG2  H N N 230 
LYS HG3  H N N 231 
LYS HD2  H N N 232 
LYS HD3  H N N 233 
LYS HE2  H N N 234 
LYS HE3  H N N 235 
LYS HZ1  H N N 236 
LYS HZ2  H N N 237 
LYS HZ3  H N N 238 
LYS HXT  H N N 239 
MET N    N N N 240 
MET CA   C N S 241 
MET C    C N N 242 
MET O    O N N 243 
MET CB   C N N 244 
MET CG   C N N 245 
MET SD   S N N 246 
MET CE   C N N 247 
MET OXT  O N N 248 
MET H    H N N 249 
MET H2   H N N 250 
MET HA   H N N 251 
MET HB2  H N N 252 
MET HB3  H N N 253 
MET HG2  H N N 254 
MET HG3  H N N 255 
MET HE1  H N N 256 
MET HE2  H N N 257 
MET HE3  H N N 258 
MET HXT  H N N 259 
PHE N    N N N 260 
PHE CA   C N S 261 
PHE C    C N N 262 
PHE O    O N N 263 
PHE CB   C N N 264 
PHE CG   C Y N 265 
PHE CD1  C Y N 266 
PHE CD2  C Y N 267 
PHE CE1  C Y N 268 
PHE CE2  C Y N 269 
PHE CZ   C Y N 270 
PHE OXT  O N N 271 
PHE H    H N N 272 
PHE H2   H N N 273 
PHE HA   H N N 274 
PHE HB2  H N N 275 
PHE HB3  H N N 276 
PHE HD1  H N N 277 
PHE HD2  H N N 278 
PHE HE1  H N N 279 
PHE HE2  H N N 280 
PHE HZ   H N N 281 
PHE HXT  H N N 282 
PRO N    N N N 283 
PRO CA   C N S 284 
PRO C    C N N 285 
PRO O    O N N 286 
PRO CB   C N N 287 
PRO CG   C N N 288 
PRO CD   C N N 289 
PRO OXT  O N N 290 
PRO H    H N N 291 
PRO HA   H N N 292 
PRO HB2  H N N 293 
PRO HB3  H N N 294 
PRO HG2  H N N 295 
PRO HG3  H N N 296 
PRO HD2  H N N 297 
PRO HD3  H N N 298 
PRO HXT  H N N 299 
SER N    N N N 300 
SER CA   C N S 301 
SER C    C N N 302 
SER O    O N N 303 
SER CB   C N N 304 
SER OG   O N N 305 
SER OXT  O N N 306 
SER H    H N N 307 
SER H2   H N N 308 
SER HA   H N N 309 
SER HB2  H N N 310 
SER HB3  H N N 311 
SER HG   H N N 312 
SER HXT  H N N 313 
THR N    N N N 314 
THR CA   C N S 315 
THR C    C N N 316 
THR O    O N N 317 
THR CB   C N R 318 
THR OG1  O N N 319 
THR CG2  C N N 320 
THR OXT  O N N 321 
THR H    H N N 322 
THR H2   H N N 323 
THR HA   H N N 324 
THR HB   H N N 325 
THR HG1  H N N 326 
THR HG21 H N N 327 
THR HG22 H N N 328 
THR HG23 H N N 329 
THR HXT  H N N 330 
TRP N    N N N 331 
TRP CA   C N S 332 
TRP C    C N N 333 
TRP O    O N N 334 
TRP CB   C N N 335 
TRP CG   C Y N 336 
TRP CD1  C Y N 337 
TRP CD2  C Y N 338 
TRP NE1  N Y N 339 
TRP CE2  C Y N 340 
TRP CE3  C Y N 341 
TRP CZ2  C Y N 342 
TRP CZ3  C Y N 343 
TRP CH2  C Y N 344 
TRP OXT  O N N 345 
TRP H    H N N 346 
TRP H2   H N N 347 
TRP HA   H N N 348 
TRP HB2  H N N 349 
TRP HB3  H N N 350 
TRP HD1  H N N 351 
TRP HE1  H N N 352 
TRP HE3  H N N 353 
TRP HZ2  H N N 354 
TRP HZ3  H N N 355 
TRP HH2  H N N 356 
TRP HXT  H N N 357 
TYR N    N N N 358 
TYR CA   C N S 359 
TYR C    C N N 360 
TYR O    O N N 361 
TYR CB   C N N 362 
TYR CG   C Y N 363 
TYR CD1  C Y N 364 
TYR CD2  C Y N 365 
TYR CE1  C Y N 366 
TYR CE2  C Y N 367 
TYR CZ   C Y N 368 
TYR OH   O N N 369 
TYR OXT  O N N 370 
TYR H    H N N 371 
TYR H2   H N N 372 
TYR HA   H N N 373 
TYR HB2  H N N 374 
TYR HB3  H N N 375 
TYR HD1  H N N 376 
TYR HD2  H N N 377 
TYR HE1  H N N 378 
TYR HE2  H N N 379 
TYR HH   H N N 380 
TYR HXT  H N N 381 
VAL N    N N N 382 
VAL CA   C N S 383 
VAL C    C N N 384 
VAL O    O N N 385 
VAL CB   C N N 386 
VAL CG1  C N N 387 
VAL CG2  C N N 388 
VAL OXT  O N N 389 
VAL H    H N N 390 
VAL H2   H N N 391 
VAL HA   H N N 392 
VAL HB   H N N 393 
VAL HG11 H N N 394 
VAL HG12 H N N 395 
VAL HG13 H N N 396 
VAL HG21 H N N 397 
VAL HG22 H N N 398 
VAL HG23 H N N 399 
VAL HXT  H N N 400 
# 
loop_
_chem_comp_bond.comp_id 
_chem_comp_bond.atom_id_1 
_chem_comp_bond.atom_id_2 
_chem_comp_bond.value_order 
_chem_comp_bond.pdbx_aromatic_flag 
_chem_comp_bond.pdbx_stereo_config 
_chem_comp_bond.pdbx_ordinal 
ALA N   CA   sing N N 1   
ALA N   H    sing N N 2   
ALA N   H2   sing N N 3   
ALA CA  C    sing N N 4   
ALA CA  CB   sing N N 5   
ALA CA  HA   sing N N 6   
ALA C   O    doub N N 7   
ALA C   OXT  sing N N 8   
ALA CB  HB1  sing N N 9   
ALA CB  HB2  sing N N 10  
ALA CB  HB3  sing N N 11  
ALA OXT HXT  sing N N 12  
ARG N   CA   sing N N 13  
ARG N   H    sing N N 14  
ARG N   H2   sing N N 15  
ARG CA  C    sing N N 16  
ARG CA  CB   sing N N 17  
ARG CA  HA   sing N N 18  
ARG C   O    doub N N 19  
ARG C   OXT  sing N N 20  
ARG CB  CG   sing N N 21  
ARG CB  HB2  sing N N 22  
ARG CB  HB3  sing N N 23  
ARG CG  CD   sing N N 24  
ARG CG  HG2  sing N N 25  
ARG CG  HG3  sing N N 26  
ARG CD  NE   sing N N 27  
ARG CD  HD2  sing N N 28  
ARG CD  HD3  sing N N 29  
ARG NE  CZ   sing N N 30  
ARG NE  HE   sing N N 31  
ARG CZ  NH1  sing N N 32  
ARG CZ  NH2  doub N N 33  
ARG NH1 HH11 sing N N 34  
ARG NH1 HH12 sing N N 35  
ARG NH2 HH21 sing N N 36  
ARG NH2 HH22 sing N N 37  
ARG OXT HXT  sing N N 38  
ASN N   CA   sing N N 39  
ASN N   H    sing N N 40  
ASN N   H2   sing N N 41  
ASN CA  C    sing N N 42  
ASN CA  CB   sing N N 43  
ASN CA  HA   sing N N 44  
ASN C   O    doub N N 45  
ASN C   OXT  sing N N 46  
ASN CB  CG   sing N N 47  
ASN CB  HB2  sing N N 48  
ASN CB  HB3  sing N N 49  
ASN CG  OD1  doub N N 50  
ASN CG  ND2  sing N N 51  
ASN ND2 HD21 sing N N 52  
ASN ND2 HD22 sing N N 53  
ASN OXT HXT  sing N N 54  
ASP N   CA   sing N N 55  
ASP N   H    sing N N 56  
ASP N   H2   sing N N 57  
ASP CA  C    sing N N 58  
ASP CA  CB   sing N N 59  
ASP CA  HA   sing N N 60  
ASP C   O    doub N N 61  
ASP C   OXT  sing N N 62  
ASP CB  CG   sing N N 63  
ASP CB  HB2  sing N N 64  
ASP CB  HB3  sing N N 65  
ASP CG  OD1  doub N N 66  
ASP CG  OD2  sing N N 67  
ASP OD2 HD2  sing N N 68  
ASP OXT HXT  sing N N 69  
CYS N   CA   sing N N 70  
CYS N   H    sing N N 71  
CYS N   H2   sing N N 72  
CYS CA  C    sing N N 73  
CYS CA  CB   sing N N 74  
CYS CA  HA   sing N N 75  
CYS C   O    doub N N 76  
CYS C   OXT  sing N N 77  
CYS CB  SG   sing N N 78  
CYS CB  HB2  sing N N 79  
CYS CB  HB3  sing N N 80  
CYS SG  HG   sing N N 81  
CYS OXT HXT  sing N N 82  
DMS S   O    doub N N 83  
DMS S   C1   sing N N 84  
DMS S   C2   sing N N 85  
DMS C1  H11  sing N N 86  
DMS C1  H12  sing N N 87  
DMS C1  H13  sing N N 88  
DMS C2  H21  sing N N 89  
DMS C2  H22  sing N N 90  
DMS C2  H23  sing N N 91  
GLN N   CA   sing N N 92  
GLN N   H    sing N N 93  
GLN N   H2   sing N N 94  
GLN CA  C    sing N N 95  
GLN CA  CB   sing N N 96  
GLN CA  HA   sing N N 97  
GLN C   O    doub N N 98  
GLN C   OXT  sing N N 99  
GLN CB  CG   sing N N 100 
GLN CB  HB2  sing N N 101 
GLN CB  HB3  sing N N 102 
GLN CG  CD   sing N N 103 
GLN CG  HG2  sing N N 104 
GLN CG  HG3  sing N N 105 
GLN CD  OE1  doub N N 106 
GLN CD  NE2  sing N N 107 
GLN NE2 HE21 sing N N 108 
GLN NE2 HE22 sing N N 109 
GLN OXT HXT  sing N N 110 
GLU N   CA   sing N N 111 
GLU N   H    sing N N 112 
GLU N   H2   sing N N 113 
GLU CA  C    sing N N 114 
GLU CA  CB   sing N N 115 
GLU CA  HA   sing N N 116 
GLU C   O    doub N N 117 
GLU C   OXT  sing N N 118 
GLU CB  CG   sing N N 119 
GLU CB  HB2  sing N N 120 
GLU CB  HB3  sing N N 121 
GLU CG  CD   sing N N 122 
GLU CG  HG2  sing N N 123 
GLU CG  HG3  sing N N 124 
GLU CD  OE1  doub N N 125 
GLU CD  OE2  sing N N 126 
GLU OE2 HE2  sing N N 127 
GLU OXT HXT  sing N N 128 
GLY N   CA   sing N N 129 
GLY N   H    sing N N 130 
GLY N   H2   sing N N 131 
GLY CA  C    sing N N 132 
GLY CA  HA2  sing N N 133 
GLY CA  HA3  sing N N 134 
GLY C   O    doub N N 135 
GLY C   OXT  sing N N 136 
GLY OXT HXT  sing N N 137 
HIS N   CA   sing N N 138 
HIS N   H    sing N N 139 
HIS N   H2   sing N N 140 
HIS CA  C    sing N N 141 
HIS CA  CB   sing N N 142 
HIS CA  HA   sing N N 143 
HIS C   O    doub N N 144 
HIS C   OXT  sing N N 145 
HIS CB  CG   sing N N 146 
HIS CB  HB2  sing N N 147 
HIS CB  HB3  sing N N 148 
HIS CG  ND1  sing Y N 149 
HIS CG  CD2  doub Y N 150 
HIS ND1 CE1  doub Y N 151 
HIS ND1 HD1  sing N N 152 
HIS CD2 NE2  sing Y N 153 
HIS CD2 HD2  sing N N 154 
HIS CE1 NE2  sing Y N 155 
HIS CE1 HE1  sing N N 156 
HIS NE2 HE2  sing N N 157 
HIS OXT HXT  sing N N 158 
HOH O   H1   sing N N 159 
HOH O   H2   sing N N 160 
ILE N   CA   sing N N 161 
ILE N   H    sing N N 162 
ILE N   H2   sing N N 163 
ILE CA  C    sing N N 164 
ILE CA  CB   sing N N 165 
ILE CA  HA   sing N N 166 
ILE C   O    doub N N 167 
ILE C   OXT  sing N N 168 
ILE CB  CG1  sing N N 169 
ILE CB  CG2  sing N N 170 
ILE CB  HB   sing N N 171 
ILE CG1 CD1  sing N N 172 
ILE CG1 HG12 sing N N 173 
ILE CG1 HG13 sing N N 174 
ILE CG2 HG21 sing N N 175 
ILE CG2 HG22 sing N N 176 
ILE CG2 HG23 sing N N 177 
ILE CD1 HD11 sing N N 178 
ILE CD1 HD12 sing N N 179 
ILE CD1 HD13 sing N N 180 
ILE OXT HXT  sing N N 181 
LEU N   CA   sing N N 182 
LEU N   H    sing N N 183 
LEU N   H2   sing N N 184 
LEU CA  C    sing N N 185 
LEU CA  CB   sing N N 186 
LEU CA  HA   sing N N 187 
LEU C   O    doub N N 188 
LEU C   OXT  sing N N 189 
LEU CB  CG   sing N N 190 
LEU CB  HB2  sing N N 191 
LEU CB  HB3  sing N N 192 
LEU CG  CD1  sing N N 193 
LEU CG  CD2  sing N N 194 
LEU CG  HG   sing N N 195 
LEU CD1 HD11 sing N N 196 
LEU CD1 HD12 sing N N 197 
LEU CD1 HD13 sing N N 198 
LEU CD2 HD21 sing N N 199 
LEU CD2 HD22 sing N N 200 
LEU CD2 HD23 sing N N 201 
LEU OXT HXT  sing N N 202 
LYS N   CA   sing N N 203 
LYS N   H    sing N N 204 
LYS N   H2   sing N N 205 
LYS CA  C    sing N N 206 
LYS CA  CB   sing N N 207 
LYS CA  HA   sing N N 208 
LYS C   O    doub N N 209 
LYS C   OXT  sing N N 210 
LYS CB  CG   sing N N 211 
LYS CB  HB2  sing N N 212 
LYS CB  HB3  sing N N 213 
LYS CG  CD   sing N N 214 
LYS CG  HG2  sing N N 215 
LYS CG  HG3  sing N N 216 
LYS CD  CE   sing N N 217 
LYS CD  HD2  sing N N 218 
LYS CD  HD3  sing N N 219 
LYS CE  NZ   sing N N 220 
LYS CE  HE2  sing N N 221 
LYS CE  HE3  sing N N 222 
LYS NZ  HZ1  sing N N 223 
LYS NZ  HZ2  sing N N 224 
LYS NZ  HZ3  sing N N 225 
LYS OXT HXT  sing N N 226 
MET N   CA   sing N N 227 
MET N   H    sing N N 228 
MET N   H2   sing N N 229 
MET CA  C    sing N N 230 
MET CA  CB   sing N N 231 
MET CA  HA   sing N N 232 
MET C   O    doub N N 233 
MET C   OXT  sing N N 234 
MET CB  CG   sing N N 235 
MET CB  HB2  sing N N 236 
MET CB  HB3  sing N N 237 
MET CG  SD   sing N N 238 
MET CG  HG2  sing N N 239 
MET CG  HG3  sing N N 240 
MET SD  CE   sing N N 241 
MET CE  HE1  sing N N 242 
MET CE  HE2  sing N N 243 
MET CE  HE3  sing N N 244 
MET OXT HXT  sing N N 245 
PHE N   CA   sing N N 246 
PHE N   H    sing N N 247 
PHE N   H2   sing N N 248 
PHE CA  C    sing N N 249 
PHE CA  CB   sing N N 250 
PHE CA  HA   sing N N 251 
PHE C   O    doub N N 252 
PHE C   OXT  sing N N 253 
PHE CB  CG   sing N N 254 
PHE CB  HB2  sing N N 255 
PHE CB  HB3  sing N N 256 
PHE CG  CD1  doub Y N 257 
PHE CG  CD2  sing Y N 258 
PHE CD1 CE1  sing Y N 259 
PHE CD1 HD1  sing N N 260 
PHE CD2 CE2  doub Y N 261 
PHE CD2 HD2  sing N N 262 
PHE CE1 CZ   doub Y N 263 
PHE CE1 HE1  sing N N 264 
PHE CE2 CZ   sing Y N 265 
PHE CE2 HE2  sing N N 266 
PHE CZ  HZ   sing N N 267 
PHE OXT HXT  sing N N 268 
PRO N   CA   sing N N 269 
PRO N   CD   sing N N 270 
PRO N   H    sing N N 271 
PRO CA  C    sing N N 272 
PRO CA  CB   sing N N 273 
PRO CA  HA   sing N N 274 
PRO C   O    doub N N 275 
PRO C   OXT  sing N N 276 
PRO CB  CG   sing N N 277 
PRO CB  HB2  sing N N 278 
PRO CB  HB3  sing N N 279 
PRO CG  CD   sing N N 280 
PRO CG  HG2  sing N N 281 
PRO CG  HG3  sing N N 282 
PRO CD  HD2  sing N N 283 
PRO CD  HD3  sing N N 284 
PRO OXT HXT  sing N N 285 
SER N   CA   sing N N 286 
SER N   H    sing N N 287 
SER N   H2   sing N N 288 
SER CA  C    sing N N 289 
SER CA  CB   sing N N 290 
SER CA  HA   sing N N 291 
SER C   O    doub N N 292 
SER C   OXT  sing N N 293 
SER CB  OG   sing N N 294 
SER CB  HB2  sing N N 295 
SER CB  HB3  sing N N 296 
SER OG  HG   sing N N 297 
SER OXT HXT  sing N N 298 
THR N   CA   sing N N 299 
THR N   H    sing N N 300 
THR N   H2   sing N N 301 
THR CA  C    sing N N 302 
THR CA  CB   sing N N 303 
THR CA  HA   sing N N 304 
THR C   O    doub N N 305 
THR C   OXT  sing N N 306 
THR CB  OG1  sing N N 307 
THR CB  CG2  sing N N 308 
THR CB  HB   sing N N 309 
THR OG1 HG1  sing N N 310 
THR CG2 HG21 sing N N 311 
THR CG2 HG22 sing N N 312 
THR CG2 HG23 sing N N 313 
THR OXT HXT  sing N N 314 
TRP N   CA   sing N N 315 
TRP N   H    sing N N 316 
TRP N   H2   sing N N 317 
TRP CA  C    sing N N 318 
TRP CA  CB   sing N N 319 
TRP CA  HA   sing N N 320 
TRP C   O    doub N N 321 
TRP C   OXT  sing N N 322 
TRP CB  CG   sing N N 323 
TRP CB  HB2  sing N N 324 
TRP CB  HB3  sing N N 325 
TRP CG  CD1  doub Y N 326 
TRP CG  CD2  sing Y N 327 
TRP CD1 NE1  sing Y N 328 
TRP CD1 HD1  sing N N 329 
TRP CD2 CE2  doub Y N 330 
TRP CD2 CE3  sing Y N 331 
TRP NE1 CE2  sing Y N 332 
TRP NE1 HE1  sing N N 333 
TRP CE2 CZ2  sing Y N 334 
TRP CE3 CZ3  doub Y N 335 
TRP CE3 HE3  sing N N 336 
TRP CZ2 CH2  doub Y N 337 
TRP CZ2 HZ2  sing N N 338 
TRP CZ3 CH2  sing Y N 339 
TRP CZ3 HZ3  sing N N 340 
TRP CH2 HH2  sing N N 341 
TRP OXT HXT  sing N N 342 
TYR N   CA   sing N N 343 
TYR N   H    sing N N 344 
TYR N   H2   sing N N 345 
TYR CA  C    sing N N 346 
TYR CA  CB   sing N N 347 
TYR CA  HA   sing N N 348 
TYR C   O    doub N N 349 
TYR C   OXT  sing N N 350 
TYR CB  CG   sing N N 351 
TYR CB  HB2  sing N N 352 
TYR CB  HB3  sing N N 353 
TYR CG  CD1  doub Y N 354 
TYR CG  CD2  sing Y N 355 
TYR CD1 CE1  sing Y N 356 
TYR CD1 HD1  sing N N 357 
TYR CD2 CE2  doub Y N 358 
TYR CD2 HD2  sing N N 359 
TYR CE1 CZ   doub Y N 360 
TYR CE1 HE1  sing N N 361 
TYR CE2 CZ   sing Y N 362 
TYR CE2 HE2  sing N N 363 
TYR CZ  OH   sing N N 364 
TYR OH  HH   sing N N 365 
TYR OXT HXT  sing N N 366 
VAL N   CA   sing N N 367 
VAL N   H    sing N N 368 
VAL N   H2   sing N N 369 
VAL CA  C    sing N N 370 
VAL CA  CB   sing N N 371 
VAL CA  HA   sing N N 372 
VAL C   O    doub N N 373 
VAL C   OXT  sing N N 374 
VAL CB  CG1  sing N N 375 
VAL CB  CG2  sing N N 376 
VAL CB  HB   sing N N 377 
VAL CG1 HG11 sing N N 378 
VAL CG1 HG12 sing N N 379 
VAL CG1 HG13 sing N N 380 
VAL CG2 HG21 sing N N 381 
VAL CG2 HG22 sing N N 382 
VAL CG2 HG23 sing N N 383 
VAL OXT HXT  sing N N 384 
# 
loop_
_pdbx_entity_nonpoly.entity_id 
_pdbx_entity_nonpoly.name 
_pdbx_entity_nonpoly.comp_id 
2 'DIMETHYL SULFOXIDE' DMS 
3 water                HOH 
# 
_pdbx_initial_refinement_model.id               1 
_pdbx_initial_refinement_model.entity_id_list   ? 
_pdbx_initial_refinement_model.type             'experimental model' 
_pdbx_initial_refinement_model.source_name      PDB 
_pdbx_initial_refinement_model.accession_code   2BIT 
_pdbx_initial_refinement_model.details          'PDB ENTRY 2BIT' 
# 
